data_2KJ6
#
_entry.id   2KJ6
#
_entity_poly.entity_id   1
_entity_poly.type   'polypeptide(L)'
_entity_poly.pdbx_seq_one_letter_code
;MGHHHHHHSHGDDSVHLHITHANLKSFSADARFSPQMSVEAVKEKLWKKCGTSVNSMALELYDDSGSKVAVLSDDSRPLG
FFSPFDGFRLHIIDLDP
;
_entity_poly.pdbx_strand_id   A
#
# COMPACT_ATOMS: atom_id res chain seq x y z
N MET A 1 35.63 4.69 -1.35
CA MET A 1 34.60 3.94 -2.10
C MET A 1 33.98 4.84 -3.17
N GLY A 2 33.38 4.23 -4.18
CA GLY A 2 32.74 4.99 -5.22
C GLY A 2 31.23 4.89 -5.14
N HIS A 3 30.57 4.96 -6.28
CA HIS A 3 29.11 4.90 -6.33
C HIS A 3 28.66 4.17 -7.58
N HIS A 4 27.86 3.13 -7.39
CA HIS A 4 27.36 2.34 -8.51
C HIS A 4 26.06 2.96 -9.05
N HIS A 5 25.98 3.10 -10.35
CA HIS A 5 24.82 3.68 -11.00
C HIS A 5 24.50 2.91 -12.27
N HIS A 6 23.64 1.92 -12.15
CA HIS A 6 23.29 1.06 -13.27
C HIS A 6 21.88 1.34 -13.74
N HIS A 7 21.76 1.85 -14.95
CA HIS A 7 20.45 2.14 -15.53
C HIS A 7 20.12 1.12 -16.59
N HIS A 8 19.13 0.28 -16.30
CA HIS A 8 18.66 -0.71 -17.25
C HIS A 8 17.24 -0.36 -17.68
N SER A 9 17.12 0.14 -18.91
CA SER A 9 15.88 0.73 -19.39
C SER A 9 14.72 -0.28 -19.40
N HIS A 10 13.70 0.05 -18.62
CA HIS A 10 12.49 -0.75 -18.53
C HIS A 10 11.33 0.11 -18.05
N GLY A 11 10.44 0.47 -18.97
CA GLY A 11 9.26 1.23 -18.61
C GLY A 11 8.21 0.37 -17.96
N ASP A 12 8.50 -0.09 -16.75
CA ASP A 12 7.60 -0.97 -16.03
C ASP A 12 6.48 -0.18 -15.38
N ASP A 13 5.35 -0.84 -15.13
CA ASP A 13 4.18 -0.18 -14.59
C ASP A 13 4.01 -0.50 -13.12
N SER A 14 4.43 0.43 -12.27
CA SER A 14 4.29 0.30 -10.82
C SER A 14 4.22 1.68 -10.18
N VAL A 15 3.39 1.81 -9.16
CA VAL A 15 3.23 3.08 -8.46
C VAL A 15 4.16 3.14 -7.25
N HIS A 16 4.39 4.35 -6.74
CA HIS A 16 5.28 4.53 -5.60
C HIS A 16 4.47 4.78 -4.34
N LEU A 17 3.90 3.72 -3.80
CA LEU A 17 3.05 3.83 -2.62
C LEU A 17 3.88 4.15 -1.38
N HIS A 18 3.62 5.31 -0.79
CA HIS A 18 4.32 5.73 0.41
C HIS A 18 3.72 5.07 1.64
N ILE A 19 4.28 3.94 2.02
CA ILE A 19 3.80 3.19 3.18
C ILE A 19 4.41 3.74 4.46
N THR A 20 3.58 4.38 5.27
CA THR A 20 4.04 4.93 6.53
C THR A 20 3.41 4.21 7.71
N HIS A 21 4.24 3.58 8.52
CA HIS A 21 3.79 2.86 9.71
C HIS A 21 3.67 3.86 10.87
N ALA A 22 2.47 3.97 11.44
CA ALA A 22 2.16 5.00 12.45
C ALA A 22 3.01 4.86 13.72
N ASN A 23 3.67 3.73 13.89
CA ASN A 23 4.53 3.51 15.05
C ASN A 23 5.78 4.39 14.93
N LEU A 24 6.09 4.81 13.72
CA LEU A 24 7.25 5.65 13.47
C LEU A 24 6.81 7.03 13.03
N LYS A 25 7.64 8.03 13.30
CA LYS A 25 7.35 9.40 12.92
C LYS A 25 7.37 9.54 11.39
N SER A 26 8.45 9.09 10.78
CA SER A 26 8.58 9.13 9.33
C SER A 26 9.13 7.82 8.82
N PHE A 27 8.25 6.96 8.31
CA PHE A 27 8.66 5.72 7.71
C PHE A 27 8.63 5.85 6.20
N SER A 28 9.74 6.25 5.62
CA SER A 28 9.81 6.51 4.19
C SER A 28 10.00 5.22 3.41
N ALA A 29 8.91 4.54 3.10
CA ALA A 29 8.97 3.33 2.31
C ALA A 29 8.03 3.42 1.12
N ASP A 30 8.52 4.02 0.04
CA ASP A 30 7.75 4.08 -1.20
C ASP A 30 8.10 2.87 -2.07
N ALA A 31 7.38 1.81 -1.84
CA ALA A 31 7.64 0.55 -2.52
C ALA A 31 6.90 0.50 -3.85
N ARG A 32 7.61 0.07 -4.88
CA ARG A 32 7.01 -0.12 -6.19
C ARG A 32 6.10 -1.34 -6.19
N PHE A 33 4.82 -1.09 -6.40
CA PHE A 33 3.84 -2.16 -6.53
C PHE A 33 3.10 -2.01 -7.85
N SER A 34 2.91 -3.12 -8.55
CA SER A 34 2.12 -3.12 -9.77
C SER A 34 0.68 -2.79 -9.44
N PRO A 35 0.14 -1.71 -10.04
CA PRO A 35 -1.19 -1.19 -9.72
C PRO A 35 -2.34 -2.08 -10.21
N GLN A 36 -2.00 -3.30 -10.61
CA GLN A 36 -3.00 -4.29 -11.00
C GLN A 36 -3.36 -5.15 -9.80
N MET A 37 -2.74 -4.83 -8.67
CA MET A 37 -2.98 -5.57 -7.43
C MET A 37 -4.17 -4.96 -6.68
N SER A 38 -5.10 -5.82 -6.29
CA SER A 38 -6.29 -5.37 -5.58
C SER A 38 -6.07 -5.42 -4.06
N VAL A 39 -6.93 -4.71 -3.32
CA VAL A 39 -6.89 -4.74 -1.88
C VAL A 39 -7.25 -6.13 -1.38
N GLU A 40 -8.17 -6.77 -2.10
CA GLU A 40 -8.61 -8.13 -1.79
C GLU A 40 -7.42 -9.10 -1.77
N ALA A 41 -6.55 -8.96 -2.75
CA ALA A 41 -5.42 -9.87 -2.91
C ALA A 41 -4.43 -9.75 -1.76
N VAL A 42 -4.06 -8.51 -1.42
CA VAL A 42 -3.03 -8.28 -0.41
C VAL A 42 -3.51 -8.71 0.98
N LYS A 43 -4.83 -8.65 1.22
CA LYS A 43 -5.39 -9.06 2.50
C LYS A 43 -5.20 -10.56 2.72
N GLU A 44 -5.76 -11.36 1.83
CA GLU A 44 -5.71 -12.82 1.98
C GLU A 44 -4.29 -13.36 1.84
N LYS A 45 -3.45 -12.62 1.12
CA LYS A 45 -2.05 -13.03 0.94
C LYS A 45 -1.34 -13.12 2.29
N LEU A 46 -1.57 -12.13 3.14
CA LEU A 46 -0.99 -12.15 4.47
C LEU A 46 -1.84 -13.00 5.41
N TRP A 47 -3.14 -13.03 5.13
CA TRP A 47 -4.08 -13.79 5.94
C TRP A 47 -3.74 -15.29 5.94
N LYS A 48 -3.51 -15.84 4.75
CA LYS A 48 -3.17 -17.26 4.63
C LYS A 48 -1.78 -17.54 5.19
N LYS A 49 -0.94 -16.52 5.19
CA LYS A 49 0.45 -16.65 5.58
C LYS A 49 0.60 -16.64 7.11
N CYS A 50 0.01 -15.63 7.74
CA CYS A 50 0.15 -15.45 9.18
C CYS A 50 -0.99 -16.13 9.94
N GLY A 51 -2.17 -16.15 9.34
CA GLY A 51 -3.33 -16.70 10.01
C GLY A 51 -3.83 -15.81 11.14
N THR A 52 -4.08 -14.55 10.81
CA THR A 52 -4.49 -13.57 11.81
C THR A 52 -5.46 -12.57 11.19
N SER A 53 -6.24 -11.90 12.04
CA SER A 53 -7.19 -10.91 11.58
C SER A 53 -6.55 -9.53 11.50
N VAL A 54 -6.52 -8.97 10.31
CA VAL A 54 -5.93 -7.64 10.09
C VAL A 54 -6.99 -6.54 10.27
N ASN A 55 -7.81 -6.69 11.29
CA ASN A 55 -8.90 -5.74 11.54
C ASN A 55 -8.39 -4.50 12.28
N SER A 56 -7.42 -4.71 13.16
CA SER A 56 -6.89 -3.62 13.98
C SER A 56 -5.81 -2.83 13.23
N MET A 57 -5.62 -3.17 11.97
CA MET A 57 -4.65 -2.48 11.13
C MET A 57 -5.36 -1.82 9.96
N ALA A 58 -5.71 -0.55 10.12
CA ALA A 58 -6.48 0.16 9.12
C ALA A 58 -5.57 0.87 8.12
N LEU A 59 -6.08 1.10 6.92
CA LEU A 59 -5.31 1.73 5.88
C LEU A 59 -5.92 3.08 5.50
N GLU A 60 -5.38 4.14 6.08
CA GLU A 60 -5.82 5.48 5.76
C GLU A 60 -5.12 5.97 4.50
N LEU A 61 -5.77 5.73 3.36
CA LEU A 61 -5.24 6.13 2.08
C LEU A 61 -5.55 7.60 1.81
N TYR A 62 -4.57 8.45 2.01
CA TYR A 62 -4.76 9.89 1.82
C TYR A 62 -4.24 10.33 0.45
N ASP A 63 -4.72 11.47 0.01
CA ASP A 63 -4.26 12.08 -1.23
C ASP A 63 -3.33 13.25 -0.90
N ASP A 64 -3.06 14.10 -1.89
CA ASP A 64 -2.17 15.24 -1.68
C ASP A 64 -2.91 16.37 -0.96
N SER A 65 -4.22 16.44 -1.13
CA SER A 65 -5.02 17.48 -0.49
C SER A 65 -5.11 17.20 1.01
N GLY A 66 -5.38 15.96 1.36
CA GLY A 66 -5.44 15.59 2.77
C GLY A 66 -6.76 14.92 3.12
N SER A 67 -7.30 14.16 2.18
CA SER A 67 -8.53 13.44 2.40
C SER A 67 -8.32 11.96 2.11
N LYS A 68 -9.17 11.12 2.68
CA LYS A 68 -9.04 9.69 2.45
C LYS A 68 -9.76 9.29 1.16
N VAL A 69 -8.98 8.91 0.16
CA VAL A 69 -9.52 8.58 -1.15
C VAL A 69 -9.95 7.11 -1.21
N ALA A 70 -9.65 6.38 -0.13
CA ALA A 70 -10.10 5.01 -0.02
C ALA A 70 -11.61 4.98 0.20
N VAL A 71 -12.33 4.51 -0.80
CA VAL A 71 -13.79 4.49 -0.76
C VAL A 71 -14.29 3.05 -0.66
N LEU A 72 -13.33 2.11 -0.62
CA LEU A 72 -13.61 0.68 -0.46
C LEU A 72 -14.21 0.08 -1.73
N SER A 73 -14.47 0.92 -2.72
CA SER A 73 -14.87 0.45 -4.04
C SER A 73 -13.62 0.15 -4.84
N ASP A 74 -12.51 0.71 -4.36
CA ASP A 74 -11.19 0.54 -4.95
C ASP A 74 -10.62 -0.84 -4.60
N ASP A 75 -11.36 -1.57 -3.77
CA ASP A 75 -10.93 -2.90 -3.31
C ASP A 75 -10.75 -3.86 -4.48
N SER A 76 -11.46 -3.58 -5.56
CA SER A 76 -11.48 -4.47 -6.70
C SER A 76 -11.20 -3.71 -8.00
N ARG A 77 -10.56 -2.56 -7.88
CA ARG A 77 -10.26 -1.73 -9.04
C ARG A 77 -8.77 -1.48 -9.14
N PRO A 78 -8.20 -1.59 -10.35
CA PRO A 78 -6.80 -1.27 -10.60
C PRO A 78 -6.50 0.18 -10.24
N LEU A 79 -5.63 0.37 -9.25
CA LEU A 79 -5.30 1.70 -8.74
C LEU A 79 -4.81 2.63 -9.85
N GLY A 80 -4.02 2.09 -10.76
CA GLY A 80 -3.43 2.89 -11.82
C GLY A 80 -4.40 3.19 -12.94
N PHE A 81 -5.62 2.70 -12.80
CA PHE A 81 -6.65 2.92 -13.81
C PHE A 81 -7.69 3.90 -13.27
N PHE A 82 -7.67 4.11 -11.96
CA PHE A 82 -8.67 4.93 -11.31
C PHE A 82 -8.19 6.38 -11.18
N SER A 83 -7.02 6.58 -10.59
CA SER A 83 -6.49 7.91 -10.38
C SER A 83 -5.01 7.99 -10.73
N PRO A 84 -4.61 9.01 -11.53
CA PRO A 84 -3.23 9.22 -11.92
C PRO A 84 -2.41 9.92 -10.84
N PHE A 85 -1.72 9.13 -10.03
CA PHE A 85 -0.85 9.66 -8.98
C PHE A 85 0.44 8.86 -8.94
N ASP A 86 1.56 9.58 -8.79
CA ASP A 86 2.87 8.94 -8.70
C ASP A 86 2.95 8.04 -7.47
N GLY A 87 2.38 8.52 -6.37
CA GLY A 87 2.39 7.75 -5.15
C GLY A 87 1.34 8.24 -4.17
N PHE A 88 0.54 7.32 -3.66
CA PHE A 88 -0.50 7.65 -2.70
C PHE A 88 0.05 7.63 -1.27
N ARG A 89 -0.67 8.27 -0.37
CA ARG A 89 -0.25 8.35 1.03
C ARG A 89 -0.90 7.24 1.86
N LEU A 90 -0.12 6.20 2.14
CA LEU A 90 -0.61 5.09 2.95
C LEU A 90 -0.18 5.27 4.40
N HIS A 91 -1.06 5.82 5.21
CA HIS A 91 -0.77 5.94 6.63
C HIS A 91 -1.44 4.80 7.37
N ILE A 92 -0.65 3.80 7.72
CA ILE A 92 -1.16 2.59 8.36
C ILE A 92 -1.56 2.86 9.79
N ILE A 93 -2.85 2.81 10.07
CA ILE A 93 -3.35 2.94 11.43
C ILE A 93 -3.24 1.59 12.12
N ASP A 94 -2.05 1.31 12.62
CA ASP A 94 -1.76 0.05 13.26
C ASP A 94 -2.06 0.15 14.75
N LEU A 95 -3.26 -0.27 15.11
CA LEU A 95 -3.71 -0.16 16.49
C LEU A 95 -3.52 -1.47 17.23
N ASP A 96 -2.71 -2.35 16.67
CA ASP A 96 -2.34 -3.59 17.33
C ASP A 96 -0.84 -3.60 17.63
N PRO A 97 -0.45 -2.98 18.75
CA PRO A 97 0.94 -2.91 19.16
C PRO A 97 1.36 -4.16 19.92
N MET A 1 1.56 -21.87 -0.16
CA MET A 1 3.02 -21.98 -0.41
C MET A 1 3.58 -20.64 -0.86
N GLY A 2 4.88 -20.45 -0.67
CA GLY A 2 5.53 -19.25 -1.14
C GLY A 2 6.32 -19.51 -2.40
N HIS A 3 7.46 -18.82 -2.53
CA HIS A 3 8.32 -18.97 -3.70
C HIS A 3 7.58 -18.66 -4.99
N HIS A 4 7.28 -17.38 -5.19
CA HIS A 4 6.63 -16.93 -6.42
C HIS A 4 7.28 -15.64 -6.89
N HIS A 5 8.53 -15.47 -6.52
CA HIS A 5 9.26 -14.24 -6.80
C HIS A 5 9.77 -14.21 -8.24
N HIS A 6 8.87 -13.90 -9.16
CA HIS A 6 9.24 -13.75 -10.56
C HIS A 6 8.61 -12.49 -11.13
N HIS A 7 9.33 -11.83 -12.02
CA HIS A 7 8.88 -10.56 -12.58
C HIS A 7 9.42 -10.42 -14.00
N HIS A 8 8.55 -10.59 -14.99
CA HIS A 8 8.94 -10.36 -16.38
C HIS A 8 7.98 -9.37 -17.02
N SER A 9 8.52 -8.25 -17.46
CA SER A 9 7.72 -7.25 -18.14
C SER A 9 8.57 -6.51 -19.15
N HIS A 10 8.10 -6.46 -20.39
CA HIS A 10 8.83 -5.77 -21.44
C HIS A 10 8.59 -4.27 -21.34
N GLY A 11 9.25 -3.65 -20.38
CA GLY A 11 9.07 -2.24 -20.13
C GLY A 11 9.09 -1.94 -18.65
N ASP A 12 8.35 -0.91 -18.24
CA ASP A 12 8.29 -0.53 -16.84
C ASP A 12 6.90 -0.03 -16.48
N ASP A 13 6.41 -0.44 -15.32
CA ASP A 13 5.12 0.01 -14.81
C ASP A 13 4.98 -0.32 -13.34
N SER A 14 5.23 0.67 -12.49
CA SER A 14 5.13 0.52 -11.05
C SER A 14 4.99 1.88 -10.39
N VAL A 15 4.16 1.96 -9.36
CA VAL A 15 3.98 3.19 -8.62
C VAL A 15 4.68 3.11 -7.27
N HIS A 16 5.09 4.25 -6.76
CA HIS A 16 5.77 4.31 -5.47
C HIS A 16 4.76 4.53 -4.36
N LEU A 17 4.29 3.45 -3.77
CA LEU A 17 3.34 3.54 -2.67
C LEU A 17 4.07 3.98 -1.42
N HIS A 18 3.88 5.24 -1.04
CA HIS A 18 4.55 5.79 0.12
C HIS A 18 3.94 5.23 1.39
N ILE A 19 4.62 4.26 1.99
CA ILE A 19 4.14 3.62 3.19
C ILE A 19 4.59 4.40 4.42
N THR A 20 3.62 4.89 5.18
CA THR A 20 3.90 5.61 6.39
C THR A 20 3.24 4.92 7.58
N HIS A 21 4.01 4.13 8.30
CA HIS A 21 3.48 3.39 9.45
C HIS A 21 3.31 4.33 10.63
N ALA A 22 2.10 4.40 11.18
CA ALA A 22 1.79 5.32 12.26
C ALA A 22 2.71 5.11 13.47
N ASN A 23 3.03 3.84 13.74
CA ASN A 23 3.91 3.48 14.85
C ASN A 23 5.27 4.13 14.69
N LEU A 24 5.70 4.28 13.45
CA LEU A 24 7.00 4.86 13.13
C LEU A 24 6.82 5.99 12.14
N LYS A 25 6.54 7.18 12.65
CA LYS A 25 6.20 8.31 11.80
C LYS A 25 7.41 8.83 11.03
N SER A 26 8.57 8.23 11.27
CA SER A 26 9.77 8.56 10.53
C SER A 26 10.00 7.53 9.42
N PHE A 27 9.05 6.61 9.27
CA PHE A 27 9.12 5.60 8.22
C PHE A 27 8.71 6.21 6.89
N SER A 28 9.69 6.41 6.02
CA SER A 28 9.46 7.08 4.75
C SER A 28 9.78 6.16 3.57
N ALA A 29 9.73 4.86 3.82
CA ALA A 29 10.05 3.88 2.79
C ALA A 29 8.85 3.60 1.89
N ASP A 30 8.96 3.99 0.63
CA ASP A 30 7.94 3.72 -0.36
C ASP A 30 8.20 2.38 -1.04
N ALA A 31 7.14 1.72 -1.48
CA ALA A 31 7.27 0.41 -2.07
C ALA A 31 6.73 0.38 -3.50
N ARG A 32 7.44 -0.32 -4.37
CA ARG A 32 7.04 -0.48 -5.75
C ARG A 32 5.97 -1.57 -5.89
N PHE A 33 4.77 -1.16 -6.26
CA PHE A 33 3.68 -2.11 -6.48
C PHE A 33 2.85 -1.71 -7.69
N SER A 34 1.97 -2.60 -8.10
CA SER A 34 1.08 -2.35 -9.22
C SER A 34 -0.33 -2.08 -8.71
N PRO A 35 -0.91 -0.93 -9.07
CA PRO A 35 -2.26 -0.54 -8.63
C PRO A 35 -3.35 -1.44 -9.23
N GLN A 36 -2.94 -2.30 -10.16
CA GLN A 36 -3.86 -3.24 -10.81
C GLN A 36 -4.17 -4.42 -9.90
N MET A 37 -3.64 -4.39 -8.68
CA MET A 37 -3.90 -5.42 -7.69
C MET A 37 -5.11 -5.03 -6.85
N SER A 38 -5.88 -6.01 -6.43
CA SER A 38 -7.07 -5.76 -5.63
C SER A 38 -6.77 -5.91 -4.14
N VAL A 39 -7.52 -5.18 -3.32
CA VAL A 39 -7.36 -5.22 -1.87
C VAL A 39 -8.01 -6.47 -1.31
N GLU A 40 -8.73 -7.18 -2.17
CA GLU A 40 -9.36 -8.44 -1.81
C GLU A 40 -8.28 -9.49 -1.52
N ALA A 41 -7.26 -9.52 -2.36
CA ALA A 41 -6.23 -10.56 -2.28
C ALA A 41 -5.22 -10.30 -1.17
N VAL A 42 -4.98 -9.02 -0.87
CA VAL A 42 -3.94 -8.66 0.08
C VAL A 42 -4.29 -9.13 1.51
N LYS A 43 -5.59 -9.27 1.78
CA LYS A 43 -6.04 -9.71 3.10
C LYS A 43 -5.53 -11.11 3.40
N GLU A 44 -5.78 -12.03 2.46
CA GLU A 44 -5.33 -13.42 2.62
C GLU A 44 -3.81 -13.48 2.53
N LYS A 45 -3.23 -12.56 1.76
CA LYS A 45 -1.78 -12.52 1.56
C LYS A 45 -1.05 -12.35 2.89
N LEU A 46 -1.59 -11.47 3.74
CA LEU A 46 -0.99 -11.26 5.06
C LEU A 46 -1.43 -12.34 6.04
N TRP A 47 -2.59 -12.94 5.76
CA TRP A 47 -3.16 -13.97 6.61
C TRP A 47 -2.33 -15.26 6.55
N LYS A 48 -2.10 -15.77 5.34
CA LYS A 48 -1.39 -17.03 5.17
C LYS A 48 0.13 -16.82 5.22
N LYS A 49 0.55 -15.56 5.28
CA LYS A 49 1.96 -15.25 5.40
C LYS A 49 2.41 -15.38 6.84
N CYS A 50 1.58 -14.87 7.75
CA CYS A 50 1.90 -14.87 9.16
C CYS A 50 0.64 -14.69 10.00
N GLY A 51 -0.28 -13.88 9.51
CA GLY A 51 -1.51 -13.62 10.22
C GLY A 51 -1.54 -12.24 10.83
N THR A 52 -1.24 -11.24 10.02
CA THR A 52 -1.23 -9.85 10.48
C THR A 52 -2.65 -9.37 10.82
N SER A 53 -3.64 -10.04 10.23
CA SER A 53 -5.06 -9.72 10.46
C SER A 53 -5.46 -8.43 9.75
N VAL A 54 -6.75 -8.25 9.55
CA VAL A 54 -7.27 -7.06 8.90
C VAL A 54 -7.95 -6.15 9.91
N ASN A 55 -7.98 -6.59 11.16
CA ASN A 55 -8.59 -5.80 12.23
C ASN A 55 -7.53 -5.06 13.03
N SER A 56 -6.33 -5.63 13.07
CA SER A 56 -5.24 -5.03 13.85
C SER A 56 -4.49 -4.01 12.99
N MET A 57 -5.07 -3.68 11.85
CA MET A 57 -4.46 -2.73 10.93
C MET A 57 -5.54 -1.94 10.21
N ALA A 58 -5.38 -0.62 10.16
CA ALA A 58 -6.29 0.22 9.42
C ALA A 58 -5.55 0.93 8.29
N LEU A 59 -6.21 1.07 7.15
CA LEU A 59 -5.56 1.62 5.96
C LEU A 59 -6.05 3.04 5.71
N GLU A 60 -5.30 4.01 6.18
CA GLU A 60 -5.61 5.40 5.94
C GLU A 60 -5.16 5.81 4.54
N LEU A 61 -6.04 5.60 3.57
CA LEU A 61 -5.77 5.96 2.19
C LEU A 61 -5.97 7.45 1.98
N TYR A 62 -4.88 8.19 1.89
CA TYR A 62 -4.95 9.62 1.72
C TYR A 62 -4.62 10.02 0.29
N ASP A 63 -5.36 10.98 -0.23
CA ASP A 63 -5.10 11.52 -1.56
C ASP A 63 -3.86 12.42 -1.50
N ASP A 64 -2.70 11.79 -1.69
CA ASP A 64 -1.41 12.48 -1.61
C ASP A 64 -1.22 13.12 -0.23
N SER A 65 -1.83 12.47 0.78
CA SER A 65 -1.73 12.89 2.19
C SER A 65 -2.48 14.20 2.46
N GLY A 66 -3.11 14.76 1.45
CA GLY A 66 -3.88 15.97 1.64
C GLY A 66 -5.30 15.67 2.06
N SER A 67 -6.07 15.08 1.14
CA SER A 67 -7.44 14.72 1.40
C SER A 67 -7.52 13.23 1.79
N LYS A 68 -8.67 12.77 2.23
CA LYS A 68 -8.83 11.37 2.59
C LYS A 68 -9.84 10.71 1.66
N VAL A 69 -9.41 9.61 1.05
CA VAL A 69 -10.22 8.93 0.04
C VAL A 69 -10.43 7.46 0.38
N ALA A 70 -10.20 7.12 1.64
CA ALA A 70 -10.35 5.75 2.10
C ALA A 70 -11.81 5.41 2.33
N VAL A 71 -12.47 4.88 1.30
CA VAL A 71 -13.85 4.46 1.43
C VAL A 71 -13.96 2.94 1.57
N LEU A 72 -13.15 2.22 0.81
CA LEU A 72 -13.14 0.76 0.82
C LEU A 72 -14.53 0.20 0.54
N SER A 73 -15.00 0.40 -0.68
CA SER A 73 -16.28 -0.12 -1.12
C SER A 73 -16.11 -0.76 -2.49
N ASP A 74 -14.86 -0.80 -2.91
CA ASP A 74 -14.49 -1.21 -4.25
C ASP A 74 -13.15 -1.94 -4.20
N ASP A 75 -12.80 -2.39 -3.01
CA ASP A 75 -11.50 -3.03 -2.77
C ASP A 75 -11.40 -4.38 -3.46
N SER A 76 -12.55 -4.92 -3.86
CA SER A 76 -12.59 -6.17 -4.60
C SER A 76 -12.28 -5.92 -6.08
N ARG A 77 -11.97 -4.67 -6.41
CA ARG A 77 -11.65 -4.30 -7.78
C ARG A 77 -10.22 -3.77 -7.85
N PRO A 78 -9.59 -3.81 -9.03
CA PRO A 78 -8.26 -3.21 -9.24
C PRO A 78 -8.33 -1.69 -9.25
N LEU A 79 -7.65 -1.06 -8.31
CA LEU A 79 -7.69 0.40 -8.18
C LEU A 79 -7.16 1.07 -9.45
N GLY A 80 -6.14 0.47 -10.06
CA GLY A 80 -5.55 1.02 -11.26
C GLY A 80 -6.36 0.73 -12.51
N PHE A 81 -7.44 -0.03 -12.37
CA PHE A 81 -8.32 -0.30 -13.48
C PHE A 81 -9.20 0.90 -13.74
N PHE A 82 -9.72 1.48 -12.67
CA PHE A 82 -10.52 2.69 -12.75
C PHE A 82 -9.62 3.91 -12.66
N SER A 83 -8.82 3.96 -11.59
CA SER A 83 -7.88 5.03 -11.33
C SER A 83 -8.57 6.39 -11.27
N PRO A 84 -9.05 6.80 -10.08
CA PRO A 84 -9.56 8.15 -9.87
C PRO A 84 -8.44 9.17 -9.99
N PHE A 85 -7.33 8.87 -9.30
CA PHE A 85 -6.11 9.65 -9.39
C PHE A 85 -4.91 8.72 -9.30
N ASP A 86 -4.90 7.91 -8.24
CA ASP A 86 -3.89 6.88 -8.03
C ASP A 86 -2.52 7.49 -7.72
N GLY A 87 -1.65 6.71 -7.10
CA GLY A 87 -0.38 7.22 -6.64
C GLY A 87 -0.51 7.83 -5.27
N PHE A 88 -1.32 7.19 -4.43
CA PHE A 88 -1.62 7.71 -3.11
C PHE A 88 -0.54 7.34 -2.10
N ARG A 89 -0.75 7.75 -0.85
CA ARG A 89 0.18 7.43 0.21
C ARG A 89 -0.57 6.68 1.31
N LEU A 90 0.05 5.66 1.86
CA LEU A 90 -0.63 4.77 2.80
C LEU A 90 -0.18 5.03 4.23
N HIS A 91 -1.07 5.60 5.03
CA HIS A 91 -0.80 5.77 6.44
C HIS A 91 -1.27 4.53 7.19
N ILE A 92 -0.34 3.62 7.45
CA ILE A 92 -0.67 2.33 8.02
C ILE A 92 -0.87 2.45 9.53
N ILE A 93 -2.10 2.22 9.97
CA ILE A 93 -2.44 2.28 11.38
C ILE A 93 -2.37 0.88 11.99
N ASP A 94 -1.52 0.71 12.99
CA ASP A 94 -1.45 -0.55 13.71
C ASP A 94 -2.25 -0.43 14.99
N LEU A 95 -2.81 -1.53 15.46
CA LEU A 95 -3.62 -1.51 16.67
C LEU A 95 -2.73 -1.43 17.91
N ASP A 96 -1.49 -1.86 17.77
CA ASP A 96 -0.54 -1.81 18.89
C ASP A 96 0.74 -1.11 18.48
N PRO A 97 1.04 0.04 19.13
CA PRO A 97 2.25 0.81 18.85
C PRO A 97 3.49 0.19 19.50
N MET A 1 30.25 5.24 4.86
CA MET A 1 28.83 4.95 4.59
C MET A 1 28.31 5.79 3.44
N GLY A 2 27.75 5.12 2.45
CA GLY A 2 27.24 5.80 1.27
C GLY A 2 26.76 4.82 0.24
N HIS A 3 25.50 4.94 -0.15
CA HIS A 3 24.90 4.00 -1.09
C HIS A 3 24.32 4.72 -2.29
N HIS A 4 23.84 3.94 -3.25
CA HIS A 4 23.19 4.46 -4.43
C HIS A 4 22.01 3.56 -4.80
N HIS A 5 21.18 3.30 -3.80
CA HIS A 5 20.05 2.38 -3.97
C HIS A 5 18.94 3.01 -4.80
N HIS A 6 18.83 4.33 -4.74
CA HIS A 6 17.80 5.04 -5.48
C HIS A 6 18.06 4.95 -6.98
N HIS A 7 17.04 4.57 -7.73
CA HIS A 7 17.16 4.47 -9.18
C HIS A 7 16.31 5.53 -9.85
N HIS A 8 16.56 5.78 -11.13
CA HIS A 8 15.75 6.71 -11.90
C HIS A 8 15.18 6.00 -13.11
N SER A 9 16.04 5.70 -14.08
CA SER A 9 15.64 4.99 -15.30
C SER A 9 14.43 5.67 -15.96
N HIS A 10 13.69 4.91 -16.75
CA HIS A 10 12.42 5.37 -17.30
C HIS A 10 11.36 4.32 -17.04
N GLY A 11 10.80 4.37 -15.83
CA GLY A 11 9.86 3.36 -15.41
C GLY A 11 8.44 3.67 -15.79
N ASP A 12 7.84 2.77 -16.56
CA ASP A 12 6.44 2.87 -16.93
C ASP A 12 5.65 1.77 -16.22
N ASP A 13 6.37 0.96 -15.46
CA ASP A 13 5.78 -0.15 -14.75
C ASP A 13 5.71 0.14 -13.26
N SER A 14 4.80 -0.55 -12.59
CA SER A 14 4.59 -0.45 -11.12
C SER A 14 4.16 0.96 -10.68
N VAL A 15 3.67 1.06 -9.45
CA VAL A 15 3.23 2.34 -8.90
C VAL A 15 3.95 2.63 -7.58
N HIS A 16 4.26 3.90 -7.36
CA HIS A 16 4.93 4.32 -6.12
C HIS A 16 3.92 4.74 -5.07
N LEU A 17 3.81 3.93 -4.03
CA LEU A 17 2.92 4.23 -2.92
C LEU A 17 3.76 4.62 -1.70
N HIS A 18 3.31 5.63 -0.97
CA HIS A 18 4.07 6.13 0.17
C HIS A 18 3.61 5.45 1.44
N ILE A 19 4.34 4.44 1.87
CA ILE A 19 3.99 3.69 3.06
C ILE A 19 4.45 4.42 4.32
N THR A 20 3.55 4.52 5.30
CA THR A 20 3.86 5.11 6.59
C THR A 20 3.21 4.32 7.72
N HIS A 21 4.00 3.92 8.71
CA HIS A 21 3.50 3.17 9.84
C HIS A 21 2.96 4.13 10.90
N ALA A 22 1.96 3.71 11.67
CA ALA A 22 1.27 4.61 12.60
C ALA A 22 2.21 5.16 13.68
N ASN A 23 3.02 4.29 14.27
CA ASN A 23 3.91 4.69 15.36
C ASN A 23 5.20 5.33 14.81
N LEU A 24 5.40 5.21 13.50
CA LEU A 24 6.58 5.76 12.86
C LEU A 24 6.30 7.16 12.33
N LYS A 25 6.96 8.14 12.92
CA LYS A 25 6.82 9.53 12.51
C LYS A 25 7.50 9.75 11.16
N SER A 26 8.77 9.38 11.08
CA SER A 26 9.52 9.50 9.84
C SER A 26 9.55 8.17 9.12
N PHE A 27 8.63 7.99 8.18
CA PHE A 27 8.59 6.79 7.37
C PHE A 27 7.96 7.11 6.01
N SER A 28 8.78 7.06 4.98
CA SER A 28 8.32 7.36 3.63
C SER A 28 9.02 6.44 2.64
N ALA A 29 8.81 5.14 2.82
CA ALA A 29 9.50 4.13 2.01
C ALA A 29 9.04 4.18 0.55
N ASP A 30 9.99 4.46 -0.33
CA ASP A 30 9.73 4.45 -1.77
C ASP A 30 9.62 3.02 -2.27
N ALA A 31 8.40 2.53 -2.39
CA ALA A 31 8.16 1.17 -2.83
C ALA A 31 7.32 1.16 -4.10
N ARG A 32 7.61 0.22 -4.97
CA ARG A 32 6.87 0.08 -6.22
C ARG A 32 6.07 -1.21 -6.23
N PHE A 33 4.76 -1.08 -6.17
CA PHE A 33 3.87 -2.23 -6.19
C PHE A 33 3.21 -2.35 -7.56
N SER A 34 2.62 -3.51 -7.82
CA SER A 34 1.93 -3.72 -9.07
C SER A 34 0.48 -3.25 -8.95
N PRO A 35 -0.10 -2.72 -10.04
CA PRO A 35 -1.49 -2.22 -10.06
C PRO A 35 -2.52 -3.34 -9.92
N GLN A 36 -2.05 -4.57 -9.73
CA GLN A 36 -2.91 -5.73 -9.63
C GLN A 36 -3.17 -6.09 -8.17
N MET A 37 -2.65 -5.28 -7.26
CA MET A 37 -2.77 -5.54 -5.84
C MET A 37 -4.11 -5.07 -5.30
N SER A 38 -4.94 -6.03 -4.92
CA SER A 38 -6.19 -5.74 -4.23
C SER A 38 -5.96 -5.80 -2.72
N VAL A 39 -6.59 -4.92 -1.97
CA VAL A 39 -6.34 -4.81 -0.53
C VAL A 39 -6.75 -6.08 0.23
N GLU A 40 -7.81 -6.74 -0.22
CA GLU A 40 -8.24 -7.99 0.42
C GLU A 40 -7.21 -9.08 0.17
N ALA A 41 -6.58 -9.03 -1.01
CA ALA A 41 -5.56 -9.99 -1.38
C ALA A 41 -4.29 -9.79 -0.57
N VAL A 42 -3.93 -8.53 -0.32
CA VAL A 42 -2.74 -8.23 0.46
C VAL A 42 -2.99 -8.49 1.96
N LYS A 43 -4.24 -8.30 2.39
CA LYS A 43 -4.62 -8.59 3.77
C LYS A 43 -4.46 -10.08 4.06
N GLU A 44 -4.75 -10.91 3.07
CA GLU A 44 -4.56 -12.34 3.19
C GLU A 44 -3.10 -12.65 3.52
N LYS A 45 -2.20 -11.92 2.87
CA LYS A 45 -0.77 -12.10 3.09
C LYS A 45 -0.27 -11.21 4.24
N LEU A 46 -1.20 -10.57 4.94
CA LEU A 46 -0.89 -9.86 6.16
C LEU A 46 -1.20 -10.74 7.35
N TRP A 47 -2.35 -11.41 7.28
CA TRP A 47 -2.74 -12.38 8.28
C TRP A 47 -1.77 -13.55 8.29
N LYS A 48 -1.33 -13.95 7.10
CA LYS A 48 -0.36 -15.04 6.96
C LYS A 48 1.06 -14.58 7.24
N LYS A 49 1.23 -13.28 7.47
CA LYS A 49 2.56 -12.73 7.69
C LYS A 49 2.77 -12.35 9.16
N CYS A 50 1.93 -11.46 9.66
CA CYS A 50 2.09 -10.95 11.01
C CYS A 50 1.17 -11.68 11.98
N GLY A 51 0.10 -12.26 11.47
CA GLY A 51 -0.87 -12.90 12.32
C GLY A 51 -1.76 -11.89 13.02
N THR A 52 -2.58 -11.21 12.24
CA THR A 52 -3.45 -10.18 12.76
C THR A 52 -4.76 -10.16 11.99
N SER A 53 -5.88 -10.05 12.71
CA SER A 53 -7.18 -9.98 12.07
C SER A 53 -7.21 -8.80 11.09
N VAL A 54 -7.62 -9.06 9.87
CA VAL A 54 -7.56 -8.08 8.80
C VAL A 54 -8.59 -6.96 8.98
N ASN A 55 -9.31 -7.01 10.10
CA ASN A 55 -10.28 -5.98 10.43
C ASN A 55 -9.65 -4.92 11.32
N SER A 56 -8.70 -5.31 12.16
CA SER A 56 -8.08 -4.40 13.11
C SER A 56 -7.09 -3.47 12.43
N MET A 57 -6.35 -3.99 11.46
CA MET A 57 -5.33 -3.20 10.77
C MET A 57 -5.87 -2.67 9.45
N ALA A 58 -6.22 -1.38 9.44
CA ALA A 58 -6.74 -0.73 8.25
C ALA A 58 -5.69 0.17 7.62
N LEU A 59 -6.08 0.91 6.59
CA LEU A 59 -5.15 1.78 5.89
C LEU A 59 -5.73 3.18 5.71
N GLU A 60 -4.99 4.17 6.17
CA GLU A 60 -5.34 5.56 5.93
C GLU A 60 -4.76 6.03 4.61
N LEU A 61 -5.59 6.00 3.57
CA LEU A 61 -5.18 6.41 2.24
C LEU A 61 -5.29 7.93 2.11
N TYR A 62 -4.14 8.60 2.15
CA TYR A 62 -4.11 10.05 2.05
C TYR A 62 -3.71 10.50 0.65
N ASP A 63 -4.36 11.56 0.17
CA ASP A 63 -4.02 12.14 -1.12
C ASP A 63 -3.52 13.57 -0.94
N ASP A 64 -3.20 14.25 -2.03
CA ASP A 64 -2.63 15.59 -1.95
C ASP A 64 -3.69 16.67 -2.15
N SER A 65 -4.81 16.30 -2.74
CA SER A 65 -5.87 17.27 -3.06
C SER A 65 -6.77 17.46 -1.84
N GLY A 66 -7.20 16.36 -1.25
CA GLY A 66 -8.05 16.42 -0.09
C GLY A 66 -7.33 15.97 1.16
N SER A 67 -7.73 14.82 1.69
CA SER A 67 -7.09 14.26 2.87
C SER A 67 -7.25 12.74 2.88
N LYS A 68 -8.46 12.25 3.11
CA LYS A 68 -8.72 10.81 3.13
C LYS A 68 -9.46 10.39 1.87
N VAL A 69 -8.82 9.60 1.03
CA VAL A 69 -9.46 9.06 -0.16
C VAL A 69 -9.72 7.57 -0.01
N ALA A 70 -9.93 7.15 1.24
CA ALA A 70 -10.19 5.75 1.53
C ALA A 70 -11.60 5.35 1.12
N VAL A 71 -11.75 4.92 -0.12
CA VAL A 71 -13.03 4.44 -0.63
C VAL A 71 -13.42 3.14 0.07
N LEU A 72 -12.41 2.29 0.29
CA LEU A 72 -12.55 1.08 1.07
C LEU A 72 -13.37 0.04 0.33
N SER A 73 -13.48 0.22 -0.98
CA SER A 73 -14.08 -0.79 -1.85
C SER A 73 -12.98 -1.40 -2.69
N ASP A 74 -11.78 -0.86 -2.48
CA ASP A 74 -10.59 -1.24 -3.22
C ASP A 74 -10.00 -2.56 -2.71
N ASP A 75 -10.70 -3.20 -1.80
CA ASP A 75 -10.26 -4.49 -1.28
C ASP A 75 -10.39 -5.58 -2.32
N SER A 76 -11.48 -5.59 -3.06
CA SER A 76 -11.72 -6.60 -4.07
C SER A 76 -11.34 -6.11 -5.45
N ARG A 77 -11.02 -4.83 -5.57
CA ARG A 77 -10.74 -4.24 -6.87
C ARG A 77 -9.27 -3.86 -6.94
N PRO A 78 -8.56 -4.37 -7.96
CA PRO A 78 -7.16 -3.99 -8.21
C PRO A 78 -7.03 -2.47 -8.33
N LEU A 79 -6.19 -1.88 -7.48
CA LEU A 79 -6.08 -0.43 -7.38
C LEU A 79 -5.69 0.20 -8.72
N GLY A 80 -5.06 -0.58 -9.59
CA GLY A 80 -4.69 -0.09 -10.90
C GLY A 80 -5.89 0.20 -11.78
N PHE A 81 -6.90 -0.64 -11.69
CA PHE A 81 -8.13 -0.46 -12.47
C PHE A 81 -8.97 0.64 -11.84
N PHE A 82 -8.73 0.89 -10.56
CA PHE A 82 -9.43 1.93 -9.82
C PHE A 82 -8.75 3.28 -10.04
N SER A 83 -7.69 3.27 -10.85
CA SER A 83 -6.92 4.47 -11.20
C SER A 83 -6.11 4.96 -9.99
N PRO A 84 -4.87 4.48 -9.85
CA PRO A 84 -4.01 4.82 -8.74
C PRO A 84 -3.20 6.10 -8.98
N PHE A 85 -2.77 6.73 -7.91
CA PHE A 85 -1.97 7.94 -7.99
C PHE A 85 -0.69 7.76 -7.19
N ASP A 86 0.39 8.37 -7.67
CA ASP A 86 1.69 8.26 -7.01
C ASP A 86 1.77 9.16 -5.78
N GLY A 87 0.68 9.87 -5.53
CA GLY A 87 0.61 10.72 -4.36
C GLY A 87 -0.11 10.05 -3.21
N PHE A 88 -0.48 8.79 -3.39
CA PHE A 88 -1.19 8.03 -2.37
C PHE A 88 -0.25 7.68 -1.22
N ARG A 89 -0.66 8.08 -0.03
CA ARG A 89 0.05 7.74 1.18
C ARG A 89 -0.72 6.69 1.96
N LEU A 90 -0.04 5.61 2.30
CA LEU A 90 -0.66 4.52 3.03
C LEU A 90 -0.25 4.55 4.49
N HIS A 91 -1.07 5.17 5.32
CA HIS A 91 -0.80 5.21 6.74
C HIS A 91 -1.44 4.00 7.40
N ILE A 92 -0.62 3.03 7.74
CA ILE A 92 -1.08 1.78 8.33
C ILE A 92 -1.70 2.04 9.70
N ILE A 93 -2.93 1.57 9.89
CA ILE A 93 -3.61 1.74 11.15
C ILE A 93 -3.17 0.69 12.16
N ASP A 94 -2.26 1.09 13.03
CA ASP A 94 -1.82 0.23 14.11
C ASP A 94 -2.54 0.63 15.39
N LEU A 95 -3.64 -0.06 15.67
CA LEU A 95 -4.43 0.23 16.86
C LEU A 95 -3.84 -0.47 18.07
N ASP A 96 -3.98 -1.79 18.09
CA ASP A 96 -3.49 -2.58 19.21
C ASP A 96 -3.18 -4.00 18.75
N PRO A 97 -2.15 -4.62 19.34
CA PRO A 97 -1.76 -6.00 19.04
C PRO A 97 -2.67 -7.02 19.72
N MET A 1 29.27 3.79 4.74
CA MET A 1 28.41 4.99 4.83
C MET A 1 28.24 5.63 3.47
N GLY A 2 27.16 5.28 2.78
CA GLY A 2 26.88 5.85 1.48
C GLY A 2 25.97 4.98 0.64
N HIS A 3 24.70 4.94 1.00
CA HIS A 3 23.72 4.17 0.24
C HIS A 3 23.17 4.96 -0.92
N HIS A 4 23.24 4.40 -2.11
CA HIS A 4 22.57 4.98 -3.26
C HIS A 4 21.51 4.03 -3.78
N HIS A 5 20.32 4.15 -3.23
CA HIS A 5 19.22 3.26 -3.55
C HIS A 5 18.28 3.89 -4.56
N HIS A 6 18.48 5.18 -4.82
CA HIS A 6 17.68 5.91 -5.79
C HIS A 6 17.96 5.40 -7.20
N HIS A 7 17.11 4.51 -7.68
CA HIS A 7 17.25 3.93 -9.01
C HIS A 7 16.16 4.47 -9.92
N HIS A 8 16.53 4.82 -11.14
CA HIS A 8 15.56 5.38 -12.09
C HIS A 8 15.16 4.38 -13.16
N SER A 9 15.88 4.41 -14.28
CA SER A 9 15.49 3.64 -15.46
C SER A 9 14.11 4.08 -15.94
N HIS A 10 13.55 3.39 -16.93
CA HIS A 10 12.23 3.74 -17.43
C HIS A 10 11.31 2.53 -17.48
N GLY A 11 10.04 2.80 -17.32
CA GLY A 11 9.03 1.78 -17.30
C GLY A 11 7.81 2.25 -16.55
N ASP A 12 6.98 3.03 -17.23
CA ASP A 12 5.90 3.76 -16.57
C ASP A 12 4.68 2.87 -16.35
N ASP A 13 4.88 1.77 -15.64
CA ASP A 13 3.79 0.89 -15.24
C ASP A 13 4.07 0.28 -13.88
N SER A 14 4.12 1.14 -12.88
CA SER A 14 4.38 0.71 -11.51
C SER A 14 3.93 1.79 -10.54
N VAL A 15 3.43 1.38 -9.38
CA VAL A 15 2.96 2.34 -8.39
C VAL A 15 3.94 2.44 -7.22
N HIS A 16 4.37 3.66 -6.93
CA HIS A 16 5.23 3.90 -5.77
C HIS A 16 4.39 4.16 -4.54
N LEU A 17 3.91 3.08 -3.94
CA LEU A 17 3.06 3.17 -2.76
C LEU A 17 3.87 3.61 -1.56
N HIS A 18 3.47 4.73 -0.95
CA HIS A 18 4.17 5.25 0.20
C HIS A 18 3.65 4.59 1.47
N ILE A 19 4.27 3.48 1.83
CA ILE A 19 3.91 2.77 3.06
C ILE A 19 4.37 3.56 4.27
N THR A 20 3.44 3.92 5.13
CA THR A 20 3.74 4.70 6.32
C THR A 20 3.01 4.13 7.53
N HIS A 21 3.59 4.27 8.71
CA HIS A 21 2.97 3.75 9.92
C HIS A 21 2.28 4.88 10.67
N ALA A 22 1.64 4.55 11.79
CA ALA A 22 1.06 5.55 12.65
C ALA A 22 2.08 5.98 13.68
N ASN A 23 2.85 5.01 14.15
CA ASN A 23 3.93 5.27 15.10
C ASN A 23 5.09 5.99 14.42
N LEU A 24 5.28 5.69 13.14
CA LEU A 24 6.37 6.28 12.37
C LEU A 24 5.81 7.19 11.28
N LYS A 25 6.02 8.49 11.43
CA LYS A 25 5.45 9.48 10.52
C LYS A 25 6.28 9.56 9.23
N SER A 26 7.59 9.40 9.37
CA SER A 26 8.47 9.39 8.21
C SER A 26 9.01 8.00 7.97
N PHE A 27 8.30 7.22 7.18
CA PHE A 27 8.70 5.85 6.89
C PHE A 27 9.10 5.72 5.42
N SER A 28 10.38 5.49 5.18
CA SER A 28 10.90 5.35 3.84
C SER A 28 10.52 3.98 3.26
N ALA A 29 9.45 3.95 2.48
CA ALA A 29 8.97 2.70 1.90
C ALA A 29 8.29 2.94 0.56
N ASP A 30 8.74 3.97 -0.15
CA ASP A 30 8.20 4.28 -1.46
C ASP A 30 8.77 3.34 -2.53
N ALA A 31 8.26 2.12 -2.53
CA ALA A 31 8.72 1.10 -3.46
C ALA A 31 7.81 1.04 -4.67
N ARG A 32 8.33 0.47 -5.76
CA ARG A 32 7.54 0.31 -6.97
C ARG A 32 6.86 -1.05 -6.98
N PHE A 33 5.54 -1.03 -6.88
CA PHE A 33 4.76 -2.26 -6.86
C PHE A 33 3.99 -2.43 -8.16
N SER A 34 3.58 -3.67 -8.42
CA SER A 34 2.80 -3.99 -9.60
C SER A 34 1.37 -3.44 -9.46
N PRO A 35 0.81 -2.89 -10.54
CA PRO A 35 -0.54 -2.31 -10.53
C PRO A 35 -1.61 -3.33 -10.17
N GLN A 36 -1.38 -4.59 -10.48
CA GLN A 36 -2.35 -5.64 -10.21
C GLN A 36 -2.16 -6.27 -8.83
N MET A 37 -1.40 -5.61 -7.97
CA MET A 37 -1.27 -6.07 -6.59
C MET A 37 -2.43 -5.49 -5.77
N SER A 38 -3.52 -6.22 -5.72
CA SER A 38 -4.73 -5.75 -5.05
C SER A 38 -4.69 -6.02 -3.55
N VAL A 39 -5.66 -5.46 -2.84
CA VAL A 39 -5.79 -5.71 -1.41
C VAL A 39 -6.23 -7.16 -1.20
N GLU A 40 -7.03 -7.66 -2.14
CA GLU A 40 -7.46 -9.05 -2.12
C GLU A 40 -6.25 -9.99 -2.08
N ALA A 41 -5.22 -9.62 -2.84
CA ALA A 41 -4.00 -10.42 -2.90
C ALA A 41 -3.16 -10.21 -1.65
N VAL A 42 -3.02 -8.96 -1.22
CA VAL A 42 -2.16 -8.65 -0.09
C VAL A 42 -2.74 -9.17 1.23
N LYS A 43 -4.06 -9.32 1.30
CA LYS A 43 -4.72 -9.88 2.49
C LYS A 43 -4.19 -11.28 2.78
N GLU A 44 -3.99 -12.06 1.73
CA GLU A 44 -3.50 -13.42 1.88
C GLU A 44 -2.07 -13.42 2.42
N LYS A 45 -1.27 -12.50 1.90
CA LYS A 45 0.14 -12.39 2.24
C LYS A 45 0.31 -11.85 3.67
N LEU A 46 -0.43 -10.81 4.00
CA LEU A 46 -0.33 -10.18 5.31
C LEU A 46 -0.97 -11.05 6.40
N TRP A 47 -1.89 -11.90 5.99
CA TRP A 47 -2.57 -12.81 6.90
C TRP A 47 -1.56 -13.70 7.63
N LYS A 48 -0.72 -14.37 6.85
CA LYS A 48 0.30 -15.25 7.43
C LYS A 48 1.38 -14.45 8.16
N LYS A 49 1.57 -13.21 7.75
CA LYS A 49 2.54 -12.33 8.39
C LYS A 49 2.11 -11.99 9.81
N CYS A 50 0.81 -11.80 9.99
CA CYS A 50 0.26 -11.42 11.28
C CYS A 50 -0.09 -12.66 12.11
N GLY A 51 -0.61 -13.69 11.44
CA GLY A 51 -1.04 -14.88 12.14
C GLY A 51 -2.39 -14.69 12.79
N THR A 52 -3.08 -13.63 12.38
CA THR A 52 -4.37 -13.26 12.93
C THR A 52 -5.14 -12.48 11.86
N SER A 53 -6.45 -12.31 12.06
CA SER A 53 -7.25 -11.53 11.13
C SER A 53 -6.74 -10.09 11.06
N VAL A 54 -6.65 -9.56 9.84
CA VAL A 54 -6.05 -8.25 9.61
C VAL A 54 -7.09 -7.14 9.78
N ASN A 55 -8.12 -7.42 10.56
CA ASN A 55 -9.21 -6.48 10.76
C ASN A 55 -8.76 -5.20 11.47
N SER A 56 -7.90 -5.35 12.46
CA SER A 56 -7.44 -4.19 13.23
C SER A 56 -6.44 -3.34 12.44
N MET A 57 -5.85 -3.92 11.41
CA MET A 57 -4.85 -3.23 10.62
C MET A 57 -5.50 -2.51 9.44
N ALA A 58 -5.87 -1.25 9.67
CA ALA A 58 -6.52 -0.46 8.64
C ALA A 58 -5.52 0.46 7.94
N LEU A 59 -5.73 0.66 6.65
CA LEU A 59 -4.88 1.53 5.86
C LEU A 59 -5.56 2.88 5.59
N GLU A 60 -5.05 3.92 6.25
CA GLU A 60 -5.55 5.27 6.03
C GLU A 60 -4.93 5.85 4.76
N LEU A 61 -5.74 5.99 3.73
CA LEU A 61 -5.26 6.51 2.46
C LEU A 61 -5.44 8.03 2.41
N TYR A 62 -4.36 8.75 2.65
CA TYR A 62 -4.40 10.21 2.64
C TYR A 62 -3.90 10.76 1.32
N ASP A 63 -4.38 11.94 0.97
CA ASP A 63 -3.89 12.67 -0.18
C ASP A 63 -3.48 14.08 0.27
N ASP A 64 -3.14 14.95 -0.66
CA ASP A 64 -2.67 16.29 -0.30
C ASP A 64 -3.63 17.38 -0.74
N SER A 65 -4.71 17.00 -1.41
CA SER A 65 -5.67 17.96 -1.92
C SER A 65 -6.92 18.00 -1.02
N GLY A 66 -7.39 16.81 -0.66
CA GLY A 66 -8.53 16.72 0.23
C GLY A 66 -8.10 16.37 1.64
N SER A 67 -8.32 15.13 2.03
CA SER A 67 -7.91 14.63 3.33
C SER A 67 -7.82 13.10 3.30
N LYS A 68 -8.95 12.46 3.01
CA LYS A 68 -9.00 11.01 2.95
C LYS A 68 -9.58 10.56 1.62
N VAL A 69 -8.81 9.80 0.87
CA VAL A 69 -9.27 9.29 -0.42
C VAL A 69 -9.42 7.78 -0.37
N ALA A 70 -9.61 7.26 0.85
CA ALA A 70 -9.80 5.82 1.04
C ALA A 70 -11.18 5.38 0.56
N VAL A 71 -11.25 4.93 -0.67
CA VAL A 71 -12.50 4.42 -1.24
C VAL A 71 -12.87 3.08 -0.59
N LEU A 72 -11.91 2.16 -0.59
CA LEU A 72 -12.05 0.88 0.11
C LEU A 72 -13.15 0.02 -0.53
N SER A 73 -13.38 0.24 -1.82
CA SER A 73 -14.30 -0.58 -2.59
C SER A 73 -13.55 -1.22 -3.75
N ASP A 74 -12.29 -0.83 -3.84
CA ASP A 74 -11.39 -1.26 -4.91
C ASP A 74 -10.46 -2.35 -4.40
N ASP A 75 -10.70 -2.79 -3.17
CA ASP A 75 -9.82 -3.72 -2.48
C ASP A 75 -9.69 -5.05 -3.21
N SER A 76 -10.81 -5.58 -3.68
CA SER A 76 -10.82 -6.89 -4.31
C SER A 76 -10.67 -6.77 -5.82
N ARG A 77 -10.42 -5.56 -6.29
CA ARG A 77 -10.20 -5.31 -7.71
C ARG A 77 -8.73 -5.03 -7.94
N PRO A 78 -8.20 -5.36 -9.13
CA PRO A 78 -6.84 -4.98 -9.50
C PRO A 78 -6.65 -3.46 -9.38
N LEU A 79 -5.67 -3.04 -8.60
CA LEU A 79 -5.47 -1.63 -8.30
C LEU A 79 -5.28 -0.80 -9.57
N GLY A 80 -4.57 -1.36 -10.53
CA GLY A 80 -4.34 -0.68 -11.80
C GLY A 80 -5.60 -0.58 -12.64
N PHE A 81 -6.63 -1.31 -12.26
CA PHE A 81 -7.91 -1.27 -12.97
C PHE A 81 -8.73 -0.10 -12.43
N PHE A 82 -8.46 0.25 -11.17
CA PHE A 82 -9.07 1.42 -10.56
C PHE A 82 -8.26 2.66 -10.94
N SER A 83 -6.95 2.46 -11.12
CA SER A 83 -6.03 3.50 -11.56
C SER A 83 -5.78 4.52 -10.44
N PRO A 84 -4.79 4.23 -9.57
CA PRO A 84 -4.37 5.13 -8.51
C PRO A 84 -3.17 5.98 -8.92
N PHE A 85 -2.55 6.64 -7.94
CA PHE A 85 -1.38 7.44 -8.20
C PHE A 85 -0.33 7.21 -7.12
N ASP A 86 0.93 7.49 -7.45
CA ASP A 86 2.03 7.27 -6.52
C ASP A 86 2.15 8.42 -5.52
N GLY A 87 1.20 9.34 -5.58
CA GLY A 87 1.20 10.46 -4.66
C GLY A 87 0.41 10.17 -3.40
N PHE A 88 -0.26 9.03 -3.38
CA PHE A 88 -1.05 8.64 -2.23
C PHE A 88 -0.21 7.91 -1.19
N ARG A 89 -0.63 7.98 0.06
CA ARG A 89 0.13 7.40 1.15
C ARG A 89 -0.71 6.39 1.92
N LEU A 90 -0.13 5.23 2.18
CA LEU A 90 -0.80 4.18 2.93
C LEU A 90 -0.41 4.27 4.40
N HIS A 91 -1.24 4.92 5.18
CA HIS A 91 -0.96 5.14 6.60
C HIS A 91 -1.54 4.00 7.44
N ILE A 92 -0.69 3.03 7.76
CA ILE A 92 -1.09 1.89 8.57
C ILE A 92 -1.45 2.35 9.99
N ILE A 93 -2.66 2.03 10.42
CA ILE A 93 -3.11 2.41 11.75
C ILE A 93 -2.56 1.46 12.80
N ASP A 94 -1.76 2.00 13.70
CA ASP A 94 -1.22 1.24 14.81
C ASP A 94 -2.18 1.30 16.00
N LEU A 95 -2.80 0.19 16.31
CA LEU A 95 -3.72 0.13 17.45
C LEU A 95 -3.23 -0.90 18.46
N ASP A 96 -3.52 -2.16 18.19
CA ASP A 96 -3.16 -3.24 19.08
C ASP A 96 -3.04 -4.56 18.32
N PRO A 97 -1.85 -5.17 18.36
CA PRO A 97 -1.58 -6.44 17.73
C PRO A 97 -1.85 -7.61 18.68
N MET A 1 31.01 1.49 3.72
CA MET A 1 29.79 2.04 4.34
C MET A 1 29.05 2.93 3.35
N GLY A 2 27.74 2.97 3.48
CA GLY A 2 26.91 3.69 2.52
C GLY A 2 26.21 2.74 1.59
N HIS A 3 25.09 3.16 1.02
CA HIS A 3 24.32 2.29 0.12
C HIS A 3 23.77 3.08 -1.06
N HIS A 4 24.37 2.91 -2.24
CA HIS A 4 23.80 3.48 -3.45
C HIS A 4 22.81 2.50 -4.06
N HIS A 5 21.71 2.29 -3.33
CA HIS A 5 20.70 1.31 -3.71
C HIS A 5 19.57 1.97 -4.49
N HIS A 6 19.71 3.27 -4.73
CA HIS A 6 18.67 4.02 -5.42
C HIS A 6 18.93 4.01 -6.93
N HIS A 7 17.89 3.67 -7.68
CA HIS A 7 17.98 3.61 -9.14
C HIS A 7 16.66 4.11 -9.73
N HIS A 8 16.73 4.83 -10.84
CA HIS A 8 15.52 5.43 -11.43
C HIS A 8 14.73 4.42 -12.25
N SER A 9 15.21 4.18 -13.48
CA SER A 9 14.49 3.37 -14.47
C SER A 9 13.28 4.13 -15.02
N HIS A 10 12.77 3.65 -16.14
CA HIS A 10 11.57 4.23 -16.72
C HIS A 10 10.53 3.14 -16.96
N GLY A 11 9.33 3.55 -17.33
CA GLY A 11 8.29 2.59 -17.59
C GLY A 11 7.02 2.90 -16.83
N ASP A 12 5.90 2.87 -17.54
CA ASP A 12 4.60 3.13 -16.92
C ASP A 12 3.99 1.82 -16.45
N ASP A 13 4.49 1.31 -15.33
CA ASP A 13 4.06 0.03 -14.81
C ASP A 13 4.29 -0.06 -13.31
N SER A 14 4.24 1.08 -12.64
CA SER A 14 4.51 1.13 -11.22
C SER A 14 3.52 2.04 -10.49
N VAL A 15 2.77 1.48 -9.55
CA VAL A 15 1.97 2.29 -8.66
C VAL A 15 2.85 2.77 -7.52
N HIS A 16 2.92 4.08 -7.35
CA HIS A 16 3.85 4.65 -6.38
C HIS A 16 3.19 4.77 -5.02
N LEU A 17 3.42 3.77 -4.19
CA LEU A 17 2.81 3.72 -2.87
C LEU A 17 3.83 4.12 -1.81
N HIS A 18 3.48 5.13 -1.02
CA HIS A 18 4.37 5.60 0.04
C HIS A 18 3.92 5.00 1.36
N ILE A 19 4.68 4.05 1.86
CA ILE A 19 4.33 3.32 3.08
C ILE A 19 4.68 4.14 4.31
N THR A 20 3.75 4.22 5.26
CA THR A 20 3.98 4.94 6.50
C THR A 20 3.32 4.22 7.68
N HIS A 21 3.99 4.23 8.83
CA HIS A 21 3.48 3.54 10.01
C HIS A 21 2.67 4.53 10.87
N ALA A 22 1.96 4.03 11.87
CA ALA A 22 1.17 4.89 12.73
C ALA A 22 2.06 5.65 13.70
N ASN A 23 2.84 4.91 14.48
CA ASN A 23 3.73 5.52 15.47
C ASN A 23 4.90 6.20 14.76
N LEU A 24 5.48 5.51 13.79
CA LEU A 24 6.50 6.10 12.94
C LEU A 24 5.83 6.95 11.86
N LYS A 25 5.46 8.16 12.24
CA LYS A 25 4.75 9.05 11.35
C LYS A 25 5.68 9.61 10.27
N SER A 26 6.94 9.74 10.62
CA SER A 26 7.95 10.15 9.67
C SER A 26 8.67 8.90 9.16
N PHE A 27 7.90 8.02 8.54
CA PHE A 27 8.44 6.78 8.00
C PHE A 27 8.52 6.87 6.49
N SER A 28 9.67 7.26 5.98
CA SER A 28 9.85 7.42 4.55
C SER A 28 10.17 6.09 3.89
N ALA A 29 9.13 5.31 3.62
CA ALA A 29 9.27 4.05 2.90
C ALA A 29 8.60 4.15 1.54
N ASP A 30 9.40 4.43 0.52
CA ASP A 30 8.85 4.65 -0.81
C ASP A 30 9.04 3.40 -1.67
N ALA A 31 7.96 2.90 -2.23
CA ALA A 31 8.00 1.68 -3.02
C ALA A 31 7.12 1.79 -4.26
N ARG A 32 7.28 0.82 -5.16
CA ARG A 32 6.50 0.76 -6.38
C ARG A 32 5.98 -0.67 -6.59
N PHE A 33 4.70 -0.79 -6.85
CA PHE A 33 4.09 -2.11 -7.04
C PHE A 33 3.29 -2.14 -8.33
N SER A 34 2.53 -3.20 -8.54
CA SER A 34 1.71 -3.34 -9.72
C SER A 34 0.25 -3.05 -9.40
N PRO A 35 -0.51 -2.52 -10.37
CA PRO A 35 -1.93 -2.20 -10.20
C PRO A 35 -2.82 -3.44 -10.11
N GLN A 36 -2.19 -4.60 -10.15
CA GLN A 36 -2.90 -5.86 -10.03
C GLN A 36 -3.09 -6.23 -8.57
N MET A 37 -2.37 -5.53 -7.69
CA MET A 37 -2.47 -5.79 -6.26
C MET A 37 -3.54 -4.91 -5.63
N SER A 38 -4.60 -5.54 -5.12
CA SER A 38 -5.66 -4.82 -4.47
C SER A 38 -5.44 -4.80 -2.94
N VAL A 39 -6.31 -4.09 -2.23
CA VAL A 39 -6.23 -4.02 -0.78
C VAL A 39 -6.54 -5.40 -0.18
N GLU A 40 -7.49 -6.09 -0.76
CA GLU A 40 -7.87 -7.43 -0.32
C GLU A 40 -6.69 -8.39 -0.47
N ALA A 41 -5.88 -8.16 -1.50
CA ALA A 41 -4.72 -8.99 -1.77
C ALA A 41 -3.67 -8.86 -0.66
N VAL A 42 -3.37 -7.61 -0.26
CA VAL A 42 -2.37 -7.38 0.77
C VAL A 42 -2.91 -7.80 2.13
N LYS A 43 -4.22 -7.69 2.32
CA LYS A 43 -4.87 -8.13 3.55
C LYS A 43 -4.59 -9.61 3.79
N GLU A 44 -4.76 -10.40 2.75
CA GLU A 44 -4.54 -11.84 2.83
C GLU A 44 -3.12 -12.15 3.26
N LYS A 45 -2.16 -11.41 2.72
CA LYS A 45 -0.75 -11.69 2.99
C LYS A 45 -0.37 -11.25 4.40
N LEU A 46 -0.96 -10.15 4.87
CA LEU A 46 -0.73 -9.70 6.24
C LEU A 46 -1.34 -10.68 7.23
N TRP A 47 -2.47 -11.26 6.83
CA TRP A 47 -3.15 -12.28 7.60
C TRP A 47 -2.33 -13.57 7.64
N LYS A 48 -1.37 -13.69 6.73
CA LYS A 48 -0.49 -14.85 6.70
C LYS A 48 0.84 -14.53 7.38
N LYS A 49 1.32 -13.30 7.19
CA LYS A 49 2.61 -12.88 7.74
C LYS A 49 2.61 -12.91 9.26
N CYS A 50 1.63 -12.25 9.86
CA CYS A 50 1.55 -12.18 11.32
C CYS A 50 0.19 -12.69 11.83
N GLY A 51 -0.70 -13.03 10.90
CA GLY A 51 -2.04 -13.41 11.29
C GLY A 51 -2.83 -12.22 11.79
N THR A 52 -2.49 -11.05 11.27
CA THR A 52 -3.12 -9.82 11.70
C THR A 52 -4.53 -9.69 11.13
N SER A 53 -5.52 -9.75 12.00
CA SER A 53 -6.90 -9.54 11.60
C SER A 53 -7.07 -8.10 11.11
N VAL A 54 -7.47 -7.95 9.86
CA VAL A 54 -7.56 -6.63 9.23
C VAL A 54 -8.73 -5.81 9.79
N ASN A 55 -9.53 -6.42 10.64
CA ASN A 55 -10.60 -5.71 11.32
C ASN A 55 -10.01 -4.71 12.32
N SER A 56 -8.90 -5.09 12.93
CA SER A 56 -8.25 -4.28 13.94
C SER A 56 -7.04 -3.55 13.36
N MET A 57 -7.01 -3.40 12.04
CA MET A 57 -5.93 -2.68 11.39
C MET A 57 -6.46 -1.93 10.18
N ALA A 58 -6.68 -0.63 10.34
CA ALA A 58 -7.22 0.19 9.28
C ALA A 58 -6.10 0.73 8.39
N LEU A 59 -6.39 0.85 7.11
CA LEU A 59 -5.42 1.39 6.17
C LEU A 59 -5.87 2.78 5.71
N GLU A 60 -5.22 3.80 6.25
CA GLU A 60 -5.53 5.17 5.88
C GLU A 60 -4.73 5.58 4.66
N LEU A 61 -5.38 5.51 3.51
CA LEU A 61 -4.76 5.91 2.26
C LEU A 61 -4.93 7.41 2.07
N TYR A 62 -3.89 8.15 2.43
CA TYR A 62 -3.89 9.59 2.31
C TYR A 62 -3.26 10.01 1.00
N ASP A 63 -3.59 11.22 0.57
CA ASP A 63 -2.88 11.85 -0.54
C ASP A 63 -2.21 13.12 -0.02
N ASP A 64 -1.70 13.97 -0.89
CA ASP A 64 -0.96 15.15 -0.46
C ASP A 64 -1.78 16.42 -0.59
N SER A 65 -2.81 16.39 -1.43
CA SER A 65 -3.54 17.59 -1.77
C SER A 65 -4.87 17.66 -1.00
N GLY A 66 -5.55 16.52 -0.89
CA GLY A 66 -6.82 16.49 -0.18
C GLY A 66 -6.68 15.94 1.22
N SER A 67 -7.14 14.71 1.41
CA SER A 67 -7.06 14.05 2.69
C SER A 67 -7.12 12.53 2.53
N LYS A 68 -8.28 12.04 2.11
CA LYS A 68 -8.52 10.60 2.01
C LYS A 68 -8.79 10.20 0.56
N VAL A 69 -8.01 9.27 0.05
CA VAL A 69 -8.26 8.69 -1.26
C VAL A 69 -8.68 7.24 -1.13
N ALA A 70 -8.87 6.82 0.11
CA ALA A 70 -9.34 5.47 0.41
C ALA A 70 -10.85 5.38 0.24
N VAL A 71 -11.31 4.92 -0.91
CA VAL A 71 -12.74 4.81 -1.16
C VAL A 71 -13.30 3.53 -0.56
N LEU A 72 -12.54 2.43 -0.69
CA LEU A 72 -12.94 1.13 -0.15
C LEU A 72 -14.18 0.60 -0.85
N SER A 73 -14.33 0.97 -2.11
CA SER A 73 -15.30 0.34 -2.98
C SER A 73 -14.50 -0.33 -4.09
N ASP A 74 -13.21 -0.37 -3.85
CA ASP A 74 -12.22 -0.85 -4.80
C ASP A 74 -11.21 -1.77 -4.11
N ASP A 75 -11.41 -1.96 -2.81
CA ASP A 75 -10.46 -2.69 -1.98
C ASP A 75 -10.28 -4.13 -2.46
N SER A 76 -11.37 -4.74 -2.92
CA SER A 76 -11.33 -6.11 -3.39
C SER A 76 -11.56 -6.17 -4.89
N ARG A 77 -11.44 -5.02 -5.54
CA ARG A 77 -11.61 -4.93 -6.98
C ARG A 77 -10.25 -4.74 -7.64
N PRO A 78 -10.15 -4.93 -8.97
CA PRO A 78 -8.90 -4.66 -9.69
C PRO A 78 -8.52 -3.19 -9.62
N LEU A 79 -7.43 -2.91 -8.90
CA LEU A 79 -6.97 -1.53 -8.69
C LEU A 79 -6.60 -0.86 -10.02
N GLY A 80 -6.20 -1.67 -10.99
CA GLY A 80 -5.84 -1.16 -12.31
C GLY A 80 -7.03 -0.51 -13.01
N PHE A 81 -8.24 -0.89 -12.60
CA PHE A 81 -9.45 -0.34 -13.21
C PHE A 81 -9.72 1.04 -12.63
N PHE A 82 -9.18 1.32 -11.45
CA PHE A 82 -9.37 2.60 -10.79
C PHE A 82 -8.45 3.66 -11.38
N SER A 83 -7.32 3.20 -11.94
CA SER A 83 -6.27 4.08 -12.43
C SER A 83 -5.63 4.84 -11.27
N PRO A 84 -4.65 4.22 -10.60
CA PRO A 84 -4.00 4.78 -9.41
C PRO A 84 -3.05 5.93 -9.73
N PHE A 85 -2.82 6.77 -8.73
CA PHE A 85 -1.91 7.90 -8.86
C PHE A 85 -0.58 7.56 -8.21
N ASP A 86 0.33 8.53 -8.17
CA ASP A 86 1.67 8.31 -7.62
C ASP A 86 1.83 9.00 -6.27
N GLY A 87 0.74 9.53 -5.74
CA GLY A 87 0.80 10.23 -4.47
C GLY A 87 0.07 9.51 -3.36
N PHE A 88 -0.07 8.20 -3.49
CA PHE A 88 -0.80 7.41 -2.51
C PHE A 88 0.06 7.10 -1.29
N ARG A 89 -0.45 7.45 -0.11
CA ARG A 89 0.23 7.19 1.15
C ARG A 89 -0.46 6.08 1.92
N LEU A 90 0.24 4.97 2.12
CA LEU A 90 -0.28 3.86 2.88
C LEU A 90 0.03 4.05 4.36
N HIS A 91 -0.83 4.76 5.06
CA HIS A 91 -0.62 4.98 6.48
C HIS A 91 -1.32 3.91 7.30
N ILE A 92 -0.55 2.91 7.70
CA ILE A 92 -1.08 1.81 8.48
C ILE A 92 -1.51 2.28 9.87
N ILE A 93 -2.74 1.99 10.23
CA ILE A 93 -3.22 2.32 11.57
C ILE A 93 -2.90 1.16 12.50
N ASP A 94 -1.75 1.24 13.13
CA ASP A 94 -1.26 0.21 14.03
C ASP A 94 -2.06 0.19 15.33
N LEU A 95 -2.94 -0.77 15.45
CA LEU A 95 -3.66 -1.00 16.69
C LEU A 95 -3.09 -2.24 17.37
N ASP A 96 -3.83 -2.81 18.29
CA ASP A 96 -3.37 -3.98 19.03
C ASP A 96 -3.59 -5.25 18.21
N PRO A 97 -2.51 -5.96 17.87
CA PRO A 97 -2.58 -7.22 17.16
C PRO A 97 -2.60 -8.41 18.12
N MET A 1 12.37 -19.04 2.22
CA MET A 1 12.98 -17.94 3.01
C MET A 1 13.53 -16.87 2.09
N GLY A 2 13.57 -15.64 2.58
CA GLY A 2 14.20 -14.54 1.87
C GLY A 2 13.38 -14.03 0.69
N HIS A 3 13.21 -14.88 -0.32
CA HIS A 3 12.60 -14.48 -1.59
C HIS A 3 13.54 -13.52 -2.32
N HIS A 4 14.43 -14.10 -3.13
CA HIS A 4 15.42 -13.32 -3.87
C HIS A 4 14.75 -12.30 -4.79
N HIS A 5 14.76 -11.05 -4.37
CA HIS A 5 14.12 -9.98 -5.11
C HIS A 5 15.17 -9.21 -5.91
N HIS A 6 15.34 -9.58 -7.16
CA HIS A 6 16.30 -8.91 -8.03
C HIS A 6 15.74 -8.83 -9.44
N HIS A 7 15.11 -7.73 -9.75
CA HIS A 7 14.46 -7.54 -11.04
C HIS A 7 14.73 -6.15 -11.57
N HIS A 8 15.03 -6.05 -12.86
CA HIS A 8 15.31 -4.78 -13.49
C HIS A 8 14.05 -4.17 -14.07
N SER A 9 13.94 -2.85 -13.98
CA SER A 9 12.79 -2.16 -14.54
C SER A 9 13.11 -0.69 -14.81
N HIS A 10 13.38 -0.38 -16.07
CA HIS A 10 13.55 1.01 -16.48
C HIS A 10 12.21 1.55 -16.96
N GLY A 11 11.20 0.69 -16.93
CA GLY A 11 9.86 1.13 -17.29
C GLY A 11 9.20 1.86 -16.15
N ASP A 12 9.49 1.42 -14.91
CA ASP A 12 8.96 2.05 -13.71
C ASP A 12 7.44 1.96 -13.70
N ASP A 13 6.94 0.80 -14.10
CA ASP A 13 5.50 0.52 -14.10
C ASP A 13 4.94 0.56 -12.70
N SER A 14 5.80 0.24 -11.73
CA SER A 14 5.40 0.17 -10.34
C SER A 14 4.87 1.51 -9.85
N VAL A 15 3.66 1.49 -9.31
CA VAL A 15 3.07 2.68 -8.73
C VAL A 15 3.80 3.02 -7.43
N HIS A 16 4.08 4.28 -7.23
CA HIS A 16 4.86 4.72 -6.08
C HIS A 16 3.95 5.08 -4.93
N LEU A 17 3.54 4.08 -4.18
CA LEU A 17 2.67 4.28 -3.03
C LEU A 17 3.50 4.35 -1.75
N HIS A 18 3.66 5.55 -1.22
CA HIS A 18 4.48 5.75 -0.04
C HIS A 18 3.73 5.36 1.22
N ILE A 19 4.34 4.49 2.00
CA ILE A 19 3.73 3.99 3.22
C ILE A 19 4.00 4.94 4.37
N THR A 20 2.92 5.44 4.96
CA THR A 20 3.02 6.33 6.11
C THR A 20 2.84 5.52 7.38
N HIS A 21 3.95 5.06 7.95
CA HIS A 21 3.94 4.21 9.12
C HIS A 21 3.75 5.05 10.38
N ALA A 22 2.80 4.66 11.22
CA ALA A 22 2.44 5.46 12.39
C ALA A 22 3.51 5.35 13.48
N ASN A 23 3.80 4.14 13.92
CA ASN A 23 4.77 3.91 14.99
C ASN A 23 6.16 4.41 14.61
N LEU A 24 6.73 3.84 13.56
CA LEU A 24 8.00 4.30 13.05
C LEU A 24 7.77 5.25 11.89
N LYS A 25 7.63 6.52 12.21
CA LYS A 25 7.30 7.54 11.21
C LYS A 25 8.55 8.08 10.52
N SER A 26 9.72 7.66 11.00
CA SER A 26 10.97 8.07 10.38
C SER A 26 11.45 6.95 9.45
N PHE A 27 10.66 5.90 9.36
CA PHE A 27 10.96 4.77 8.49
C PHE A 27 10.24 4.95 7.16
N SER A 28 10.97 5.45 6.16
CA SER A 28 10.39 5.72 4.86
C SER A 28 10.42 4.48 3.99
N ALA A 29 9.27 3.84 3.85
CA ALA A 29 9.13 2.70 2.99
C ALA A 29 8.03 2.95 1.97
N ASP A 30 8.23 2.52 0.75
CA ASP A 30 7.21 2.67 -0.28
C ASP A 30 6.91 1.31 -0.91
N ALA A 31 5.65 1.13 -1.27
CA ALA A 31 5.24 -0.10 -1.92
C ALA A 31 5.32 0.06 -3.42
N ARG A 32 6.44 -0.36 -4.00
CA ARG A 32 6.65 -0.22 -5.43
C ARG A 32 6.41 -1.54 -6.14
N PHE A 33 5.17 -1.75 -6.56
CA PHE A 33 4.80 -2.97 -7.26
C PHE A 33 4.04 -2.62 -8.53
N SER A 34 4.16 -3.48 -9.52
CA SER A 34 3.43 -3.30 -10.77
C SER A 34 1.93 -3.41 -10.53
N PRO A 35 1.15 -2.50 -11.10
CA PRO A 35 -0.30 -2.41 -10.85
C PRO A 35 -1.10 -3.56 -11.47
N GLN A 36 -0.42 -4.66 -11.76
CA GLN A 36 -1.06 -5.84 -12.32
C GLN A 36 -1.57 -6.73 -11.19
N MET A 37 -1.14 -6.40 -9.98
CA MET A 37 -1.52 -7.15 -8.79
C MET A 37 -2.70 -6.46 -8.11
N SER A 38 -3.57 -7.26 -7.50
CA SER A 38 -4.72 -6.74 -6.78
C SER A 38 -4.42 -6.67 -5.27
N VAL A 39 -5.03 -5.70 -4.59
CA VAL A 39 -4.86 -5.55 -3.15
C VAL A 39 -5.43 -6.78 -2.42
N GLU A 40 -6.34 -7.47 -3.10
CA GLU A 40 -6.93 -8.69 -2.58
C GLU A 40 -5.86 -9.74 -2.28
N ALA A 41 -4.81 -9.78 -3.09
CA ALA A 41 -3.79 -10.82 -2.98
C ALA A 41 -2.77 -10.52 -1.89
N VAL A 42 -2.70 -9.27 -1.44
CA VAL A 42 -1.69 -8.89 -0.45
C VAL A 42 -2.23 -9.00 0.98
N LYS A 43 -3.55 -8.82 1.14
CA LYS A 43 -4.17 -8.88 2.47
C LYS A 43 -3.99 -10.25 3.10
N GLU A 44 -4.37 -11.30 2.36
CA GLU A 44 -4.22 -12.66 2.83
C GLU A 44 -2.75 -12.98 3.12
N LYS A 45 -1.86 -12.44 2.30
CA LYS A 45 -0.44 -12.70 2.41
C LYS A 45 0.14 -12.11 3.71
N LEU A 46 -0.41 -10.98 4.13
CA LEU A 46 0.00 -10.37 5.39
C LEU A 46 -0.58 -11.15 6.58
N TRP A 47 -1.84 -11.55 6.45
CA TRP A 47 -2.53 -12.30 7.49
C TRP A 47 -1.79 -13.60 7.79
N LYS A 48 -1.34 -14.28 6.75
CA LYS A 48 -0.69 -15.57 6.92
C LYS A 48 0.77 -15.42 7.31
N LYS A 49 1.29 -14.18 7.27
CA LYS A 49 2.67 -13.94 7.62
C LYS A 49 2.80 -13.43 9.06
N CYS A 50 2.08 -12.35 9.36
CA CYS A 50 2.18 -11.70 10.67
C CYS A 50 1.28 -12.39 11.68
N GLY A 51 0.11 -12.84 11.24
CA GLY A 51 -0.82 -13.51 12.15
C GLY A 51 -1.91 -12.60 12.65
N THR A 52 -1.81 -11.31 12.30
CA THR A 52 -2.80 -10.34 12.72
C THR A 52 -3.94 -10.30 11.69
N SER A 53 -5.08 -9.74 12.08
CA SER A 53 -6.25 -9.74 11.22
C SER A 53 -6.31 -8.49 10.35
N VAL A 54 -6.36 -8.68 9.04
CA VAL A 54 -6.40 -7.57 8.10
C VAL A 54 -7.76 -6.90 8.08
N ASN A 55 -8.76 -7.58 8.64
CA ASN A 55 -10.09 -7.01 8.81
C ASN A 55 -10.07 -5.95 9.91
N SER A 56 -9.02 -5.97 10.72
CA SER A 56 -8.81 -4.97 11.76
C SER A 56 -7.69 -4.00 11.36
N MET A 57 -7.18 -4.19 10.16
CA MET A 57 -6.07 -3.39 9.67
C MET A 57 -6.58 -2.09 9.05
N ALA A 58 -6.48 -1.01 9.81
CA ALA A 58 -6.95 0.29 9.36
C ALA A 58 -5.94 0.95 8.42
N LEU A 59 -6.30 1.04 7.15
CA LEU A 59 -5.45 1.68 6.15
C LEU A 59 -6.09 3.00 5.71
N GLU A 60 -5.46 4.10 6.09
CA GLU A 60 -5.96 5.41 5.70
C GLU A 60 -5.31 5.87 4.42
N LEU A 61 -6.04 5.80 3.33
CA LEU A 61 -5.54 6.25 2.04
C LEU A 61 -5.77 7.75 1.89
N TYR A 62 -4.75 8.52 2.25
CA TYR A 62 -4.86 9.98 2.18
C TYR A 62 -4.43 10.50 0.82
N ASP A 63 -5.04 11.61 0.43
CA ASP A 63 -4.64 12.32 -0.77
C ASP A 63 -3.47 13.26 -0.46
N ASP A 64 -3.07 13.22 0.82
CA ASP A 64 -1.96 14.01 1.37
C ASP A 64 -2.40 15.38 1.87
N SER A 65 -3.49 15.91 1.33
CA SER A 65 -3.97 17.22 1.77
C SER A 65 -4.70 17.09 3.10
N GLY A 66 -5.29 15.92 3.32
CA GLY A 66 -5.98 15.66 4.57
C GLY A 66 -7.26 14.89 4.38
N SER A 67 -7.61 14.64 3.12
CA SER A 67 -8.84 13.94 2.81
C SER A 67 -8.54 12.47 2.47
N LYS A 68 -9.43 11.58 2.89
CA LYS A 68 -9.28 10.17 2.53
C LYS A 68 -9.95 9.92 1.19
N VAL A 69 -9.21 9.31 0.29
CA VAL A 69 -9.70 9.02 -1.04
C VAL A 69 -10.05 7.54 -1.15
N ALA A 70 -10.24 6.91 0.00
CA ALA A 70 -10.51 5.50 0.08
C ALA A 70 -12.00 5.20 -0.10
N VAL A 71 -12.35 4.69 -1.27
CA VAL A 71 -13.69 4.19 -1.52
C VAL A 71 -13.66 2.66 -1.68
N LEU A 72 -12.55 2.17 -2.20
CA LEU A 72 -12.27 0.73 -2.31
C LEU A 72 -13.36 -0.03 -3.06
N SER A 73 -13.30 0.02 -4.37
CA SER A 73 -14.14 -0.82 -5.22
C SER A 73 -13.25 -1.57 -6.21
N ASP A 74 -11.95 -1.43 -6.03
CA ASP A 74 -10.97 -2.05 -6.92
C ASP A 74 -10.17 -3.11 -6.18
N ASP A 75 -10.78 -3.67 -5.14
CA ASP A 75 -10.12 -4.71 -4.33
C ASP A 75 -9.64 -5.86 -5.19
N SER A 76 -10.53 -6.39 -6.01
CA SER A 76 -10.23 -7.56 -6.81
C SER A 76 -9.87 -7.17 -8.24
N ARG A 77 -9.77 -5.87 -8.51
CA ARG A 77 -9.45 -5.39 -9.84
C ARG A 77 -7.97 -5.02 -9.93
N PRO A 78 -7.38 -5.15 -11.12
CA PRO A 78 -6.00 -4.72 -11.37
C PRO A 78 -5.88 -3.21 -11.28
N LEU A 79 -4.96 -2.73 -10.44
CA LEU A 79 -4.78 -1.30 -10.21
C LEU A 79 -4.37 -0.57 -11.50
N GLY A 80 -3.77 -1.30 -12.42
CA GLY A 80 -3.37 -0.73 -13.70
C GLY A 80 -4.56 -0.28 -14.53
N PHE A 81 -5.67 -0.99 -14.37
CA PHE A 81 -6.89 -0.65 -15.10
C PHE A 81 -7.50 0.61 -14.50
N PHE A 82 -7.48 0.69 -13.18
CA PHE A 82 -7.97 1.86 -12.45
C PHE A 82 -7.10 3.07 -12.77
N SER A 83 -5.78 2.84 -12.80
CA SER A 83 -4.81 3.86 -13.11
C SER A 83 -4.83 4.98 -12.06
N PRO A 84 -4.04 4.84 -11.00
CA PRO A 84 -4.00 5.81 -9.91
C PRO A 84 -3.15 7.02 -10.22
N PHE A 85 -3.40 8.10 -9.49
CA PHE A 85 -2.66 9.35 -9.63
C PHE A 85 -1.16 9.14 -9.40
N ASP A 86 -0.81 8.11 -8.63
CA ASP A 86 0.58 7.82 -8.27
C ASP A 86 1.11 8.90 -7.32
N GLY A 87 0.90 8.70 -6.04
CA GLY A 87 1.28 9.68 -5.05
C GLY A 87 0.26 9.78 -3.93
N PHE A 88 0.08 8.67 -3.24
CA PHE A 88 -0.90 8.60 -2.16
C PHE A 88 -0.22 8.18 -0.86
N ARG A 89 -0.79 8.59 0.27
CA ARG A 89 -0.23 8.26 1.56
C ARG A 89 -0.91 7.04 2.15
N LEU A 90 -0.20 5.92 2.19
CA LEU A 90 -0.73 4.71 2.81
C LEU A 90 -0.51 4.77 4.32
N HIS A 91 -1.43 5.41 5.03
CA HIS A 91 -1.28 5.56 6.47
C HIS A 91 -1.73 4.29 7.18
N ILE A 92 -0.75 3.47 7.55
CA ILE A 92 -1.03 2.23 8.26
C ILE A 92 -1.13 2.50 9.76
N ILE A 93 -2.27 2.20 10.33
CA ILE A 93 -2.47 2.35 11.76
C ILE A 93 -1.91 1.13 12.49
N ASP A 94 -0.85 1.33 13.25
CA ASP A 94 -0.26 0.26 14.05
C ASP A 94 -1.08 0.08 15.32
N LEU A 95 -2.27 -0.48 15.17
CA LEU A 95 -3.17 -0.70 16.30
C LEU A 95 -3.04 -2.12 16.81
N ASP A 96 -2.06 -2.84 16.29
CA ASP A 96 -1.79 -4.22 16.69
C ASP A 96 -0.99 -4.25 17.99
N PRO A 97 -1.64 -4.63 19.10
CA PRO A 97 -1.00 -4.67 20.41
C PRO A 97 -0.34 -6.00 20.70
N MET A 1 12.26 -19.43 6.12
CA MET A 1 12.58 -18.22 5.32
C MET A 1 12.47 -18.54 3.83
N GLY A 2 12.06 -17.56 3.05
CA GLY A 2 11.98 -17.76 1.61
C GLY A 2 11.24 -16.63 0.92
N HIS A 3 10.58 -16.98 -0.18
CA HIS A 3 9.82 -16.03 -1.00
C HIS A 3 10.77 -14.99 -1.60
N HIS A 4 11.29 -15.31 -2.78
CA HIS A 4 12.35 -14.53 -3.40
C HIS A 4 11.77 -13.53 -4.41
N HIS A 5 11.68 -12.28 -4.00
CA HIS A 5 11.15 -11.24 -4.88
C HIS A 5 12.29 -10.50 -5.55
N HIS A 6 12.61 -10.95 -6.77
CA HIS A 6 13.67 -10.33 -7.55
C HIS A 6 13.38 -10.55 -9.03
N HIS A 7 12.11 -10.56 -9.38
CA HIS A 7 11.69 -10.74 -10.77
C HIS A 7 11.97 -9.44 -11.54
N HIS A 8 12.91 -9.50 -12.46
CA HIS A 8 13.43 -8.31 -13.12
C HIS A 8 12.58 -7.93 -14.32
N SER A 9 11.83 -6.84 -14.18
CA SER A 9 11.03 -6.30 -15.27
C SER A 9 11.40 -4.83 -15.47
N HIS A 10 11.51 -4.40 -16.72
CA HIS A 10 11.93 -3.04 -17.02
C HIS A 10 10.90 -2.31 -17.88
N GLY A 11 10.06 -1.53 -17.23
CA GLY A 11 9.09 -0.71 -17.92
C GLY A 11 8.58 0.39 -17.03
N ASP A 12 7.34 0.25 -16.57
CA ASP A 12 6.79 1.15 -15.57
C ASP A 12 6.06 0.32 -14.51
N ASP A 13 6.72 -0.76 -14.11
CA ASP A 13 6.18 -1.70 -13.12
C ASP A 13 6.26 -1.12 -11.72
N SER A 14 5.89 0.14 -11.56
CA SER A 14 6.04 0.82 -10.28
C SER A 14 4.94 1.84 -10.03
N VAL A 15 3.90 1.42 -9.33
CA VAL A 15 2.93 2.37 -8.80
C VAL A 15 3.56 3.14 -7.66
N HIS A 16 3.21 4.40 -7.50
CA HIS A 16 3.88 5.22 -6.50
C HIS A 16 3.08 5.25 -5.21
N LEU A 17 3.35 4.29 -4.34
CA LEU A 17 2.72 4.24 -3.03
C LEU A 17 3.74 4.51 -1.93
N HIS A 18 3.37 5.31 -0.95
CA HIS A 18 4.28 5.68 0.12
C HIS A 18 3.82 5.07 1.44
N ILE A 19 4.58 4.11 1.95
CA ILE A 19 4.22 3.43 3.19
C ILE A 19 4.47 4.34 4.39
N THR A 20 3.39 4.65 5.11
CA THR A 20 3.47 5.55 6.24
C THR A 20 3.12 4.84 7.53
N HIS A 21 4.12 4.62 8.37
CA HIS A 21 3.90 3.95 9.65
C HIS A 21 3.54 4.99 10.71
N ALA A 22 2.79 4.60 11.72
CA ALA A 22 2.29 5.54 12.72
C ALA A 22 3.28 5.73 13.86
N ASN A 23 3.68 4.63 14.48
CA ASN A 23 4.61 4.68 15.61
C ASN A 23 6.04 4.86 15.11
N LEU A 24 6.32 4.29 13.94
CA LEU A 24 7.60 4.51 13.30
C LEU A 24 7.43 5.56 12.21
N LYS A 25 7.50 6.82 12.62
CA LYS A 25 7.20 7.93 11.73
C LYS A 25 8.35 8.19 10.75
N SER A 26 9.51 7.62 11.02
CA SER A 26 10.64 7.74 10.12
C SER A 26 10.91 6.39 9.43
N PHE A 27 9.86 5.58 9.31
CA PHE A 27 9.96 4.31 8.62
C PHE A 27 9.87 4.54 7.11
N SER A 28 11.01 4.76 6.49
CA SER A 28 11.05 5.04 5.06
C SER A 28 10.91 3.76 4.26
N ALA A 29 9.71 3.54 3.74
CA ALA A 29 9.45 2.38 2.91
C ALA A 29 8.62 2.75 1.70
N ASP A 30 9.13 2.45 0.53
CA ASP A 30 8.42 2.73 -0.71
C ASP A 30 7.77 1.46 -1.23
N ALA A 31 6.59 1.61 -1.80
CA ALA A 31 5.87 0.48 -2.36
C ALA A 31 5.68 0.66 -3.86
N ARG A 32 6.53 0.02 -4.64
CA ARG A 32 6.44 0.10 -6.08
C ARG A 32 6.27 -1.27 -6.69
N PHE A 33 5.05 -1.57 -7.10
CA PHE A 33 4.72 -2.83 -7.75
C PHE A 33 4.03 -2.54 -9.08
N SER A 34 3.79 -3.58 -9.85
CA SER A 34 3.11 -3.44 -11.12
C SER A 34 1.65 -3.04 -10.91
N PRO A 35 1.10 -2.19 -11.79
CA PRO A 35 -0.28 -1.70 -11.67
C PRO A 35 -1.33 -2.79 -11.81
N GLN A 36 -0.88 -4.00 -12.07
CA GLN A 36 -1.76 -5.14 -12.21
C GLN A 36 -2.06 -5.76 -10.85
N MET A 37 -1.37 -5.28 -9.83
CA MET A 37 -1.58 -5.71 -8.46
C MET A 37 -2.77 -4.97 -7.84
N SER A 38 -3.44 -5.62 -6.91
CA SER A 38 -4.54 -5.01 -6.17
C SER A 38 -4.23 -5.01 -4.67
N VAL A 39 -4.97 -4.20 -3.91
CA VAL A 39 -4.77 -4.15 -2.46
C VAL A 39 -5.15 -5.49 -1.83
N GLU A 40 -5.95 -6.26 -2.56
CA GLU A 40 -6.32 -7.61 -2.16
C GLU A 40 -5.08 -8.47 -1.89
N ALA A 41 -4.04 -8.25 -2.69
CA ALA A 41 -2.83 -9.05 -2.60
C ALA A 41 -2.06 -8.77 -1.31
N VAL A 42 -2.07 -7.52 -0.86
CA VAL A 42 -1.34 -7.17 0.35
C VAL A 42 -2.15 -7.52 1.60
N LYS A 43 -3.48 -7.49 1.46
CA LYS A 43 -4.36 -7.92 2.54
C LYS A 43 -4.14 -9.39 2.85
N GLU A 44 -4.24 -10.22 1.83
CA GLU A 44 -4.04 -11.65 1.97
C GLU A 44 -2.63 -11.96 2.48
N LYS A 45 -1.67 -11.15 2.04
CA LYS A 45 -0.27 -11.34 2.43
C LYS A 45 -0.11 -11.18 3.94
N LEU A 46 -0.57 -10.04 4.46
CA LEU A 46 -0.43 -9.75 5.88
C LEU A 46 -1.33 -10.65 6.72
N TRP A 47 -2.44 -11.06 6.13
CA TRP A 47 -3.37 -11.98 6.77
C TRP A 47 -2.67 -13.25 7.24
N LYS A 48 -1.96 -13.91 6.32
CA LYS A 48 -1.27 -15.15 6.66
C LYS A 48 0.15 -14.88 7.12
N LYS A 49 0.47 -13.61 7.34
CA LYS A 49 1.78 -13.23 7.84
C LYS A 49 1.72 -12.96 9.34
N CYS A 50 0.80 -12.09 9.73
CA CYS A 50 0.65 -11.71 11.12
C CYS A 50 -0.51 -12.45 11.79
N GLY A 51 -1.44 -12.94 10.98
CA GLY A 51 -2.60 -13.63 11.53
C GLY A 51 -3.50 -12.70 12.31
N THR A 52 -3.68 -11.50 11.79
CA THR A 52 -4.46 -10.48 12.46
C THR A 52 -5.81 -10.30 11.78
N SER A 53 -6.68 -9.52 12.39
CA SER A 53 -8.02 -9.31 11.88
C SER A 53 -8.02 -8.20 10.83
N VAL A 54 -8.72 -8.43 9.72
CA VAL A 54 -8.74 -7.49 8.61
C VAL A 54 -9.54 -6.23 8.94
N ASN A 55 -10.52 -6.36 9.82
CA ASN A 55 -11.34 -5.21 10.23
C ASN A 55 -10.51 -4.26 11.09
N SER A 56 -9.52 -4.82 11.77
CA SER A 56 -8.63 -4.03 12.61
C SER A 56 -7.57 -3.32 11.77
N MET A 57 -7.51 -3.66 10.49
CA MET A 57 -6.53 -3.07 9.59
C MET A 57 -7.15 -1.90 8.84
N ALA A 58 -7.12 -0.73 9.47
CA ALA A 58 -7.64 0.48 8.86
C ALA A 58 -6.54 1.19 8.07
N LEU A 59 -6.67 1.16 6.75
CA LEU A 59 -5.71 1.80 5.88
C LEU A 59 -6.13 3.23 5.62
N GLU A 60 -5.44 4.17 6.26
CA GLU A 60 -5.70 5.58 6.07
C GLU A 60 -5.09 6.07 4.78
N LEU A 61 -5.84 5.93 3.69
CA LEU A 61 -5.37 6.32 2.38
C LEU A 61 -5.74 7.78 2.11
N TYR A 62 -4.76 8.65 2.21
CA TYR A 62 -4.97 10.08 2.00
C TYR A 62 -4.50 10.49 0.62
N ASP A 63 -5.12 11.53 0.08
CA ASP A 63 -4.68 12.13 -1.18
C ASP A 63 -3.57 13.13 -0.91
N ASP A 64 -3.26 13.30 0.38
CA ASP A 64 -2.19 14.17 0.88
C ASP A 64 -2.64 15.64 0.95
N SER A 65 -3.87 15.90 0.53
CA SER A 65 -4.44 17.23 0.69
C SER A 65 -5.29 17.28 1.95
N GLY A 66 -6.02 16.19 2.19
CA GLY A 66 -6.85 16.10 3.39
C GLY A 66 -8.06 15.23 3.20
N SER A 67 -8.33 14.87 1.95
CA SER A 67 -9.49 14.06 1.64
C SER A 67 -9.12 12.58 1.65
N LYS A 68 -9.94 11.79 2.32
CA LYS A 68 -9.76 10.35 2.33
C LYS A 68 -10.13 9.77 0.97
N VAL A 69 -9.24 9.00 0.40
CA VAL A 69 -9.48 8.38 -0.89
C VAL A 69 -9.56 6.87 -0.73
N ALA A 70 -9.77 6.44 0.50
CA ALA A 70 -9.83 5.03 0.84
C ALA A 70 -11.22 4.44 0.60
N VAL A 71 -11.64 4.50 -0.65
CA VAL A 71 -12.88 3.85 -1.06
C VAL A 71 -12.56 2.75 -2.08
N LEU A 72 -12.27 1.57 -1.56
CA LEU A 72 -11.79 0.48 -2.40
C LEU A 72 -12.93 -0.36 -2.92
N SER A 73 -13.54 0.09 -3.99
CA SER A 73 -14.57 -0.67 -4.68
C SER A 73 -13.92 -1.64 -5.66
N ASP A 74 -12.76 -1.22 -6.18
CA ASP A 74 -12.00 -2.02 -7.14
C ASP A 74 -10.81 -2.67 -6.45
N ASP A 75 -10.96 -2.91 -5.14
CA ASP A 75 -9.90 -3.47 -4.32
C ASP A 75 -9.51 -4.86 -4.79
N SER A 76 -10.45 -5.55 -5.42
CA SER A 76 -10.22 -6.89 -5.91
C SER A 76 -9.90 -6.89 -7.40
N ARG A 77 -9.57 -5.71 -7.94
CA ARG A 77 -9.23 -5.58 -9.34
C ARG A 77 -7.91 -4.82 -9.48
N PRO A 78 -7.24 -4.93 -10.64
CA PRO A 78 -5.97 -4.23 -10.90
C PRO A 78 -6.08 -2.72 -10.69
N LEU A 79 -5.22 -2.17 -9.85
CA LEU A 79 -5.24 -0.75 -9.53
C LEU A 79 -5.03 0.10 -10.79
N GLY A 80 -4.20 -0.41 -11.69
CA GLY A 80 -3.88 0.32 -12.90
C GLY A 80 -5.04 0.40 -13.87
N PHE A 81 -6.05 -0.44 -13.66
CA PHE A 81 -7.25 -0.40 -14.51
C PHE A 81 -8.02 0.87 -14.26
N PHE A 82 -8.20 1.20 -12.98
CA PHE A 82 -8.88 2.43 -12.59
C PHE A 82 -7.97 3.63 -12.82
N SER A 83 -6.69 3.46 -12.48
CA SER A 83 -5.70 4.53 -12.60
C SER A 83 -6.07 5.70 -11.69
N PRO A 84 -5.60 5.67 -10.43
CA PRO A 84 -5.89 6.71 -9.46
C PRO A 84 -4.99 7.94 -9.62
N PHE A 85 -5.03 8.84 -8.64
CA PHE A 85 -4.22 10.06 -8.68
C PHE A 85 -2.73 9.72 -8.63
N ASP A 86 -2.40 8.62 -7.93
CA ASP A 86 -1.02 8.13 -7.80
C ASP A 86 -0.19 9.03 -6.87
N GLY A 87 0.52 8.41 -5.94
CA GLY A 87 1.29 9.16 -4.97
C GLY A 87 0.53 9.36 -3.68
N PHE A 88 -0.12 8.31 -3.20
CA PHE A 88 -0.96 8.39 -2.02
C PHE A 88 -0.18 8.07 -0.75
N ARG A 89 -0.79 8.39 0.39
CA ARG A 89 -0.22 8.09 1.69
C ARG A 89 -0.79 6.77 2.20
N LEU A 90 0.05 5.76 2.37
CA LEU A 90 -0.38 4.50 2.95
C LEU A 90 -0.20 4.56 4.47
N HIS A 91 -1.08 5.29 5.13
CA HIS A 91 -0.97 5.49 6.56
C HIS A 91 -1.53 4.30 7.33
N ILE A 92 -0.64 3.48 7.83
CA ILE A 92 -1.01 2.31 8.62
C ILE A 92 -1.15 2.68 10.08
N ILE A 93 -2.30 2.39 10.67
CA ILE A 93 -2.53 2.68 12.07
C ILE A 93 -1.86 1.63 12.95
N ASP A 94 -0.83 2.05 13.67
CA ASP A 94 -0.13 1.14 14.58
C ASP A 94 -0.85 1.09 15.91
N LEU A 95 -1.74 0.12 16.05
CA LEU A 95 -2.52 -0.03 17.27
C LEU A 95 -2.35 -1.41 17.86
N ASP A 96 -1.43 -2.18 17.28
CA ASP A 96 -1.22 -3.56 17.73
C ASP A 96 -0.30 -3.59 18.94
N PRO A 97 -0.81 -4.06 20.08
CA PRO A 97 -0.06 -4.14 21.32
C PRO A 97 0.61 -5.51 21.48
N MET A 1 31.36 2.79 6.26
CA MET A 1 30.06 2.66 5.57
C MET A 1 29.95 3.68 4.44
N GLY A 2 28.92 3.53 3.61
CA GLY A 2 28.74 4.41 2.49
C GLY A 2 28.10 3.68 1.33
N HIS A 3 26.82 3.39 1.47
CA HIS A 3 26.09 2.64 0.46
C HIS A 3 25.06 3.54 -0.22
N HIS A 4 25.17 3.66 -1.53
CA HIS A 4 24.21 4.46 -2.29
C HIS A 4 23.40 3.55 -3.21
N HIS A 5 22.15 3.33 -2.83
CA HIS A 5 21.24 2.53 -3.62
C HIS A 5 20.09 3.39 -4.12
N HIS A 6 20.32 4.11 -5.20
CA HIS A 6 19.33 5.05 -5.70
C HIS A 6 19.20 4.93 -7.22
N HIS A 7 18.08 4.41 -7.66
CA HIS A 7 17.80 4.29 -9.08
C HIS A 7 16.46 4.92 -9.37
N HIS A 8 16.46 6.05 -10.05
CA HIS A 8 15.23 6.80 -10.32
C HIS A 8 14.33 6.03 -11.28
N SER A 9 14.93 5.42 -12.29
CA SER A 9 14.20 4.65 -13.28
C SER A 9 13.20 5.53 -14.03
N HIS A 10 12.21 4.91 -14.65
CA HIS A 10 11.11 5.62 -15.27
C HIS A 10 9.80 4.93 -14.90
N GLY A 11 9.15 5.44 -13.86
CA GLY A 11 7.97 4.81 -13.33
C GLY A 11 6.70 5.26 -14.05
N ASP A 12 6.54 4.78 -15.28
CA ASP A 12 5.34 5.07 -16.05
C ASP A 12 4.33 3.93 -15.88
N ASP A 13 4.84 2.72 -15.82
CA ASP A 13 4.00 1.54 -15.64
C ASP A 13 4.09 1.04 -14.20
N SER A 14 5.31 1.08 -13.66
CA SER A 14 5.53 0.67 -12.28
C SER A 14 5.09 1.77 -11.33
N VAL A 15 3.96 1.53 -10.66
CA VAL A 15 3.40 2.52 -9.76
C VAL A 15 4.20 2.59 -8.45
N HIS A 16 4.15 3.74 -7.80
CA HIS A 16 4.84 3.94 -6.54
C HIS A 16 3.81 4.02 -5.43
N LEU A 17 4.21 3.65 -4.24
CA LEU A 17 3.34 3.74 -3.08
C LEU A 17 3.93 4.72 -2.09
N HIS A 18 3.61 4.54 -0.82
CA HIS A 18 4.24 5.30 0.26
C HIS A 18 3.71 4.81 1.60
N ILE A 19 4.44 3.91 2.22
CA ILE A 19 4.03 3.31 3.47
C ILE A 19 4.36 4.24 4.62
N THR A 20 3.40 4.45 5.51
CA THR A 20 3.59 5.29 6.68
C THR A 20 2.83 4.68 7.87
N HIS A 21 3.36 4.85 9.07
CA HIS A 21 2.73 4.30 10.26
C HIS A 21 2.29 5.40 11.20
N ALA A 22 1.67 5.02 12.30
CA ALA A 22 1.37 5.93 13.38
C ALA A 22 2.51 5.91 14.38
N ASN A 23 3.11 4.73 14.51
CA ASN A 23 4.33 4.56 15.29
C ASN A 23 5.46 5.31 14.62
N LEU A 24 5.74 4.96 13.38
CA LEU A 24 6.76 5.64 12.60
C LEU A 24 6.18 6.85 11.90
N LYS A 25 6.37 8.01 12.52
CA LYS A 25 5.85 9.27 11.98
C LYS A 25 6.62 9.65 10.72
N SER A 26 7.93 9.81 10.87
CA SER A 26 8.80 10.08 9.73
C SER A 26 9.14 8.78 9.02
N PHE A 27 8.26 8.37 8.11
CA PHE A 27 8.45 7.13 7.38
C PHE A 27 7.95 7.29 5.95
N SER A 28 8.89 7.37 5.02
CA SER A 28 8.56 7.49 3.62
C SER A 28 9.31 6.43 2.82
N ALA A 29 8.79 5.21 2.86
CA ALA A 29 9.38 4.11 2.14
C ALA A 29 8.28 3.27 1.50
N ASP A 30 8.57 2.68 0.35
CA ASP A 30 7.60 1.85 -0.34
C ASP A 30 8.28 1.04 -1.42
N ALA A 31 7.49 0.20 -2.08
CA ALA A 31 8.00 -0.67 -3.11
C ALA A 31 7.19 -0.50 -4.39
N ARG A 32 7.89 -0.27 -5.49
CA ARG A 32 7.24 -0.14 -6.79
C ARG A 32 6.68 -1.49 -7.25
N PHE A 33 5.38 -1.51 -7.52
CA PHE A 33 4.71 -2.72 -7.95
C PHE A 33 3.91 -2.47 -9.22
N SER A 34 3.15 -3.46 -9.63
CA SER A 34 2.30 -3.37 -10.79
C SER A 34 0.91 -2.86 -10.39
N PRO A 35 0.24 -2.13 -11.29
CA PRO A 35 -1.11 -1.62 -11.03
C PRO A 35 -2.17 -2.72 -11.02
N GLN A 36 -1.71 -3.96 -11.15
CA GLN A 36 -2.60 -5.10 -11.19
C GLN A 36 -2.62 -5.83 -9.84
N MET A 37 -1.96 -5.23 -8.86
CA MET A 37 -1.95 -5.77 -7.51
C MET A 37 -3.27 -5.47 -6.82
N SER A 38 -4.10 -6.49 -6.65
CA SER A 38 -5.40 -6.33 -6.03
C SER A 38 -5.29 -6.37 -4.51
N VAL A 39 -6.11 -5.57 -3.84
CA VAL A 39 -6.11 -5.50 -2.38
C VAL A 39 -6.50 -6.85 -1.77
N GLU A 40 -7.31 -7.61 -2.50
CA GLU A 40 -7.75 -8.90 -2.03
C GLU A 40 -6.56 -9.88 -1.99
N ALA A 41 -5.71 -9.81 -3.00
CA ALA A 41 -4.58 -10.71 -3.13
C ALA A 41 -3.51 -10.43 -2.08
N VAL A 42 -3.27 -9.15 -1.81
CA VAL A 42 -2.22 -8.77 -0.87
C VAL A 42 -2.58 -9.19 0.56
N LYS A 43 -3.87 -9.27 0.85
CA LYS A 43 -4.34 -9.72 2.16
C LYS A 43 -3.88 -11.15 2.41
N GLU A 44 -4.06 -12.01 1.41
CA GLU A 44 -3.69 -13.42 1.54
C GLU A 44 -2.17 -13.57 1.61
N LYS A 45 -1.46 -12.66 0.95
CA LYS A 45 0.01 -12.73 0.93
C LYS A 45 0.58 -12.33 2.29
N LEU A 46 -0.12 -11.44 2.97
CA LEU A 46 0.26 -11.08 4.34
C LEU A 46 -0.14 -12.19 5.29
N TRP A 47 -1.31 -12.77 5.05
CA TRP A 47 -1.81 -13.90 5.81
C TRP A 47 -0.84 -15.08 5.74
N LYS A 48 -0.22 -15.25 4.57
CA LYS A 48 0.73 -16.34 4.36
C LYS A 48 2.14 -15.95 4.77
N LYS A 49 2.28 -14.85 5.50
CA LYS A 49 3.59 -14.42 5.99
C LYS A 49 3.54 -14.13 7.48
N CYS A 50 2.55 -13.35 7.89
CA CYS A 50 2.41 -12.96 9.28
C CYS A 50 1.51 -13.94 10.04
N GLY A 51 0.52 -14.48 9.35
CA GLY A 51 -0.43 -15.37 9.99
C GLY A 51 -1.45 -14.62 10.81
N THR A 52 -1.40 -13.30 10.73
CA THR A 52 -2.31 -12.44 11.47
C THR A 52 -3.47 -12.02 10.59
N SER A 53 -4.68 -12.03 11.15
CA SER A 53 -5.85 -11.56 10.44
C SER A 53 -5.78 -10.05 10.25
N VAL A 54 -6.20 -9.58 9.08
CA VAL A 54 -6.03 -8.17 8.71
C VAL A 54 -7.02 -7.26 9.43
N ASN A 55 -7.73 -7.79 10.42
CA ASN A 55 -8.70 -7.01 11.19
C ASN A 55 -7.97 -6.01 12.08
N SER A 56 -6.76 -6.37 12.52
CA SER A 56 -5.99 -5.53 13.41
C SER A 56 -5.17 -4.49 12.65
N MET A 57 -5.45 -4.35 11.36
CA MET A 57 -4.72 -3.42 10.51
C MET A 57 -5.68 -2.50 9.76
N ALA A 58 -5.72 -1.24 10.17
CA ALA A 58 -6.57 -0.26 9.52
C ALA A 58 -5.76 0.58 8.55
N LEU A 59 -6.15 0.56 7.28
CA LEU A 59 -5.46 1.31 6.24
C LEU A 59 -6.18 2.60 5.95
N GLU A 60 -5.54 3.68 6.31
CA GLU A 60 -6.06 5.00 6.04
C GLU A 60 -5.27 5.62 4.90
N LEU A 61 -5.93 5.81 3.76
CA LEU A 61 -5.27 6.29 2.56
C LEU A 61 -5.37 7.80 2.45
N TYR A 62 -4.22 8.46 2.46
CA TYR A 62 -4.17 9.91 2.28
C TYR A 62 -3.84 10.27 0.84
N ASP A 63 -4.47 11.32 0.33
CA ASP A 63 -4.09 11.90 -0.93
C ASP A 63 -3.35 13.20 -0.67
N ASP A 64 -2.83 13.83 -1.70
CA ASP A 64 -1.94 14.97 -1.52
C ASP A 64 -2.66 16.31 -1.64
N SER A 65 -3.92 16.28 -2.02
CA SER A 65 -4.69 17.52 -2.20
C SER A 65 -5.77 17.65 -1.13
N GLY A 66 -6.32 16.53 -0.71
CA GLY A 66 -7.35 16.55 0.32
C GLY A 66 -6.88 15.90 1.60
N SER A 67 -7.48 14.77 1.95
CA SER A 67 -7.10 14.04 3.14
C SER A 67 -7.40 12.55 2.97
N LYS A 68 -8.65 12.16 3.20
CA LYS A 68 -9.02 10.76 3.17
C LYS A 68 -9.64 10.38 1.83
N VAL A 69 -9.05 9.40 1.15
CA VAL A 69 -9.55 8.91 -0.12
C VAL A 69 -9.70 7.39 -0.09
N ALA A 70 -10.20 6.88 1.02
CA ALA A 70 -10.33 5.43 1.21
C ALA A 70 -11.53 4.88 0.44
N VAL A 71 -11.27 4.09 -0.59
CA VAL A 71 -12.32 3.40 -1.32
C VAL A 71 -12.47 1.98 -0.77
N LEU A 72 -11.47 1.14 -1.03
CA LEU A 72 -11.35 -0.18 -0.40
C LEU A 72 -12.49 -1.11 -0.83
N SER A 73 -13.10 -0.82 -1.96
CA SER A 73 -14.14 -1.68 -2.51
C SER A 73 -13.70 -2.19 -3.87
N ASP A 74 -12.49 -1.83 -4.21
CA ASP A 74 -11.87 -2.14 -5.50
C ASP A 74 -10.92 -3.32 -5.36
N ASP A 75 -11.03 -4.02 -4.24
CA ASP A 75 -10.08 -5.07 -3.88
C ASP A 75 -10.08 -6.25 -4.85
N SER A 76 -11.20 -6.45 -5.54
CA SER A 76 -11.33 -7.57 -6.47
C SER A 76 -10.96 -7.17 -7.89
N ARG A 77 -10.53 -5.93 -8.07
CA ARG A 77 -10.13 -5.42 -9.37
C ARG A 77 -8.69 -4.94 -9.31
N PRO A 78 -8.03 -4.83 -10.47
CA PRO A 78 -6.71 -4.19 -10.55
C PRO A 78 -6.83 -2.70 -10.25
N LEU A 79 -5.95 -2.19 -9.41
CA LEU A 79 -5.99 -0.78 -9.03
C LEU A 79 -5.81 0.12 -10.25
N GLY A 80 -5.08 -0.39 -11.24
CA GLY A 80 -4.87 0.35 -12.47
C GLY A 80 -6.15 0.50 -13.28
N PHE A 81 -7.16 -0.30 -12.96
CA PHE A 81 -8.45 -0.22 -13.64
C PHE A 81 -9.16 1.07 -13.26
N PHE A 82 -8.89 1.54 -12.04
CA PHE A 82 -9.41 2.82 -11.59
C PHE A 82 -8.46 3.94 -12.01
N SER A 83 -7.19 3.57 -12.19
CA SER A 83 -6.14 4.50 -12.60
C SER A 83 -5.88 5.55 -11.52
N PRO A 84 -5.06 5.20 -10.52
CA PRO A 84 -4.73 6.08 -9.41
C PRO A 84 -3.44 6.86 -9.63
N PHE A 85 -2.92 7.43 -8.55
CA PHE A 85 -1.67 8.17 -8.61
C PHE A 85 -0.60 7.43 -7.81
N ASP A 86 0.63 7.93 -7.83
CA ASP A 86 1.73 7.28 -7.13
C ASP A 86 2.16 8.12 -5.93
N GLY A 87 1.42 9.19 -5.68
CA GLY A 87 1.75 10.07 -4.58
C GLY A 87 0.81 9.91 -3.40
N PHE A 88 0.15 8.76 -3.32
CA PHE A 88 -0.73 8.47 -2.20
C PHE A 88 0.07 8.00 -1.00
N ARG A 89 -0.40 8.34 0.19
CA ARG A 89 0.29 7.98 1.41
C ARG A 89 -0.55 7.03 2.23
N LEU A 90 -0.04 5.82 2.42
CA LEU A 90 -0.77 4.78 3.14
C LEU A 90 -0.48 4.87 4.63
N HIS A 91 -1.40 5.46 5.36
CA HIS A 91 -1.25 5.61 6.81
C HIS A 91 -1.78 4.36 7.51
N ILE A 92 -0.87 3.45 7.81
CA ILE A 92 -1.23 2.24 8.53
C ILE A 92 -1.45 2.55 9.99
N ILE A 93 -2.68 2.41 10.45
CA ILE A 93 -3.02 2.66 11.83
C ILE A 93 -2.50 1.54 12.71
N ASP A 94 -1.49 1.85 13.51
CA ASP A 94 -0.92 0.89 14.45
C ASP A 94 -1.93 0.55 15.53
N LEU A 95 -2.59 -0.59 15.36
CA LEU A 95 -3.56 -1.07 16.32
C LEU A 95 -2.94 -2.14 17.19
N ASP A 96 -3.78 -2.90 17.87
CA ASP A 96 -3.31 -3.95 18.76
C ASP A 96 -3.72 -5.32 18.25
N PRO A 97 -2.76 -6.08 17.72
CA PRO A 97 -3.00 -7.45 17.27
C PRO A 97 -2.88 -8.43 18.42
N MET A 1 1.86 -32.00 -12.41
CA MET A 1 1.64 -30.66 -11.79
C MET A 1 2.96 -29.92 -11.71
N GLY A 2 3.04 -28.79 -12.41
CA GLY A 2 4.27 -28.01 -12.43
C GLY A 2 4.08 -26.65 -11.80
N HIS A 3 5.05 -26.20 -11.04
CA HIS A 3 4.98 -24.91 -10.38
C HIS A 3 5.40 -23.82 -11.35
N HIS A 4 4.46 -22.96 -11.72
CA HIS A 4 4.75 -21.84 -12.59
C HIS A 4 5.26 -20.67 -11.76
N HIS A 5 6.34 -20.91 -11.04
CA HIS A 5 6.94 -19.88 -10.19
C HIS A 5 7.79 -18.94 -11.04
N HIS A 6 7.11 -18.11 -11.80
CA HIS A 6 7.74 -17.14 -12.67
C HIS A 6 6.68 -16.26 -13.30
N HIS A 7 6.61 -15.01 -12.86
CA HIS A 7 5.60 -14.09 -13.36
C HIS A 7 5.99 -13.59 -14.74
N HIS A 8 4.98 -13.16 -15.50
CA HIS A 8 5.22 -12.61 -16.84
C HIS A 8 5.95 -11.27 -16.70
N SER A 9 7.21 -11.25 -17.12
CA SER A 9 8.06 -10.09 -16.93
C SER A 9 7.57 -8.86 -17.68
N HIS A 10 6.76 -8.06 -17.01
CA HIS A 10 6.32 -6.78 -17.55
C HIS A 10 5.98 -5.85 -16.40
N GLY A 11 6.64 -6.08 -15.26
CA GLY A 11 6.45 -5.23 -14.10
C GLY A 11 7.41 -4.07 -14.12
N ASP A 12 7.60 -3.48 -15.29
CA ASP A 12 8.50 -2.35 -15.46
C ASP A 12 7.89 -1.08 -14.91
N ASP A 13 6.61 -0.90 -15.16
CA ASP A 13 5.90 0.27 -14.66
C ASP A 13 5.14 -0.07 -13.40
N SER A 14 5.27 0.76 -12.40
CA SER A 14 4.62 0.55 -11.12
C SER A 14 4.36 1.88 -10.43
N VAL A 15 3.34 1.91 -9.58
CA VAL A 15 3.04 3.11 -8.81
C VAL A 15 3.88 3.12 -7.54
N HIS A 16 4.15 4.29 -7.02
CA HIS A 16 4.98 4.41 -5.83
C HIS A 16 4.14 4.56 -4.59
N LEU A 17 3.82 3.43 -3.97
CA LEU A 17 3.04 3.41 -2.75
C LEU A 17 3.93 3.79 -1.58
N HIS A 18 3.66 4.93 -0.97
CA HIS A 18 4.47 5.43 0.13
C HIS A 18 3.90 4.98 1.46
N ILE A 19 4.40 3.86 1.96
CA ILE A 19 3.93 3.31 3.22
C ILE A 19 4.35 4.19 4.38
N THR A 20 3.38 4.73 5.09
CA THR A 20 3.65 5.62 6.21
C THR A 20 3.00 5.07 7.48
N HIS A 21 3.80 4.91 8.54
CA HIS A 21 3.31 4.35 9.78
C HIS A 21 2.66 5.44 10.65
N ALA A 22 1.91 5.02 11.66
CA ALA A 22 1.27 5.96 12.57
C ALA A 22 2.09 6.09 13.84
N ASN A 23 2.64 4.97 14.30
CA ASN A 23 3.50 4.98 15.48
C ASN A 23 4.86 5.54 15.10
N LEU A 24 5.55 4.84 14.23
CA LEU A 24 6.83 5.31 13.71
C LEU A 24 6.60 6.18 12.49
N LYS A 25 6.50 7.49 12.72
CA LYS A 25 6.21 8.43 11.65
C LYS A 25 7.39 8.51 10.68
N SER A 26 8.58 8.24 11.18
CA SER A 26 9.79 8.25 10.37
C SER A 26 9.79 7.06 9.40
N PHE A 27 8.93 6.07 9.66
CA PHE A 27 8.83 4.91 8.79
C PHE A 27 8.07 5.28 7.52
N SER A 28 8.81 5.38 6.44
CA SER A 28 8.25 5.68 5.14
C SER A 28 8.91 4.81 4.09
N ALA A 29 8.12 3.92 3.49
CA ALA A 29 8.65 2.99 2.51
C ALA A 29 8.08 3.27 1.12
N ASP A 30 8.96 3.64 0.21
CA ASP A 30 8.58 3.83 -1.19
C ASP A 30 8.54 2.47 -1.88
N ALA A 31 7.35 1.96 -2.09
CA ALA A 31 7.18 0.64 -2.66
C ALA A 31 6.54 0.70 -4.04
N ARG A 32 7.26 0.23 -5.04
CA ARG A 32 6.76 0.20 -6.40
C ARG A 32 6.02 -1.10 -6.69
N PHE A 33 4.72 -0.98 -6.94
CA PHE A 33 3.91 -2.12 -7.32
C PHE A 33 3.02 -1.75 -8.51
N SER A 34 2.86 -2.69 -9.44
CA SER A 34 2.01 -2.46 -10.61
C SER A 34 0.56 -2.24 -10.18
N PRO A 35 -0.16 -1.35 -10.89
CA PRO A 35 -1.54 -0.99 -10.56
C PRO A 35 -2.51 -2.16 -10.70
N GLN A 36 -2.02 -3.27 -11.21
CA GLN A 36 -2.82 -4.49 -11.34
C GLN A 36 -2.95 -5.19 -9.99
N MET A 37 -2.14 -4.77 -9.03
CA MET A 37 -2.15 -5.33 -7.69
C MET A 37 -3.17 -4.59 -6.83
N SER A 38 -3.80 -5.32 -5.92
CA SER A 38 -4.80 -4.75 -5.03
C SER A 38 -4.23 -4.50 -3.65
N VAL A 39 -4.90 -3.68 -2.86
CA VAL A 39 -4.50 -3.42 -1.49
C VAL A 39 -4.63 -4.69 -0.66
N GLU A 40 -5.64 -5.47 -1.00
CA GLU A 40 -5.90 -6.78 -0.37
C GLU A 40 -4.64 -7.65 -0.40
N ALA A 41 -3.97 -7.68 -1.54
CA ALA A 41 -2.78 -8.51 -1.71
C ALA A 41 -1.63 -8.02 -0.83
N VAL A 42 -1.57 -6.70 -0.62
CA VAL A 42 -0.54 -6.11 0.23
C VAL A 42 -0.85 -6.40 1.69
N LYS A 43 -2.13 -6.28 2.04
CA LYS A 43 -2.60 -6.50 3.40
C LYS A 43 -2.32 -7.93 3.87
N GLU A 44 -2.31 -8.87 2.93
CA GLU A 44 -1.98 -10.26 3.23
C GLU A 44 -0.65 -10.36 3.97
N LYS A 45 0.36 -9.69 3.41
CA LYS A 45 1.72 -9.81 3.89
C LYS A 45 1.88 -9.19 5.27
N LEU A 46 1.16 -8.11 5.52
CA LEU A 46 1.21 -7.43 6.80
C LEU A 46 0.41 -8.22 7.84
N TRP A 47 -0.69 -8.80 7.40
CA TRP A 47 -1.56 -9.59 8.28
C TRP A 47 -0.84 -10.83 8.80
N LYS A 48 -0.37 -11.68 7.89
CA LYS A 48 0.24 -12.95 8.28
C LYS A 48 1.62 -12.76 8.89
N LYS A 49 2.10 -11.53 8.87
CA LYS A 49 3.33 -11.19 9.57
C LYS A 49 3.06 -11.06 11.06
N CYS A 50 1.88 -10.57 11.39
CA CYS A 50 1.55 -10.23 12.77
C CYS A 50 0.66 -11.28 13.42
N GLY A 51 -0.42 -11.67 12.74
CA GLY A 51 -1.41 -12.53 13.37
C GLY A 51 -2.37 -11.73 14.20
N THR A 52 -2.57 -10.49 13.79
CA THR A 52 -3.45 -9.56 14.49
C THR A 52 -4.80 -9.48 13.77
N SER A 53 -5.84 -9.06 14.49
CA SER A 53 -7.16 -8.86 13.89
C SER A 53 -7.06 -7.92 12.70
N VAL A 54 -7.75 -8.26 11.61
CA VAL A 54 -7.67 -7.47 10.39
C VAL A 54 -8.30 -6.07 10.57
N ASN A 55 -9.19 -5.97 11.55
CA ASN A 55 -9.83 -4.70 11.86
C ASN A 55 -8.88 -3.79 12.64
N SER A 56 -7.94 -4.40 13.35
CA SER A 56 -6.94 -3.65 14.10
C SER A 56 -5.91 -3.03 13.15
N MET A 57 -5.76 -3.65 11.98
CA MET A 57 -4.85 -3.14 10.97
C MET A 57 -5.59 -2.21 10.02
N ALA A 58 -5.71 -0.95 10.44
CA ALA A 58 -6.39 0.04 9.64
C ALA A 58 -5.42 0.72 8.69
N LEU A 59 -5.85 0.93 7.47
CA LEU A 59 -5.01 1.57 6.47
C LEU A 59 -5.73 2.81 5.94
N GLU A 60 -5.10 3.96 6.10
CA GLU A 60 -5.66 5.20 5.58
C GLU A 60 -5.05 5.51 4.23
N LEU A 61 -5.85 5.35 3.17
CA LEU A 61 -5.39 5.67 1.83
C LEU A 61 -5.33 7.18 1.65
N TYR A 62 -4.19 7.76 1.99
CA TYR A 62 -4.05 9.20 2.05
C TYR A 62 -3.46 9.78 0.78
N ASP A 63 -4.23 10.65 0.14
CA ASP A 63 -3.66 11.64 -0.75
C ASP A 63 -3.06 12.72 0.13
N ASP A 64 -1.96 13.32 -0.26
CA ASP A 64 -1.26 14.24 0.63
C ASP A 64 -1.93 15.60 0.67
N SER A 65 -3.16 15.58 1.14
CA SER A 65 -3.93 16.80 1.37
C SER A 65 -4.39 16.83 2.83
N GLY A 66 -4.75 15.67 3.36
CA GLY A 66 -5.15 15.57 4.74
C GLY A 66 -6.08 14.41 5.00
N SER A 67 -7.16 14.36 4.24
CA SER A 67 -8.14 13.30 4.39
C SER A 67 -7.89 12.19 3.37
N LYS A 68 -8.52 11.05 3.59
CA LYS A 68 -8.43 9.93 2.66
C LYS A 68 -9.40 10.14 1.50
N VAL A 69 -8.95 9.81 0.30
CA VAL A 69 -9.75 10.05 -0.90
C VAL A 69 -10.68 8.88 -1.19
N ALA A 70 -10.61 7.85 -0.37
CA ALA A 70 -11.43 6.66 -0.58
C ALA A 70 -11.80 6.02 0.75
N VAL A 71 -12.95 5.38 0.77
CA VAL A 71 -13.40 4.62 1.93
C VAL A 71 -12.55 3.35 2.08
N LEU A 72 -11.87 2.99 0.98
CA LEU A 72 -10.92 1.87 0.94
C LEU A 72 -11.62 0.54 1.20
N SER A 73 -12.92 0.51 1.01
CA SER A 73 -13.65 -0.75 1.00
C SER A 73 -13.53 -1.36 -0.39
N ASP A 74 -12.78 -0.65 -1.22
CA ASP A 74 -12.46 -1.08 -2.58
C ASP A 74 -11.05 -1.66 -2.60
N ASP A 75 -10.60 -2.13 -1.44
CA ASP A 75 -9.22 -2.59 -1.27
C ASP A 75 -8.97 -3.90 -2.01
N SER A 76 -10.04 -4.57 -2.39
CA SER A 76 -9.92 -5.82 -3.14
C SER A 76 -9.86 -5.50 -4.64
N ARG A 77 -9.98 -4.22 -4.98
CA ARG A 77 -9.91 -3.76 -6.36
C ARG A 77 -8.46 -3.44 -6.72
N PRO A 78 -8.06 -3.68 -7.98
CA PRO A 78 -6.75 -3.27 -8.48
C PRO A 78 -6.66 -1.75 -8.58
N LEU A 79 -5.53 -1.22 -8.13
CA LEU A 79 -5.32 0.24 -8.06
C LEU A 79 -5.53 0.91 -9.41
N GLY A 80 -5.12 0.24 -10.48
CA GLY A 80 -5.21 0.81 -11.81
C GLY A 80 -6.61 0.78 -12.36
N PHE A 81 -7.50 0.06 -11.68
CA PHE A 81 -8.89 -0.02 -12.08
C PHE A 81 -9.72 0.88 -11.15
N PHE A 82 -9.03 1.49 -10.20
CA PHE A 82 -9.66 2.42 -9.27
C PHE A 82 -9.32 3.85 -9.66
N SER A 83 -8.02 4.19 -9.58
CA SER A 83 -7.54 5.51 -9.98
C SER A 83 -6.01 5.57 -9.89
N PRO A 84 -5.33 5.53 -11.04
CA PRO A 84 -3.87 5.59 -11.12
C PRO A 84 -3.35 7.02 -10.98
N PHE A 85 -3.45 7.55 -9.77
CA PHE A 85 -2.97 8.90 -9.47
C PHE A 85 -1.44 8.99 -9.61
N ASP A 86 -0.74 8.22 -8.78
CA ASP A 86 0.72 8.25 -8.73
C ASP A 86 1.22 7.30 -7.65
N GLY A 87 0.75 7.52 -6.44
CA GLY A 87 1.14 6.69 -5.32
C GLY A 87 0.72 7.32 -4.02
N PHE A 88 -0.40 6.87 -3.48
CA PHE A 88 -0.93 7.43 -2.25
C PHE A 88 -0.07 7.03 -1.06
N ARG A 89 -0.20 7.76 0.03
CA ARG A 89 0.53 7.43 1.24
C ARG A 89 -0.27 6.42 2.04
N LEU A 90 0.22 5.19 2.06
CA LEU A 90 -0.43 4.12 2.78
C LEU A 90 -0.18 4.30 4.28
N HIS A 91 -1.05 5.05 4.93
CA HIS A 91 -0.88 5.34 6.34
C HIS A 91 -1.41 4.18 7.18
N ILE A 92 -0.51 3.30 7.56
CA ILE A 92 -0.85 2.15 8.38
C ILE A 92 -1.08 2.61 9.82
N ILE A 93 -2.30 2.41 10.29
CA ILE A 93 -2.66 2.81 11.64
C ILE A 93 -2.19 1.75 12.62
N ASP A 94 -1.15 2.07 13.37
CA ASP A 94 -0.69 1.21 14.46
C ASP A 94 -1.67 1.32 15.62
N LEU A 95 -2.88 0.80 15.40
CA LEU A 95 -3.95 0.90 16.37
C LEU A 95 -3.73 -0.07 17.51
N ASP A 96 -3.35 -1.30 17.17
CA ASP A 96 -3.11 -2.33 18.17
C ASP A 96 -1.70 -2.16 18.74
N PRO A 97 -1.60 -1.84 20.03
CA PRO A 97 -0.33 -1.57 20.70
C PRO A 97 0.45 -2.84 21.04
N MET A 1 30.61 4.62 6.52
CA MET A 1 29.34 4.20 5.88
C MET A 1 29.25 4.76 4.46
N GLY A 2 29.44 3.89 3.49
CA GLY A 2 29.36 4.30 2.10
C GLY A 2 28.12 3.72 1.43
N HIS A 3 26.97 4.16 1.90
CA HIS A 3 25.69 3.64 1.42
C HIS A 3 25.37 4.21 0.03
N HIS A 4 25.52 3.37 -0.98
CA HIS A 4 25.13 3.76 -2.33
C HIS A 4 24.12 2.75 -2.87
N HIS A 5 22.86 3.14 -2.86
CA HIS A 5 21.77 2.28 -3.29
C HIS A 5 20.61 3.14 -3.75
N HIS A 6 20.79 3.78 -4.90
CA HIS A 6 19.80 4.71 -5.42
C HIS A 6 19.73 4.60 -6.93
N HIS A 7 18.53 4.53 -7.46
CA HIS A 7 18.34 4.53 -8.90
C HIS A 7 17.25 5.53 -9.26
N HIS A 8 17.19 5.91 -10.51
CA HIS A 8 16.10 6.74 -11.00
C HIS A 8 15.02 5.84 -11.59
N SER A 9 15.44 4.95 -12.48
CA SER A 9 14.55 3.98 -13.13
C SER A 9 13.52 4.68 -14.01
N HIS A 10 13.58 4.45 -15.30
CA HIS A 10 12.63 5.01 -16.24
C HIS A 10 11.29 4.32 -16.09
N GLY A 11 10.43 4.91 -15.27
CA GLY A 11 9.15 4.33 -14.96
C GLY A 11 8.21 4.28 -16.15
N ASP A 12 8.05 3.10 -16.71
CA ASP A 12 7.12 2.90 -17.81
C ASP A 12 5.84 2.26 -17.29
N ASP A 13 6.02 1.38 -16.31
CA ASP A 13 4.90 0.71 -15.66
C ASP A 13 5.23 0.43 -14.19
N SER A 14 4.95 1.39 -13.33
CA SER A 14 5.25 1.27 -11.92
C SER A 14 4.60 2.40 -11.13
N VAL A 15 3.95 2.05 -10.02
CA VAL A 15 3.33 3.05 -9.17
C VAL A 15 3.89 2.98 -7.75
N HIS A 16 4.21 4.15 -7.19
CA HIS A 16 4.75 4.22 -5.84
C HIS A 16 3.64 4.26 -4.81
N LEU A 17 3.47 3.16 -4.10
CA LEU A 17 2.56 3.13 -2.97
C LEU A 17 3.32 3.59 -1.73
N HIS A 18 3.13 4.85 -1.37
CA HIS A 18 3.92 5.47 -0.31
C HIS A 18 3.41 5.00 1.05
N ILE A 19 4.13 4.07 1.64
CA ILE A 19 3.74 3.48 2.91
C ILE A 19 4.27 4.31 4.08
N THR A 20 3.43 4.54 5.07
CA THR A 20 3.83 5.25 6.27
C THR A 20 3.20 4.61 7.50
N HIS A 21 3.94 4.54 8.60
CA HIS A 21 3.45 3.92 9.82
C HIS A 21 2.80 4.98 10.72
N ALA A 22 1.84 4.57 11.53
CA ALA A 22 1.16 5.51 12.41
C ALA A 22 2.06 5.95 13.56
N ASN A 23 2.61 4.98 14.29
CA ASN A 23 3.45 5.28 15.43
C ASN A 23 4.85 5.74 14.98
N LEU A 24 5.17 5.53 13.71
CA LEU A 24 6.45 5.95 13.15
C LEU A 24 6.24 6.92 11.99
N LYS A 25 6.39 8.20 12.28
CA LYS A 25 6.18 9.26 11.29
C LYS A 25 7.25 9.20 10.20
N SER A 26 8.50 9.03 10.60
CA SER A 26 9.58 8.94 9.64
C SER A 26 9.75 7.49 9.18
N PHE A 27 9.06 7.15 8.11
CA PHE A 27 9.11 5.81 7.56
C PHE A 27 9.30 5.87 6.05
N SER A 28 10.54 5.77 5.61
CA SER A 28 10.84 5.82 4.18
C SER A 28 11.14 4.42 3.66
N ALA A 29 10.10 3.70 3.28
CA ALA A 29 10.25 2.34 2.79
C ALA A 29 9.17 2.00 1.78
N ASP A 30 8.75 2.99 1.01
CA ASP A 30 7.73 2.78 -0.01
C ASP A 30 8.35 2.13 -1.23
N ALA A 31 7.53 1.45 -2.00
CA ALA A 31 8.00 0.71 -3.14
C ALA A 31 7.09 0.88 -4.34
N ARG A 32 7.63 0.63 -5.52
CA ARG A 32 6.83 0.63 -6.73
C ARG A 32 6.28 -0.76 -6.98
N PHE A 33 4.97 -0.91 -6.79
CA PHE A 33 4.34 -2.21 -6.87
C PHE A 33 3.69 -2.42 -8.24
N SER A 34 3.45 -3.68 -8.57
CA SER A 34 2.75 -4.03 -9.79
C SER A 34 1.25 -3.90 -9.57
N PRO A 35 0.59 -3.01 -10.34
CA PRO A 35 -0.83 -2.68 -10.15
C PRO A 35 -1.78 -3.87 -10.33
N GLN A 36 -1.33 -4.92 -11.00
CA GLN A 36 -2.20 -6.08 -11.25
C GLN A 36 -2.46 -6.89 -9.97
N MET A 37 -1.92 -6.43 -8.86
CA MET A 37 -2.21 -7.03 -7.56
C MET A 37 -3.30 -6.22 -6.85
N SER A 38 -4.28 -6.91 -6.28
CA SER A 38 -5.35 -6.25 -5.56
C SER A 38 -4.93 -5.93 -4.13
N VAL A 39 -5.51 -4.88 -3.56
CA VAL A 39 -5.22 -4.50 -2.18
C VAL A 39 -5.80 -5.55 -1.23
N GLU A 40 -6.88 -6.19 -1.66
CA GLU A 40 -7.46 -7.28 -0.89
C GLU A 40 -6.47 -8.43 -0.76
N ALA A 41 -5.75 -8.72 -1.85
CA ALA A 41 -4.78 -9.81 -1.86
C ALA A 41 -3.64 -9.55 -0.88
N VAL A 42 -3.21 -8.30 -0.77
CA VAL A 42 -2.11 -7.97 0.12
C VAL A 42 -2.56 -7.99 1.59
N LYS A 43 -3.83 -7.67 1.84
CA LYS A 43 -4.40 -7.78 3.17
C LYS A 43 -4.33 -9.24 3.61
N GLU A 44 -4.84 -10.11 2.74
CA GLU A 44 -4.84 -11.54 2.96
C GLU A 44 -3.41 -12.05 3.19
N LYS A 45 -2.50 -11.60 2.33
CA LYS A 45 -1.12 -12.07 2.37
C LYS A 45 -0.44 -11.70 3.68
N LEU A 46 -0.75 -10.51 4.19
CA LEU A 46 -0.20 -10.08 5.48
C LEU A 46 -0.91 -10.80 6.63
N TRP A 47 -2.22 -11.00 6.47
CA TRP A 47 -3.01 -11.74 7.45
C TRP A 47 -2.48 -13.15 7.63
N LYS A 48 -2.17 -13.79 6.50
CA LYS A 48 -1.64 -15.16 6.50
C LYS A 48 -0.30 -15.23 7.24
N LYS A 49 0.36 -14.10 7.38
CA LYS A 49 1.66 -14.04 8.03
C LYS A 49 1.52 -13.90 9.54
N CYS A 50 0.76 -12.91 9.98
CA CYS A 50 0.67 -12.60 11.40
C CYS A 50 -0.58 -13.19 12.07
N GLY A 51 -1.71 -13.15 11.35
CA GLY A 51 -2.96 -13.57 11.95
C GLY A 51 -3.68 -12.43 12.64
N THR A 52 -3.34 -11.22 12.25
CA THR A 52 -3.96 -10.03 12.82
C THR A 52 -5.21 -9.64 12.03
N SER A 53 -6.29 -9.33 12.73
CA SER A 53 -7.55 -8.98 12.10
C SER A 53 -7.36 -7.84 11.10
N VAL A 54 -7.95 -7.99 9.91
CA VAL A 54 -7.74 -7.04 8.82
C VAL A 54 -8.39 -5.69 9.09
N ASN A 55 -9.29 -5.65 10.06
CA ASN A 55 -9.91 -4.39 10.46
C ASN A 55 -8.98 -3.63 11.42
N SER A 56 -8.16 -4.37 12.16
CA SER A 56 -7.17 -3.78 13.04
C SER A 56 -6.00 -3.25 12.23
N MET A 57 -5.80 -3.84 11.06
CA MET A 57 -4.79 -3.36 10.13
C MET A 57 -5.42 -2.33 9.20
N ALA A 58 -5.71 -1.16 9.76
CA ALA A 58 -6.38 -0.10 9.03
C ALA A 58 -5.39 0.71 8.20
N LEU A 59 -5.66 0.81 6.91
CA LEU A 59 -4.81 1.56 6.01
C LEU A 59 -5.53 2.82 5.53
N GLU A 60 -5.25 3.94 6.17
CA GLU A 60 -5.85 5.20 5.75
C GLU A 60 -5.12 5.73 4.52
N LEU A 61 -5.83 5.75 3.40
CA LEU A 61 -5.27 6.25 2.17
C LEU A 61 -5.31 7.78 2.17
N TYR A 62 -4.18 8.38 2.44
CA TYR A 62 -4.07 9.83 2.41
C TYR A 62 -3.68 10.30 1.03
N ASP A 63 -4.54 11.10 0.42
CA ASP A 63 -4.23 11.67 -0.88
C ASP A 63 -3.35 12.90 -0.68
N ASP A 64 -2.56 13.23 -1.68
CA ASP A 64 -1.62 14.34 -1.57
C ASP A 64 -2.25 15.62 -2.12
N SER A 65 -3.41 15.97 -1.59
CA SER A 65 -4.10 17.20 -1.98
C SER A 65 -5.13 17.57 -0.91
N GLY A 66 -6.02 16.63 -0.61
CA GLY A 66 -7.05 16.87 0.39
C GLY A 66 -6.64 16.35 1.75
N SER A 67 -7.02 15.12 2.05
CA SER A 67 -6.76 14.51 3.36
C SER A 67 -6.93 13.00 3.31
N LYS A 68 -8.18 12.55 3.28
CA LYS A 68 -8.49 11.11 3.31
C LYS A 68 -9.34 10.72 2.11
N VAL A 69 -8.89 9.72 1.36
CA VAL A 69 -9.66 9.19 0.26
C VAL A 69 -9.92 7.69 0.43
N ALA A 70 -10.82 7.37 1.35
CA ALA A 70 -11.13 5.99 1.64
C ALA A 70 -12.52 5.62 1.15
N VAL A 71 -12.59 5.06 -0.05
CA VAL A 71 -13.85 4.56 -0.59
C VAL A 71 -13.98 3.08 -0.26
N LEU A 72 -12.86 2.38 -0.41
CA LEU A 72 -12.75 0.97 -0.04
C LEU A 72 -13.71 0.11 -0.86
N SER A 73 -13.86 0.45 -2.13
CA SER A 73 -14.65 -0.34 -3.06
C SER A 73 -13.79 -0.65 -4.28
N ASP A 74 -12.55 -0.22 -4.21
CA ASP A 74 -11.59 -0.38 -5.29
C ASP A 74 -10.41 -1.24 -4.83
N ASP A 75 -10.37 -1.50 -3.53
CA ASP A 75 -9.27 -2.23 -2.92
C ASP A 75 -9.38 -3.73 -3.20
N SER A 76 -10.61 -4.17 -3.38
CA SER A 76 -10.88 -5.59 -3.62
C SER A 76 -10.84 -5.88 -5.13
N ARG A 77 -10.30 -4.93 -5.88
CA ARG A 77 -10.21 -5.07 -7.32
C ARG A 77 -8.75 -4.97 -7.73
N PRO A 78 -8.39 -5.51 -8.91
CA PRO A 78 -7.05 -5.33 -9.46
C PRO A 78 -6.76 -3.85 -9.64
N LEU A 79 -5.75 -3.35 -8.94
CA LEU A 79 -5.46 -1.93 -8.93
C LEU A 79 -5.10 -1.42 -10.33
N GLY A 80 -4.61 -2.32 -11.17
CA GLY A 80 -4.30 -1.99 -12.55
C GLY A 80 -5.55 -1.66 -13.34
N PHE A 81 -6.64 -2.37 -13.05
CA PHE A 81 -7.91 -2.13 -13.72
C PHE A 81 -8.46 -0.78 -13.27
N PHE A 82 -8.24 -0.45 -12.00
CA PHE A 82 -8.60 0.84 -11.46
C PHE A 82 -7.69 1.93 -12.05
N SER A 83 -6.45 1.54 -12.37
CA SER A 83 -5.43 2.45 -12.87
C SER A 83 -5.05 3.46 -11.79
N PRO A 84 -4.03 3.13 -10.99
CA PRO A 84 -3.62 3.96 -9.86
C PRO A 84 -2.69 5.08 -10.29
N PHE A 85 -2.68 6.15 -9.51
CA PHE A 85 -1.81 7.27 -9.78
C PHE A 85 -0.83 7.45 -8.62
N ASP A 86 0.40 7.82 -8.94
CA ASP A 86 1.42 8.02 -7.93
C ASP A 86 1.20 9.34 -7.20
N GLY A 87 0.44 9.28 -6.12
CA GLY A 87 0.21 10.46 -5.32
C GLY A 87 -0.62 10.15 -4.10
N PHE A 88 -0.50 8.93 -3.60
CA PHE A 88 -1.27 8.51 -2.44
C PHE A 88 -0.36 7.85 -1.41
N ARG A 89 -0.73 7.94 -0.14
CA ARG A 89 0.05 7.36 0.93
C ARG A 89 -0.80 6.41 1.76
N LEU A 90 -0.25 5.24 2.04
CA LEU A 90 -0.91 4.23 2.87
C LEU A 90 -0.46 4.37 4.32
N HIS A 91 -1.29 4.98 5.13
CA HIS A 91 -0.95 5.19 6.52
C HIS A 91 -1.42 4.02 7.36
N ILE A 92 -0.49 3.13 7.70
CA ILE A 92 -0.78 1.96 8.50
C ILE A 92 -1.12 2.36 9.92
N ILE A 93 -2.38 2.29 10.28
CA ILE A 93 -2.83 2.69 11.60
C ILE A 93 -2.55 1.60 12.62
N ASP A 94 -1.77 1.93 13.64
CA ASP A 94 -1.46 0.99 14.71
C ASP A 94 -2.63 0.88 15.67
N LEU A 95 -3.45 -0.14 15.49
CA LEU A 95 -4.59 -0.37 16.36
C LEU A 95 -4.28 -1.52 17.31
N ASP A 96 -5.31 -2.00 17.98
CA ASP A 96 -5.16 -3.08 18.95
C ASP A 96 -5.41 -4.43 18.29
N PRO A 97 -4.62 -5.44 18.69
CA PRO A 97 -4.68 -6.78 18.13
C PRO A 97 -5.67 -7.68 18.86
N MET A 1 19.06 -16.10 6.69
CA MET A 1 18.60 -14.81 6.11
C MET A 1 17.63 -15.08 4.97
N GLY A 2 16.45 -14.47 5.08
CA GLY A 2 15.42 -14.71 4.09
C GLY A 2 15.25 -13.55 3.13
N HIS A 3 16.37 -12.93 2.76
CA HIS A 3 16.34 -11.86 1.78
C HIS A 3 16.71 -12.41 0.42
N HIS A 4 15.72 -12.58 -0.43
CA HIS A 4 15.91 -13.23 -1.72
C HIS A 4 15.47 -12.32 -2.87
N HIS A 5 16.13 -12.47 -4.02
CA HIS A 5 15.81 -11.67 -5.18
C HIS A 5 16.06 -12.46 -6.46
N HIS A 6 15.28 -12.17 -7.50
CA HIS A 6 15.47 -12.79 -8.81
C HIS A 6 15.63 -11.70 -9.85
N HIS A 7 16.24 -12.04 -10.98
CA HIS A 7 16.40 -11.08 -12.07
C HIS A 7 15.17 -11.04 -12.96
N HIS A 8 14.05 -10.62 -12.37
CA HIS A 8 12.82 -10.47 -13.11
C HIS A 8 12.82 -9.11 -13.82
N SER A 9 12.71 -9.15 -15.13
CA SER A 9 12.72 -7.93 -15.93
C SER A 9 11.39 -7.20 -15.87
N HIS A 10 11.39 -6.05 -15.24
CA HIS A 10 10.22 -5.19 -15.22
C HIS A 10 10.33 -4.16 -16.34
N GLY A 11 9.21 -3.67 -16.82
CA GLY A 11 9.23 -2.69 -17.90
C GLY A 11 9.64 -1.31 -17.42
N ASP A 12 8.76 -0.34 -17.62
CA ASP A 12 9.02 1.02 -17.19
C ASP A 12 7.75 1.67 -16.69
N ASP A 13 7.35 1.28 -15.48
CA ASP A 13 6.15 1.82 -14.84
C ASP A 13 6.02 1.21 -13.45
N SER A 14 5.81 2.06 -12.45
CA SER A 14 5.68 1.59 -11.08
C SER A 14 4.88 2.58 -10.23
N VAL A 15 3.78 2.11 -9.66
CA VAL A 15 2.94 2.94 -8.82
C VAL A 15 3.57 3.12 -7.44
N HIS A 16 3.60 4.36 -6.97
CA HIS A 16 4.33 4.68 -5.74
C HIS A 16 3.44 4.55 -4.50
N LEU A 17 3.39 3.35 -3.94
CA LEU A 17 2.65 3.14 -2.71
C LEU A 17 3.52 3.50 -1.52
N HIS A 18 3.30 4.69 -0.97
CA HIS A 18 4.12 5.20 0.11
C HIS A 18 3.66 4.59 1.44
N ILE A 19 4.50 3.74 2.01
CA ILE A 19 4.15 3.06 3.25
C ILE A 19 4.46 3.96 4.45
N THR A 20 3.42 4.46 5.09
CA THR A 20 3.58 5.33 6.24
C THR A 20 2.94 4.69 7.47
N HIS A 21 3.52 4.92 8.64
CA HIS A 21 3.02 4.34 9.88
C HIS A 21 2.64 5.41 10.87
N ALA A 22 2.11 4.98 12.01
CA ALA A 22 1.86 5.86 13.14
C ALA A 22 2.86 5.54 14.24
N ASN A 23 3.22 4.26 14.33
CA ASN A 23 4.24 3.81 15.27
C ASN A 23 5.60 4.34 14.83
N LEU A 24 5.77 4.41 13.52
CA LEU A 24 6.94 5.03 12.92
C LEU A 24 6.51 6.27 12.17
N LYS A 25 6.74 7.43 12.78
CA LYS A 25 6.27 8.70 12.25
C LYS A 25 6.76 8.95 10.81
N SER A 26 7.94 8.44 10.51
CA SER A 26 8.46 8.52 9.15
C SER A 26 9.15 7.20 8.81
N PHE A 27 8.44 6.35 8.08
CA PHE A 27 8.95 5.05 7.72
C PHE A 27 9.50 5.07 6.30
N SER A 28 10.76 4.71 6.15
CA SER A 28 11.43 4.74 4.86
C SER A 28 11.08 3.49 4.05
N ALA A 29 10.04 3.59 3.25
CA ALA A 29 9.61 2.49 2.40
C ALA A 29 8.66 2.97 1.31
N ASP A 30 9.13 2.97 0.08
CA ASP A 30 8.29 3.28 -1.07
C ASP A 30 8.05 2.02 -1.88
N ALA A 31 6.89 1.43 -1.71
CA ALA A 31 6.58 0.17 -2.38
C ALA A 31 5.99 0.42 -3.75
N ARG A 32 6.85 0.48 -4.76
CA ARG A 32 6.39 0.69 -6.11
C ARG A 32 6.18 -0.64 -6.82
N PHE A 33 4.91 -0.98 -7.05
CA PHE A 33 4.55 -2.26 -7.62
C PHE A 33 4.15 -2.12 -9.09
N SER A 34 3.85 -3.25 -9.71
CA SER A 34 3.43 -3.29 -11.10
C SER A 34 1.95 -2.98 -11.23
N PRO A 35 1.56 -2.31 -12.33
CA PRO A 35 0.16 -1.95 -12.59
C PRO A 35 -0.77 -3.16 -12.64
N GLN A 36 -2.03 -2.93 -12.27
CA GLN A 36 -3.08 -3.94 -12.29
C GLN A 36 -2.84 -5.09 -11.31
N MET A 37 -2.04 -4.85 -10.30
CA MET A 37 -1.86 -5.82 -9.23
C MET A 37 -3.15 -5.92 -8.41
N SER A 38 -3.49 -7.12 -7.97
CA SER A 38 -4.68 -7.34 -7.18
C SER A 38 -4.43 -6.89 -5.75
N VAL A 39 -5.26 -5.97 -5.26
CA VAL A 39 -5.09 -5.41 -3.93
C VAL A 39 -5.42 -6.46 -2.87
N GLU A 40 -6.33 -7.37 -3.21
CA GLU A 40 -6.70 -8.45 -2.31
C GLU A 40 -5.49 -9.34 -2.02
N ALA A 41 -4.63 -9.50 -3.03
CA ALA A 41 -3.45 -10.35 -2.90
C ALA A 41 -2.47 -9.80 -1.88
N VAL A 42 -2.32 -8.48 -1.85
CA VAL A 42 -1.39 -7.86 -0.91
C VAL A 42 -2.02 -7.78 0.48
N LYS A 43 -3.35 -7.65 0.53
CA LYS A 43 -4.06 -7.66 1.81
C LYS A 43 -3.95 -9.02 2.46
N GLU A 44 -3.99 -10.07 1.64
CA GLU A 44 -3.80 -11.43 2.11
C GLU A 44 -2.41 -11.58 2.74
N LYS A 45 -1.43 -10.92 2.15
CA LYS A 45 -0.07 -10.98 2.63
C LYS A 45 0.06 -10.24 3.95
N LEU A 46 -0.69 -9.15 4.08
CA LEU A 46 -0.76 -8.41 5.33
C LEU A 46 -1.42 -9.26 6.41
N TRP A 47 -2.45 -10.00 6.00
CA TRP A 47 -3.13 -10.95 6.89
C TRP A 47 -2.17 -12.04 7.36
N LYS A 48 -1.27 -12.45 6.46
CA LYS A 48 -0.30 -13.49 6.76
C LYS A 48 0.88 -12.95 7.57
N LYS A 49 0.75 -11.73 8.08
CA LYS A 49 1.72 -11.18 9.02
C LYS A 49 1.73 -12.00 10.29
N CYS A 50 0.53 -12.31 10.79
CA CYS A 50 0.39 -13.12 11.98
C CYS A 50 -0.76 -14.13 11.84
N GLY A 51 -1.41 -14.09 10.69
CA GLY A 51 -2.56 -14.97 10.46
C GLY A 51 -3.77 -14.51 11.25
N THR A 52 -3.96 -13.20 11.32
CA THR A 52 -5.03 -12.63 12.10
C THR A 52 -5.72 -11.52 11.30
N SER A 53 -7.02 -11.38 11.48
CA SER A 53 -7.80 -10.39 10.75
C SER A 53 -7.28 -8.98 11.02
N VAL A 54 -7.40 -8.11 10.02
CA VAL A 54 -6.94 -6.74 10.15
C VAL A 54 -7.99 -5.92 10.92
N ASN A 55 -7.95 -6.03 12.23
CA ASN A 55 -8.92 -5.36 13.09
C ASN A 55 -8.23 -4.30 13.94
N SER A 56 -7.03 -4.62 14.41
CA SER A 56 -6.26 -3.73 15.27
C SER A 56 -5.42 -2.76 14.43
N MET A 57 -5.62 -2.80 13.13
CA MET A 57 -4.86 -1.94 12.22
C MET A 57 -5.79 -1.30 11.21
N ALA A 58 -5.67 0.00 11.03
CA ALA A 58 -6.49 0.72 10.06
C ALA A 58 -5.63 1.28 8.95
N LEU A 59 -6.03 1.04 7.71
CA LEU A 59 -5.28 1.53 6.56
C LEU A 59 -5.93 2.78 5.98
N GLU A 60 -5.36 3.93 6.30
CA GLU A 60 -5.87 5.19 5.81
C GLU A 60 -5.26 5.55 4.47
N LEU A 61 -6.08 5.53 3.43
CA LEU A 61 -5.63 5.89 2.09
C LEU A 61 -5.73 7.39 1.88
N TYR A 62 -4.59 8.04 1.72
CA TYR A 62 -4.57 9.48 1.52
C TYR A 62 -4.05 9.87 0.15
N ASP A 63 -4.75 10.81 -0.47
CA ASP A 63 -4.32 11.38 -1.73
C ASP A 63 -3.28 12.47 -1.45
N ASP A 64 -2.12 12.32 -2.08
CA ASP A 64 -1.01 13.26 -1.93
C ASP A 64 -0.35 13.11 -0.55
N SER A 65 -1.10 13.42 0.48
CA SER A 65 -0.59 13.38 1.86
C SER A 65 -1.71 13.34 2.88
N GLY A 66 -2.67 14.27 2.79
CA GLY A 66 -3.67 14.39 3.83
C GLY A 66 -5.07 14.07 3.38
N SER A 67 -5.36 14.22 2.08
CA SER A 67 -6.70 14.05 1.56
C SER A 67 -7.20 12.63 1.80
N LYS A 68 -8.27 12.51 2.60
CA LYS A 68 -8.83 11.23 2.94
C LYS A 68 -9.64 10.67 1.77
N VAL A 69 -9.09 9.67 1.10
CA VAL A 69 -9.77 9.08 -0.06
C VAL A 69 -9.94 7.58 0.12
N ALA A 70 -10.18 7.17 1.35
CA ALA A 70 -10.34 5.76 1.68
C ALA A 70 -11.61 5.20 1.04
N VAL A 71 -11.43 4.37 0.04
CA VAL A 71 -12.55 3.76 -0.67
C VAL A 71 -12.34 2.25 -0.75
N LEU A 72 -13.43 1.49 -0.68
CA LEU A 72 -13.33 0.04 -0.73
C LEU A 72 -14.07 -0.50 -1.95
N SER A 73 -13.29 -0.85 -2.97
CA SER A 73 -13.82 -1.40 -4.21
C SER A 73 -12.67 -2.04 -4.98
N ASP A 74 -11.63 -2.37 -4.25
CA ASP A 74 -10.35 -2.74 -4.80
C ASP A 74 -10.00 -4.20 -4.53
N ASP A 75 -10.76 -4.84 -3.65
CA ASP A 75 -10.49 -6.23 -3.31
C ASP A 75 -10.70 -7.13 -4.51
N SER A 76 -11.75 -6.87 -5.25
CA SER A 76 -12.12 -7.72 -6.37
C SER A 76 -11.68 -7.10 -7.70
N ARG A 77 -10.88 -6.05 -7.62
CA ARG A 77 -10.49 -5.30 -8.82
C ARG A 77 -9.00 -5.03 -8.85
N PRO A 78 -8.38 -5.17 -10.04
CA PRO A 78 -6.97 -4.81 -10.24
C PRO A 78 -6.76 -3.32 -10.07
N LEU A 79 -5.85 -2.94 -9.18
CA LEU A 79 -5.62 -1.54 -8.83
C LEU A 79 -5.29 -0.68 -10.07
N GLY A 80 -4.64 -1.30 -11.05
CA GLY A 80 -4.23 -0.57 -12.24
C GLY A 80 -5.38 -0.29 -13.18
N PHE A 81 -6.47 -1.04 -13.06
CA PHE A 81 -7.61 -0.88 -13.93
C PHE A 81 -8.30 0.46 -13.68
N PHE A 82 -8.20 0.92 -12.43
CA PHE A 82 -8.77 2.21 -12.04
C PHE A 82 -7.90 3.35 -12.57
N SER A 83 -6.67 3.02 -12.93
CA SER A 83 -5.67 3.98 -13.40
C SER A 83 -5.27 4.93 -12.28
N PRO A 84 -4.18 4.62 -11.59
CA PRO A 84 -3.66 5.43 -10.48
C PRO A 84 -3.02 6.72 -10.96
N PHE A 85 -3.07 7.75 -10.10
CA PHE A 85 -2.45 9.03 -10.40
C PHE A 85 -0.94 8.89 -10.52
N ASP A 86 -0.31 8.43 -9.44
CA ASP A 86 1.12 8.20 -9.38
C ASP A 86 1.46 7.39 -8.15
N GLY A 87 1.06 7.91 -7.01
CA GLY A 87 1.27 7.24 -5.77
C GLY A 87 0.36 7.77 -4.69
N PHE A 88 0.12 6.95 -3.68
CA PHE A 88 -0.77 7.34 -2.59
C PHE A 88 -0.08 7.12 -1.25
N ARG A 89 -0.64 7.73 -0.21
CA ARG A 89 -0.13 7.56 1.14
C ARG A 89 -0.91 6.48 1.87
N LEU A 90 -0.26 5.36 2.13
CA LEU A 90 -0.86 4.30 2.91
C LEU A 90 -0.53 4.52 4.38
N HIS A 91 -1.40 5.22 5.07
CA HIS A 91 -1.17 5.58 6.46
C HIS A 91 -1.68 4.48 7.38
N ILE A 92 -0.76 3.63 7.81
CA ILE A 92 -1.09 2.54 8.71
C ILE A 92 -1.28 3.05 10.13
N ILE A 93 -2.51 2.99 10.62
CA ILE A 93 -2.81 3.37 11.99
C ILE A 93 -2.37 2.27 12.93
N ASP A 94 -1.21 2.48 13.55
CA ASP A 94 -0.65 1.49 14.45
C ASP A 94 -1.25 1.61 15.83
N LEU A 95 -2.31 0.84 16.07
CA LEU A 95 -2.86 0.76 17.42
C LEU A 95 -1.99 -0.22 18.21
N ASP A 96 -0.79 0.23 18.54
CA ASP A 96 0.20 -0.61 19.15
C ASP A 96 0.44 -0.19 20.60
N PRO A 97 0.20 -1.10 21.55
CA PRO A 97 0.41 -0.84 22.97
C PRO A 97 1.90 -0.86 23.34
N MET A 1 29.64 2.44 4.38
CA MET A 1 28.26 2.30 4.87
C MET A 1 27.30 3.01 3.93
N GLY A 2 26.34 2.28 3.39
CA GLY A 2 25.39 2.84 2.46
C GLY A 2 25.09 1.90 1.32
N HIS A 3 23.84 1.92 0.87
CA HIS A 3 23.42 1.08 -0.24
C HIS A 3 22.93 1.96 -1.38
N HIS A 4 23.41 1.68 -2.58
CA HIS A 4 23.02 2.46 -3.74
C HIS A 4 22.09 1.65 -4.65
N HIS A 5 20.79 1.86 -4.44
CA HIS A 5 19.76 1.17 -5.20
C HIS A 5 18.84 2.20 -5.86
N HIS A 6 19.22 3.46 -5.73
CA HIS A 6 18.40 4.57 -6.20
C HIS A 6 18.51 4.72 -7.71
N HIS A 7 17.82 3.85 -8.43
CA HIS A 7 17.77 3.91 -9.88
C HIS A 7 16.49 4.60 -10.33
N HIS A 8 16.44 5.04 -11.57
CA HIS A 8 15.26 5.70 -12.09
C HIS A 8 14.58 4.84 -13.14
N SER A 9 13.27 4.65 -12.97
CA SER A 9 12.48 3.85 -13.88
C SER A 9 12.36 4.52 -15.25
N HIS A 10 12.23 3.72 -16.29
CA HIS A 10 12.08 4.23 -17.65
C HIS A 10 11.21 3.30 -18.48
N GLY A 11 10.43 2.48 -17.79
CA GLY A 11 9.56 1.56 -18.47
C GLY A 11 8.12 2.04 -18.46
N ASP A 12 7.21 1.16 -18.08
CA ASP A 12 5.79 1.49 -18.03
C ASP A 12 5.10 0.67 -16.95
N ASP A 13 5.48 0.91 -15.70
CA ASP A 13 4.85 0.26 -14.55
C ASP A 13 5.38 0.87 -13.26
N SER A 14 4.46 1.30 -12.40
CA SER A 14 4.82 1.78 -11.06
C SER A 14 3.63 2.36 -10.32
N VAL A 15 3.24 1.72 -9.23
CA VAL A 15 2.35 2.35 -8.27
C VAL A 15 3.13 2.64 -7.00
N HIS A 16 3.55 3.90 -6.86
CA HIS A 16 4.37 4.31 -5.73
C HIS A 16 3.56 4.47 -4.46
N LEU A 17 3.32 3.36 -3.79
CA LEU A 17 2.61 3.39 -2.52
C LEU A 17 3.59 3.65 -1.39
N HIS A 18 3.55 4.86 -0.85
CA HIS A 18 4.44 5.24 0.24
C HIS A 18 3.95 4.66 1.55
N ILE A 19 4.70 3.72 2.11
CA ILE A 19 4.32 3.08 3.35
C ILE A 19 4.58 4.01 4.53
N THR A 20 3.55 4.29 5.30
CA THR A 20 3.66 5.17 6.45
C THR A 20 3.01 4.51 7.67
N HIS A 21 3.72 4.47 8.78
CA HIS A 21 3.22 3.81 9.98
C HIS A 21 2.61 4.85 10.92
N ALA A 22 1.62 4.45 11.71
CA ALA A 22 0.98 5.38 12.64
C ALA A 22 1.95 5.77 13.76
N ASN A 23 2.72 4.80 14.24
CA ASN A 23 3.72 5.07 15.26
C ASN A 23 4.93 5.78 14.66
N LEU A 24 5.27 5.44 13.43
CA LEU A 24 6.40 6.06 12.75
C LEU A 24 5.91 7.02 11.68
N LYS A 25 5.78 8.29 12.06
CA LYS A 25 5.27 9.35 11.20
C LYS A 25 5.98 9.36 9.85
N SER A 26 7.30 9.39 9.88
CA SER A 26 8.07 9.37 8.65
C SER A 26 8.70 8.00 8.47
N PHE A 27 8.04 7.16 7.69
CA PHE A 27 8.53 5.82 7.42
C PHE A 27 9.13 5.78 6.02
N SER A 28 10.44 5.55 5.93
CA SER A 28 11.12 5.57 4.66
C SER A 28 10.96 4.24 3.91
N ALA A 29 9.84 4.10 3.22
CA ALA A 29 9.58 2.91 2.44
C ALA A 29 8.76 3.24 1.20
N ASP A 30 9.45 3.56 0.12
CA ASP A 30 8.79 3.78 -1.15
C ASP A 30 9.09 2.61 -2.07
N ALA A 31 8.04 1.97 -2.56
CA ALA A 31 8.19 0.86 -3.47
C ALA A 31 7.20 1.00 -4.60
N ARG A 32 7.66 0.74 -5.81
CA ARG A 32 6.79 0.77 -6.96
C ARG A 32 6.27 -0.62 -7.25
N PHE A 33 5.05 -0.87 -6.83
CA PHE A 33 4.42 -2.16 -7.05
C PHE A 33 3.81 -2.21 -8.44
N SER A 34 3.40 -3.39 -8.86
CA SER A 34 2.71 -3.54 -10.12
C SER A 34 1.21 -3.68 -9.86
N PRO A 35 0.37 -3.23 -10.81
CA PRO A 35 -1.09 -3.26 -10.67
C PRO A 35 -1.66 -4.68 -10.75
N GLN A 36 -0.80 -5.68 -10.62
CA GLN A 36 -1.22 -7.07 -10.69
C GLN A 36 -1.75 -7.56 -9.35
N MET A 37 -1.16 -7.08 -8.28
CA MET A 37 -1.52 -7.55 -6.94
C MET A 37 -2.81 -6.89 -6.47
N SER A 38 -3.67 -7.68 -5.85
CA SER A 38 -4.92 -7.16 -5.29
C SER A 38 -4.71 -6.77 -3.83
N VAL A 39 -5.55 -5.86 -3.33
CA VAL A 39 -5.48 -5.45 -1.92
C VAL A 39 -5.87 -6.62 -1.03
N GLU A 40 -6.76 -7.46 -1.55
CA GLU A 40 -7.19 -8.67 -0.88
C GLU A 40 -6.01 -9.58 -0.57
N ALA A 41 -5.03 -9.59 -1.47
CA ALA A 41 -3.88 -10.47 -1.35
C ALA A 41 -3.01 -10.11 -0.15
N VAL A 42 -2.76 -8.82 0.06
CA VAL A 42 -1.90 -8.39 1.15
C VAL A 42 -2.55 -8.67 2.51
N LYS A 43 -3.88 -8.57 2.56
CA LYS A 43 -4.62 -8.92 3.77
C LYS A 43 -4.35 -10.37 4.16
N GLU A 44 -4.60 -11.26 3.21
CA GLU A 44 -4.40 -12.68 3.42
C GLU A 44 -2.96 -12.99 3.81
N LYS A 45 -2.02 -12.31 3.17
CA LYS A 45 -0.61 -12.56 3.40
C LYS A 45 -0.17 -12.07 4.78
N LEU A 46 -0.75 -10.97 5.23
CA LEU A 46 -0.47 -10.47 6.58
C LEU A 46 -1.06 -11.41 7.62
N TRP A 47 -2.23 -11.95 7.32
CA TRP A 47 -2.89 -12.93 8.17
C TRP A 47 -2.04 -14.20 8.28
N LYS A 48 -1.24 -14.46 7.26
CA LYS A 48 -0.32 -15.58 7.28
C LYS A 48 0.99 -15.21 7.97
N LYS A 49 1.47 -14.01 7.69
CA LYS A 49 2.75 -13.54 8.19
C LYS A 49 2.73 -13.34 9.71
N CYS A 50 1.79 -12.51 10.17
CA CYS A 50 1.73 -12.17 11.58
C CYS A 50 0.78 -13.11 12.32
N GLY A 51 -0.14 -13.73 11.57
CA GLY A 51 -1.11 -14.62 12.18
C GLY A 51 -2.12 -13.89 13.04
N THR A 52 -2.36 -12.64 12.71
CA THR A 52 -3.27 -11.79 13.47
C THR A 52 -4.36 -11.23 12.55
N SER A 53 -5.55 -11.04 13.09
CA SER A 53 -6.66 -10.46 12.33
C SER A 53 -6.34 -9.02 11.94
N VAL A 54 -6.66 -8.66 10.70
CA VAL A 54 -6.37 -7.32 10.20
C VAL A 54 -7.42 -6.31 10.66
N ASN A 55 -8.39 -6.78 11.44
CA ASN A 55 -9.48 -5.94 11.93
C ASN A 55 -9.01 -5.14 13.16
N SER A 56 -7.73 -4.81 13.17
CA SER A 56 -7.14 -3.98 14.21
C SER A 56 -6.03 -3.12 13.62
N MET A 57 -6.07 -2.97 12.31
CA MET A 57 -5.07 -2.23 11.58
C MET A 57 -5.68 -1.63 10.33
N ALA A 58 -6.00 -0.34 10.39
CA ALA A 58 -6.71 0.32 9.31
C ALA A 58 -5.74 0.85 8.25
N LEU A 59 -6.14 0.76 6.99
CA LEU A 59 -5.34 1.26 5.90
C LEU A 59 -5.86 2.60 5.43
N GLU A 60 -5.16 3.65 5.83
CA GLU A 60 -5.54 5.01 5.45
C GLU A 60 -4.86 5.41 4.16
N LEU A 61 -5.63 5.54 3.10
CA LEU A 61 -5.08 5.99 1.84
C LEU A 61 -5.01 7.51 1.81
N TYR A 62 -3.80 8.04 1.93
CA TYR A 62 -3.59 9.47 1.93
C TYR A 62 -3.54 10.03 0.53
N ASP A 63 -4.45 10.94 0.24
CA ASP A 63 -4.36 11.73 -0.97
C ASP A 63 -3.76 13.07 -0.60
N ASP A 64 -2.86 13.58 -1.43
CA ASP A 64 -2.09 14.76 -1.07
C ASP A 64 -2.70 16.02 -1.69
N SER A 65 -3.78 15.83 -2.43
CA SER A 65 -4.52 16.95 -2.99
C SER A 65 -5.51 17.46 -1.96
N GLY A 66 -6.11 16.52 -1.23
CA GLY A 66 -6.98 16.87 -0.14
C GLY A 66 -6.42 16.41 1.19
N SER A 67 -6.78 15.20 1.60
CA SER A 67 -6.35 14.62 2.87
C SER A 67 -6.60 13.12 2.93
N LYS A 68 -7.87 12.73 2.85
CA LYS A 68 -8.26 11.36 3.13
C LYS A 68 -9.15 10.79 2.04
N VAL A 69 -8.76 9.66 1.48
CA VAL A 69 -9.57 8.95 0.48
C VAL A 69 -9.53 7.46 0.75
N ALA A 70 -10.64 6.78 0.47
CA ALA A 70 -10.73 5.34 0.62
C ALA A 70 -12.09 4.83 0.16
N VAL A 71 -12.11 4.15 -0.98
CA VAL A 71 -13.32 3.52 -1.47
C VAL A 71 -13.53 2.21 -0.72
N LEU A 72 -12.50 1.36 -0.73
CA LEU A 72 -12.46 0.12 0.05
C LEU A 72 -13.42 -0.92 -0.53
N SER A 73 -13.98 -0.61 -1.70
CA SER A 73 -14.71 -1.59 -2.47
C SER A 73 -13.76 -2.21 -3.47
N ASP A 74 -12.64 -1.53 -3.65
CA ASP A 74 -11.60 -1.92 -4.57
C ASP A 74 -10.65 -2.92 -3.95
N ASP A 75 -10.81 -3.14 -2.65
CA ASP A 75 -9.93 -4.05 -1.90
C ASP A 75 -10.11 -5.48 -2.42
N SER A 76 -11.30 -5.78 -2.90
CA SER A 76 -11.63 -7.11 -3.39
C SER A 76 -11.26 -7.25 -4.86
N ARG A 77 -10.66 -6.21 -5.41
CA ARG A 77 -10.27 -6.20 -6.82
C ARG A 77 -8.75 -6.03 -6.92
N PRO A 78 -8.16 -6.22 -8.11
CA PRO A 78 -6.73 -5.93 -8.32
C PRO A 78 -6.43 -4.46 -8.09
N LEU A 79 -5.25 -4.16 -7.57
CA LEU A 79 -4.88 -2.79 -7.26
C LEU A 79 -4.90 -1.92 -8.51
N GLY A 80 -4.69 -2.55 -9.66
CA GLY A 80 -4.69 -1.83 -10.92
C GLY A 80 -6.09 -1.43 -11.37
N PHE A 81 -7.10 -1.96 -10.71
CA PHE A 81 -8.48 -1.63 -11.04
C PHE A 81 -8.79 -0.21 -10.56
N PHE A 82 -8.27 0.12 -9.39
CA PHE A 82 -8.40 1.47 -8.85
C PHE A 82 -7.23 2.33 -9.33
N SER A 83 -6.04 1.72 -9.34
CA SER A 83 -4.82 2.35 -9.83
C SER A 83 -4.43 3.57 -8.97
N PRO A 84 -3.80 3.33 -7.81
CA PRO A 84 -3.27 4.39 -6.97
C PRO A 84 -1.97 4.94 -7.53
N PHE A 85 -1.88 6.26 -7.63
CA PHE A 85 -0.74 6.89 -8.26
C PHE A 85 0.31 7.30 -7.22
N ASP A 86 1.33 8.01 -7.69
CA ASP A 86 2.51 8.35 -6.89
C ASP A 86 2.20 9.37 -5.80
N GLY A 87 1.03 9.98 -5.88
CA GLY A 87 0.65 10.98 -4.90
C GLY A 87 -0.02 10.39 -3.67
N PHE A 88 -0.21 9.07 -3.68
CA PHE A 88 -0.92 8.42 -2.59
C PHE A 88 0.05 7.78 -1.59
N ARG A 89 -0.34 7.79 -0.32
CA ARG A 89 0.46 7.18 0.73
C ARG A 89 -0.40 6.21 1.54
N LEU A 90 0.20 5.14 2.02
CA LEU A 90 -0.51 4.15 2.81
C LEU A 90 -0.22 4.35 4.29
N HIS A 91 -1.19 4.87 5.01
CA HIS A 91 -1.02 5.11 6.43
C HIS A 91 -1.57 3.94 7.24
N ILE A 92 -0.67 3.12 7.77
CA ILE A 92 -1.05 1.97 8.57
C ILE A 92 -1.41 2.41 9.98
N ILE A 93 -2.69 2.34 10.31
CA ILE A 93 -3.18 2.75 11.62
C ILE A 93 -2.97 1.64 12.64
N ASP A 94 -2.29 1.97 13.72
CA ASP A 94 -2.08 1.03 14.81
C ASP A 94 -3.17 1.21 15.85
N LEU A 95 -3.91 0.14 16.11
CA LEU A 95 -4.91 0.16 17.15
C LEU A 95 -4.37 -0.56 18.39
N ASP A 96 -5.25 -1.05 19.24
CA ASP A 96 -4.82 -1.71 20.46
C ASP A 96 -4.82 -3.22 20.27
N PRO A 97 -3.63 -3.84 20.38
CA PRO A 97 -3.47 -5.29 20.21
C PRO A 97 -4.16 -6.09 21.30
N MET A 1 36.10 5.48 -2.31
CA MET A 1 34.65 5.74 -2.29
C MET A 1 34.36 7.18 -2.69
N GLY A 2 33.09 7.50 -2.87
CA GLY A 2 32.71 8.85 -3.24
C GLY A 2 31.53 8.87 -4.18
N HIS A 3 31.24 10.04 -4.73
CA HIS A 3 30.12 10.23 -5.66
C HIS A 3 28.80 9.94 -4.97
N HIS A 4 27.77 9.67 -5.76
CA HIS A 4 26.48 9.26 -5.22
C HIS A 4 25.99 8.01 -5.93
N HIS A 5 25.74 6.95 -5.15
CA HIS A 5 25.34 5.68 -5.72
C HIS A 5 23.82 5.57 -5.76
N HIS A 6 23.22 6.21 -6.76
CA HIS A 6 21.78 6.22 -6.86
C HIS A 6 21.31 5.60 -8.17
N HIS A 7 21.89 6.06 -9.27
CA HIS A 7 21.52 5.62 -10.62
C HIS A 7 20.10 6.05 -10.96
N HIS A 8 19.97 7.10 -11.76
CA HIS A 8 18.66 7.64 -12.11
C HIS A 8 17.81 6.56 -12.78
N SER A 9 18.45 5.75 -13.63
CA SER A 9 17.82 4.59 -14.24
C SER A 9 16.61 4.99 -15.10
N HIS A 10 15.78 4.01 -15.44
CA HIS A 10 14.56 4.23 -16.22
C HIS A 10 13.47 3.30 -15.74
N GLY A 11 13.46 3.05 -14.44
CA GLY A 11 12.47 2.16 -13.86
C GLY A 11 11.14 2.85 -13.64
N ASP A 12 10.56 3.32 -14.72
CA ASP A 12 9.32 4.08 -14.66
C ASP A 12 8.12 3.22 -15.03
N ASP A 13 7.49 2.66 -14.01
CA ASP A 13 6.27 1.87 -14.18
C ASP A 13 5.70 1.57 -12.79
N SER A 14 4.59 0.86 -12.74
CA SER A 14 3.94 0.51 -11.48
C SER A 14 3.49 1.77 -10.72
N VAL A 15 3.03 1.59 -9.50
CA VAL A 15 2.63 2.73 -8.68
C VAL A 15 3.54 2.86 -7.47
N HIS A 16 3.84 4.09 -7.09
CA HIS A 16 4.69 4.35 -5.93
C HIS A 16 3.85 4.67 -4.70
N LEU A 17 3.59 3.65 -3.91
CA LEU A 17 2.84 3.81 -2.68
C LEU A 17 3.81 3.93 -1.51
N HIS A 18 3.73 5.04 -0.79
CA HIS A 18 4.61 5.26 0.34
C HIS A 18 4.03 4.66 1.61
N ILE A 19 4.72 3.69 2.15
CA ILE A 19 4.27 3.01 3.37
C ILE A 19 4.66 3.84 4.59
N THR A 20 3.66 4.30 5.33
CA THR A 20 3.91 5.09 6.52
C THR A 20 3.34 4.39 7.75
N HIS A 21 4.10 4.38 8.83
CA HIS A 21 3.66 3.74 10.07
C HIS A 21 3.02 4.79 10.97
N ALA A 22 1.84 4.49 11.52
CA ALA A 22 1.09 5.45 12.33
C ALA A 22 1.91 5.97 13.51
N ASN A 23 2.59 5.07 14.19
CA ASN A 23 3.40 5.43 15.36
C ASN A 23 4.71 6.11 14.95
N LEU A 24 5.12 5.94 13.70
CA LEU A 24 6.42 6.43 13.27
C LEU A 24 6.31 7.24 11.98
N LYS A 25 6.26 8.57 12.11
CA LYS A 25 6.23 9.47 10.96
C LYS A 25 7.54 9.40 10.19
N SER A 26 8.60 9.00 10.88
CA SER A 26 9.93 8.87 10.28
C SER A 26 9.93 7.74 9.24
N PHE A 27 9.03 6.77 9.43
CA PHE A 27 8.94 5.64 8.52
C PHE A 27 8.00 5.98 7.37
N SER A 28 8.59 6.29 6.23
CA SER A 28 7.82 6.62 5.03
C SER A 28 8.56 6.12 3.79
N ALA A 29 8.70 4.80 3.71
CA ALA A 29 9.42 4.18 2.61
C ALA A 29 8.50 3.98 1.42
N ASP A 30 8.98 4.33 0.23
CA ASP A 30 8.21 4.14 -0.98
C ASP A 30 8.33 2.70 -1.45
N ALA A 31 7.20 2.08 -1.71
CA ALA A 31 7.18 0.73 -2.23
C ALA A 31 6.65 0.73 -3.65
N ARG A 32 6.94 -0.32 -4.39
CA ARG A 32 6.51 -0.41 -5.77
C ARG A 32 5.53 -1.57 -5.94
N PHE A 33 4.32 -1.26 -6.35
CA PHE A 33 3.28 -2.26 -6.56
C PHE A 33 2.70 -2.13 -7.96
N SER A 34 2.19 -3.22 -8.48
CA SER A 34 1.53 -3.21 -9.78
C SER A 34 0.02 -3.09 -9.59
N PRO A 35 -0.58 -2.00 -10.09
CA PRO A 35 -2.02 -1.72 -9.93
C PRO A 35 -2.92 -2.78 -10.58
N GLN A 36 -2.31 -3.71 -11.28
CA GLN A 36 -3.05 -4.85 -11.84
C GLN A 36 -3.51 -5.77 -10.72
N MET A 37 -2.87 -5.65 -9.56
CA MET A 37 -3.20 -6.46 -8.41
C MET A 37 -4.29 -5.79 -7.58
N SER A 38 -5.26 -6.57 -7.14
CA SER A 38 -6.35 -6.06 -6.31
C SER A 38 -5.90 -5.91 -4.85
N VAL A 39 -6.32 -4.83 -4.22
CA VAL A 39 -5.93 -4.54 -2.84
C VAL A 39 -6.43 -5.63 -1.89
N GLU A 40 -7.52 -6.28 -2.29
CA GLU A 40 -8.09 -7.37 -1.51
C GLU A 40 -7.09 -8.50 -1.33
N ALA A 41 -6.22 -8.70 -2.32
CA ALA A 41 -5.28 -9.80 -2.30
C ALA A 41 -3.94 -9.37 -1.68
N VAL A 42 -3.89 -8.13 -1.20
CA VAL A 42 -2.66 -7.59 -0.62
C VAL A 42 -2.67 -7.70 0.91
N LYS A 43 -3.87 -7.63 1.48
CA LYS A 43 -4.04 -7.60 2.94
C LYS A 43 -3.39 -8.80 3.62
N GLU A 44 -3.80 -9.99 3.21
CA GLU A 44 -3.29 -11.22 3.82
C GLU A 44 -1.79 -11.37 3.58
N LYS A 45 -1.34 -11.00 2.38
CA LYS A 45 0.07 -11.12 2.03
C LYS A 45 0.94 -10.27 2.95
N LEU A 46 0.49 -9.05 3.24
CA LEU A 46 1.22 -8.17 4.15
C LEU A 46 1.21 -8.73 5.56
N TRP A 47 0.06 -9.26 5.96
CA TRP A 47 -0.11 -9.89 7.27
C TRP A 47 0.84 -11.07 7.45
N LYS A 48 0.90 -11.93 6.45
CA LYS A 48 1.73 -13.13 6.51
C LYS A 48 3.20 -12.79 6.23
N LYS A 49 3.45 -11.54 5.86
CA LYS A 49 4.82 -11.10 5.60
C LYS A 49 5.45 -10.53 6.86
N CYS A 50 4.74 -9.62 7.52
CA CYS A 50 5.29 -8.91 8.68
C CYS A 50 4.21 -8.10 9.40
N GLY A 51 3.15 -7.72 8.69
CA GLY A 51 2.10 -6.92 9.27
C GLY A 51 1.29 -7.68 10.31
N THR A 52 0.41 -6.98 11.00
CA THR A 52 -0.39 -7.59 12.03
C THR A 52 -1.71 -8.12 11.47
N SER A 53 -2.57 -8.61 12.36
CA SER A 53 -3.82 -9.24 11.95
C SER A 53 -4.68 -8.27 11.13
N VAL A 54 -5.22 -8.77 10.02
CA VAL A 54 -6.09 -7.97 9.16
C VAL A 54 -7.41 -7.69 9.88
N ASN A 55 -7.41 -6.59 10.63
CA ASN A 55 -8.54 -6.20 11.45
C ASN A 55 -8.18 -4.93 12.20
N SER A 56 -7.12 -5.01 12.98
CA SER A 56 -6.62 -3.87 13.74
C SER A 56 -5.59 -3.09 12.91
N MET A 57 -5.15 -3.70 11.82
CA MET A 57 -4.27 -3.04 10.87
C MET A 57 -5.07 -2.48 9.70
N ALA A 58 -5.33 -1.18 9.71
CA ALA A 58 -6.11 -0.54 8.67
C ALA A 58 -5.21 0.15 7.64
N LEU A 59 -5.64 0.15 6.39
CA LEU A 59 -4.88 0.78 5.32
C LEU A 59 -5.59 2.05 4.84
N GLU A 60 -5.19 3.19 5.38
CA GLU A 60 -5.78 4.46 5.00
C GLU A 60 -4.89 5.21 4.03
N LEU A 61 -5.35 5.33 2.79
CA LEU A 61 -4.61 6.05 1.78
C LEU A 61 -4.88 7.55 1.89
N TYR A 62 -3.86 8.28 2.31
CA TYR A 62 -3.98 9.73 2.46
C TYR A 62 -3.63 10.44 1.17
N ASP A 63 -4.38 11.48 0.85
CA ASP A 63 -4.06 12.34 -0.28
C ASP A 63 -3.00 13.36 0.15
N ASP A 64 -1.76 12.87 0.19
CA ASP A 64 -0.58 13.65 0.62
C ASP A 64 -0.63 13.92 2.12
N SER A 65 -1.62 14.69 2.52
CA SER A 65 -1.82 15.08 3.92
C SER A 65 -3.19 15.74 4.05
N GLY A 66 -4.04 15.16 4.88
CA GLY A 66 -5.40 15.65 5.01
C GLY A 66 -6.27 15.14 3.88
N SER A 67 -7.52 14.82 4.21
CA SER A 67 -8.45 14.22 3.26
C SER A 67 -7.96 12.85 2.79
N LYS A 68 -8.55 11.80 3.33
CA LYS A 68 -8.16 10.46 2.97
C LYS A 68 -9.02 9.97 1.81
N VAL A 69 -8.36 9.41 0.81
CA VAL A 69 -9.03 9.00 -0.41
C VAL A 69 -9.34 7.50 -0.39
N ALA A 70 -9.13 6.88 0.77
CA ALA A 70 -9.41 5.47 0.95
C ALA A 70 -10.88 5.25 1.28
N VAL A 71 -11.70 5.14 0.25
CA VAL A 71 -13.13 4.89 0.42
C VAL A 71 -13.40 3.39 0.48
N LEU A 72 -12.48 2.61 -0.06
CA LEU A 72 -12.62 1.15 -0.15
C LEU A 72 -13.90 0.78 -0.89
N SER A 73 -13.82 0.82 -2.21
CA SER A 73 -14.95 0.46 -3.06
C SER A 73 -14.44 -0.36 -4.25
N ASP A 74 -13.27 0.00 -4.74
CA ASP A 74 -12.63 -0.73 -5.83
C ASP A 74 -11.51 -1.59 -5.29
N ASP A 75 -11.64 -1.96 -4.02
CA ASP A 75 -10.64 -2.75 -3.31
C ASP A 75 -10.42 -4.10 -3.99
N SER A 76 -11.51 -4.74 -4.39
CA SER A 76 -11.42 -6.02 -5.06
C SER A 76 -11.45 -5.88 -6.58
N ARG A 77 -11.17 -4.67 -7.06
CA ARG A 77 -11.15 -4.41 -8.49
C ARG A 77 -9.71 -4.15 -8.95
N PRO A 78 -9.42 -4.28 -10.26
CA PRO A 78 -8.12 -3.93 -10.81
C PRO A 78 -7.91 -2.41 -10.78
N LEU A 79 -7.05 -1.96 -9.88
CA LEU A 79 -6.80 -0.53 -9.70
C LEU A 79 -6.23 0.08 -10.99
N GLY A 80 -5.46 -0.73 -11.72
CA GLY A 80 -4.87 -0.27 -12.97
C GLY A 80 -5.90 0.02 -14.04
N PHE A 81 -7.13 -0.44 -13.82
CA PHE A 81 -8.23 -0.15 -14.73
C PHE A 81 -8.75 1.26 -14.46
N PHE A 82 -8.67 1.68 -13.22
CA PHE A 82 -9.17 2.99 -12.82
C PHE A 82 -8.17 4.07 -13.23
N SER A 83 -7.06 4.16 -12.51
CA SER A 83 -6.02 5.15 -12.80
C SER A 83 -4.70 4.77 -12.13
N PRO A 84 -3.60 4.78 -12.89
CA PRO A 84 -2.26 4.61 -12.33
C PRO A 84 -1.71 5.94 -11.81
N PHE A 85 -1.28 5.96 -10.56
CA PHE A 85 -0.81 7.20 -9.94
C PHE A 85 0.31 6.93 -8.94
N ASP A 86 1.04 7.98 -8.60
CA ASP A 86 2.09 7.89 -7.59
C ASP A 86 2.11 9.16 -6.76
N GLY A 87 2.44 9.03 -5.48
CA GLY A 87 2.49 10.19 -4.61
C GLY A 87 1.66 10.00 -3.36
N PHE A 88 0.57 9.24 -3.49
CA PHE A 88 -0.29 8.94 -2.36
C PHE A 88 0.45 8.07 -1.34
N ARG A 89 0.14 8.27 -0.07
CA ARG A 89 0.83 7.56 0.99
C ARG A 89 -0.14 6.71 1.80
N LEU A 90 0.20 5.44 1.94
CA LEU A 90 -0.58 4.52 2.75
C LEU A 90 -0.20 4.67 4.21
N HIS A 91 -1.10 5.24 5.00
CA HIS A 91 -0.85 5.39 6.42
C HIS A 91 -1.42 4.19 7.15
N ILE A 92 -0.56 3.22 7.43
CA ILE A 92 -0.98 1.99 8.08
C ILE A 92 -1.38 2.27 9.51
N ILE A 93 -2.67 2.12 9.78
CA ILE A 93 -3.20 2.33 11.10
C ILE A 93 -3.23 0.99 11.83
N ASP A 94 -2.08 0.59 12.32
CA ASP A 94 -1.97 -0.63 13.11
C ASP A 94 -2.16 -0.31 14.59
N LEU A 95 -3.36 -0.57 15.07
CA LEU A 95 -3.71 -0.23 16.44
C LEU A 95 -3.73 -1.47 17.32
N ASP A 96 -3.02 -2.50 16.87
CA ASP A 96 -2.92 -3.74 17.63
C ASP A 96 -2.38 -3.48 19.02
N PRO A 97 -2.98 -4.12 20.04
CA PRO A 97 -2.59 -3.94 21.45
C PRO A 97 -1.10 -4.18 21.68
N MET A 1 18.25 -13.74 7.03
CA MET A 1 19.53 -13.20 6.53
C MET A 1 19.79 -13.68 5.11
N GLY A 2 19.36 -12.88 4.14
CA GLY A 2 19.52 -13.25 2.75
C GLY A 2 18.47 -12.63 1.88
N HIS A 3 18.57 -11.32 1.67
CA HIS A 3 17.65 -10.60 0.81
C HIS A 3 17.83 -11.03 -0.64
N HIS A 4 16.85 -11.74 -1.18
CA HIS A 4 16.94 -12.26 -2.53
C HIS A 4 16.31 -11.30 -3.54
N HIS A 5 17.08 -10.95 -4.55
CA HIS A 5 16.60 -10.10 -5.63
C HIS A 5 16.65 -10.87 -6.94
N HIS A 6 15.84 -10.45 -7.91
CA HIS A 6 15.79 -11.13 -9.19
C HIS A 6 16.05 -10.16 -10.33
N HIS A 7 16.75 -10.63 -11.35
CA HIS A 7 17.00 -9.84 -12.55
C HIS A 7 15.83 -10.03 -13.52
N HIS A 8 14.64 -9.71 -13.04
CA HIS A 8 13.43 -9.95 -13.80
C HIS A 8 13.12 -8.75 -14.70
N SER A 9 13.26 -8.96 -16.01
CA SER A 9 12.98 -7.92 -16.98
C SER A 9 11.53 -7.43 -16.87
N HIS A 10 11.33 -6.13 -16.98
CA HIS A 10 10.00 -5.56 -16.83
C HIS A 10 9.87 -4.29 -17.67
N GLY A 11 8.66 -4.04 -18.15
CA GLY A 11 8.36 -2.73 -18.68
C GLY A 11 8.27 -1.74 -17.55
N ASP A 12 9.08 -0.69 -17.59
CA ASP A 12 9.21 0.17 -16.42
C ASP A 12 8.01 1.10 -16.30
N ASP A 13 6.95 0.56 -15.72
CA ASP A 13 5.74 1.30 -15.44
C ASP A 13 5.13 0.76 -14.16
N SER A 14 5.24 1.53 -13.08
CA SER A 14 4.79 1.09 -11.77
C SER A 14 4.39 2.29 -10.91
N VAL A 15 3.62 2.03 -9.87
CA VAL A 15 3.19 3.08 -8.96
C VAL A 15 4.11 3.16 -7.76
N HIS A 16 3.95 4.21 -6.96
CA HIS A 16 4.81 4.43 -5.81
C HIS A 16 3.99 4.52 -4.54
N LEU A 17 3.67 3.38 -3.96
CA LEU A 17 2.86 3.34 -2.76
C LEU A 17 3.69 3.73 -1.55
N HIS A 18 3.40 4.89 -1.00
CA HIS A 18 4.18 5.42 0.11
C HIS A 18 3.66 4.88 1.42
N ILE A 19 4.38 3.90 1.97
CA ILE A 19 4.00 3.27 3.22
C ILE A 19 4.58 4.03 4.41
N THR A 20 3.71 4.47 5.30
CA THR A 20 4.13 5.21 6.48
C THR A 20 3.35 4.78 7.71
N HIS A 21 4.06 4.37 8.75
CA HIS A 21 3.43 3.97 10.00
C HIS A 21 3.14 5.19 10.87
N ALA A 22 2.24 5.02 11.82
CA ALA A 22 1.92 6.07 12.77
C ALA A 22 2.75 5.89 14.04
N ASN A 23 3.11 4.64 14.31
CA ASN A 23 3.96 4.31 15.44
C ASN A 23 5.40 4.73 15.15
N LEU A 24 5.92 4.27 14.02
CA LEU A 24 7.25 4.65 13.58
C LEU A 24 7.15 5.75 12.53
N LYS A 25 7.40 6.98 12.96
CA LYS A 25 7.25 8.15 12.09
C LYS A 25 8.41 8.27 11.13
N SER A 26 9.54 7.66 11.47
CA SER A 26 10.72 7.71 10.62
C SER A 26 10.81 6.45 9.77
N PHE A 27 9.74 5.66 9.77
CA PHE A 27 9.67 4.47 8.95
C PHE A 27 8.96 4.81 7.64
N SER A 28 9.75 5.16 6.64
CA SER A 28 9.20 5.51 5.34
C SER A 28 9.61 4.48 4.29
N ALA A 29 8.70 3.58 3.99
CA ALA A 29 8.96 2.54 3.01
C ALA A 29 8.26 2.87 1.71
N ASP A 30 9.00 2.87 0.62
CA ASP A 30 8.40 3.17 -0.68
C ASP A 30 8.16 1.88 -1.44
N ALA A 31 6.90 1.48 -1.50
CA ALA A 31 6.51 0.23 -2.11
C ALA A 31 6.14 0.43 -3.56
N ARG A 32 7.07 0.11 -4.45
CA ARG A 32 6.84 0.22 -5.88
C ARG A 32 6.21 -1.06 -6.41
N PHE A 33 5.05 -0.92 -7.01
CA PHE A 33 4.32 -2.07 -7.55
C PHE A 33 3.83 -1.76 -8.96
N SER A 34 3.93 -2.73 -9.85
CA SER A 34 3.38 -2.60 -11.18
C SER A 34 1.86 -2.61 -11.11
N PRO A 35 1.19 -1.70 -11.85
CA PRO A 35 -0.25 -1.54 -11.79
C PRO A 35 -1.00 -2.69 -12.45
N GLN A 36 -1.07 -3.82 -11.75
CA GLN A 36 -1.85 -4.97 -12.19
C GLN A 36 -1.80 -6.07 -11.14
N MET A 37 -2.53 -5.87 -10.05
CA MET A 37 -2.58 -6.83 -8.96
C MET A 37 -3.91 -6.72 -8.22
N SER A 38 -4.40 -7.83 -7.72
CA SER A 38 -5.62 -7.85 -6.95
C SER A 38 -5.34 -7.55 -5.48
N VAL A 39 -6.13 -6.68 -4.88
CA VAL A 39 -5.97 -6.31 -3.48
C VAL A 39 -6.21 -7.52 -2.57
N GLU A 40 -7.05 -8.44 -3.03
CA GLU A 40 -7.34 -9.65 -2.29
C GLU A 40 -6.07 -10.49 -2.10
N ALA A 41 -5.14 -10.36 -3.04
CA ALA A 41 -3.90 -11.11 -2.97
C ALA A 41 -2.93 -10.49 -1.97
N VAL A 42 -2.81 -9.16 -1.98
CA VAL A 42 -1.88 -8.48 -1.09
C VAL A 42 -2.37 -8.57 0.36
N LYS A 43 -3.69 -8.51 0.56
CA LYS A 43 -4.27 -8.67 1.90
C LYS A 43 -3.96 -10.05 2.45
N GLU A 44 -3.96 -11.05 1.58
CA GLU A 44 -3.66 -12.41 1.98
C GLU A 44 -2.23 -12.55 2.47
N LYS A 45 -1.31 -11.91 1.77
CA LYS A 45 0.11 -12.00 2.12
C LYS A 45 0.37 -11.31 3.46
N LEU A 46 -0.41 -10.27 3.75
CA LEU A 46 -0.32 -9.59 5.03
C LEU A 46 -0.94 -10.45 6.12
N TRP A 47 -2.04 -11.12 5.79
CA TRP A 47 -2.72 -12.02 6.71
C TRP A 47 -1.77 -13.12 7.18
N LYS A 48 -0.93 -13.59 6.26
CA LYS A 48 0.01 -14.68 6.55
C LYS A 48 1.10 -14.25 7.54
N LYS A 49 1.12 -12.98 7.93
CA LYS A 49 2.12 -12.49 8.87
C LYS A 49 1.71 -12.80 10.30
N CYS A 50 0.43 -12.59 10.61
CA CYS A 50 -0.07 -12.80 11.96
C CYS A 50 -1.00 -14.01 12.04
N GLY A 51 -1.62 -14.36 10.92
CA GLY A 51 -2.58 -15.45 10.92
C GLY A 51 -3.91 -15.01 11.50
N THR A 52 -4.18 -13.71 11.42
CA THR A 52 -5.41 -13.15 11.96
C THR A 52 -5.90 -12.04 11.04
N SER A 53 -7.20 -11.99 10.80
CA SER A 53 -7.79 -11.01 9.90
C SER A 53 -7.50 -9.59 10.36
N VAL A 54 -7.17 -8.72 9.42
CA VAL A 54 -6.88 -7.33 9.71
C VAL A 54 -8.16 -6.61 10.10
N ASN A 55 -8.28 -6.28 11.37
CA ASN A 55 -9.49 -5.63 11.88
C ASN A 55 -9.14 -4.54 12.89
N SER A 56 -8.07 -4.72 13.63
CA SER A 56 -7.64 -3.73 14.60
C SER A 56 -6.86 -2.60 13.94
N MET A 57 -5.75 -2.96 13.30
CA MET A 57 -4.91 -1.98 12.61
C MET A 57 -5.64 -1.38 11.42
N ALA A 58 -5.82 -0.07 11.44
CA ALA A 58 -6.58 0.61 10.40
C ALA A 58 -5.68 1.03 9.24
N LEU A 59 -6.20 0.88 8.03
CA LEU A 59 -5.48 1.26 6.83
C LEU A 59 -6.18 2.43 6.16
N GLU A 60 -5.47 3.55 6.06
CA GLU A 60 -6.05 4.75 5.48
C GLU A 60 -5.43 5.07 4.13
N LEU A 61 -6.28 5.41 3.17
CA LEU A 61 -5.84 5.80 1.85
C LEU A 61 -5.89 7.31 1.71
N TYR A 62 -4.73 7.94 1.66
CA TYR A 62 -4.66 9.39 1.56
C TYR A 62 -4.15 9.83 0.19
N ASP A 63 -4.84 10.80 -0.39
CA ASP A 63 -4.41 11.42 -1.63
C ASP A 63 -3.46 12.58 -1.33
N ASP A 64 -2.24 12.45 -1.82
CA ASP A 64 -1.16 13.41 -1.60
C ASP A 64 -0.69 13.38 -0.15
N SER A 65 -1.59 13.74 0.75
CA SER A 65 -1.30 13.77 2.18
C SER A 65 -2.58 13.84 3.01
N GLY A 66 -3.31 14.95 2.88
CA GLY A 66 -4.43 15.20 3.76
C GLY A 66 -5.77 14.77 3.21
N SER A 67 -5.82 14.48 1.92
CA SER A 67 -7.08 14.06 1.28
C SER A 67 -7.43 12.63 1.68
N LYS A 68 -8.43 12.49 2.55
CA LYS A 68 -8.86 11.17 2.99
C LYS A 68 -9.80 10.56 1.96
N VAL A 69 -9.23 9.84 1.01
CA VAL A 69 -10.00 9.27 -0.08
C VAL A 69 -10.06 7.74 0.02
N ALA A 70 -10.23 7.26 1.24
CA ALA A 70 -10.26 5.82 1.49
C ALA A 70 -11.53 5.19 0.94
N VAL A 71 -11.44 4.69 -0.28
CA VAL A 71 -12.56 3.99 -0.91
C VAL A 71 -12.03 2.87 -1.81
N LEU A 72 -12.41 1.64 -1.50
CA LEU A 72 -11.98 0.49 -2.27
C LEU A 72 -13.07 -0.57 -2.30
N SER A 73 -13.55 -0.89 -3.49
CA SER A 73 -14.62 -1.86 -3.63
C SER A 73 -14.19 -3.02 -4.53
N ASP A 74 -13.21 -2.77 -5.40
CA ASP A 74 -12.72 -3.78 -6.33
C ASP A 74 -11.49 -4.50 -5.77
N ASP A 75 -11.61 -5.01 -4.55
CA ASP A 75 -10.54 -5.77 -3.90
C ASP A 75 -10.16 -6.97 -4.75
N SER A 76 -11.16 -7.61 -5.34
CA SER A 76 -10.95 -8.80 -6.13
C SER A 76 -10.70 -8.47 -7.60
N ARG A 77 -10.27 -7.24 -7.85
CA ARG A 77 -9.98 -6.79 -9.21
C ARG A 77 -8.55 -6.25 -9.30
N PRO A 78 -7.95 -6.28 -10.50
CA PRO A 78 -6.60 -5.75 -10.72
C PRO A 78 -6.57 -4.23 -10.67
N LEU A 79 -5.75 -3.70 -9.75
CA LEU A 79 -5.60 -2.26 -9.59
C LEU A 79 -5.23 -1.57 -10.91
N GLY A 80 -4.71 -2.35 -11.85
CA GLY A 80 -4.28 -1.79 -13.12
C GLY A 80 -5.42 -1.26 -13.97
N PHE A 81 -6.60 -1.87 -13.86
CA PHE A 81 -7.72 -1.46 -14.71
C PHE A 81 -8.43 -0.26 -14.08
N PHE A 82 -8.12 0.00 -12.81
CA PHE A 82 -8.69 1.13 -12.10
C PHE A 82 -8.03 2.44 -12.52
N SER A 83 -6.80 2.32 -13.02
CA SER A 83 -5.98 3.47 -13.40
C SER A 83 -5.65 4.34 -12.19
N PRO A 84 -4.51 4.05 -11.53
CA PRO A 84 -4.09 4.79 -10.34
C PRO A 84 -3.47 6.14 -10.67
N PHE A 85 -3.36 6.98 -9.65
CA PHE A 85 -2.77 8.31 -9.82
C PHE A 85 -1.26 8.21 -9.99
N ASP A 86 -0.57 7.82 -8.91
CA ASP A 86 0.87 7.58 -8.95
C ASP A 86 1.33 7.01 -7.62
N GLY A 87 1.28 7.85 -6.60
CA GLY A 87 1.74 7.45 -5.29
C GLY A 87 0.86 7.98 -4.18
N PHE A 88 -0.06 7.15 -3.72
CA PHE A 88 -0.93 7.54 -2.63
C PHE A 88 -0.22 7.34 -1.29
N ARG A 89 -0.75 7.95 -0.26
CA ARG A 89 -0.20 7.81 1.08
C ARG A 89 -0.94 6.73 1.84
N LEU A 90 -0.35 5.54 1.87
CA LEU A 90 -0.90 4.44 2.66
C LEU A 90 -0.39 4.56 4.08
N HIS A 91 -1.07 5.38 4.86
CA HIS A 91 -0.66 5.65 6.22
C HIS A 91 -1.25 4.61 7.16
N ILE A 92 -0.43 3.64 7.52
CA ILE A 92 -0.86 2.56 8.40
C ILE A 92 -1.09 3.10 9.80
N ILE A 93 -2.34 3.03 10.25
CA ILE A 93 -2.70 3.49 11.58
C ILE A 93 -2.41 2.40 12.58
N ASP A 94 -1.30 2.55 13.30
CA ASP A 94 -0.90 1.58 14.31
C ASP A 94 -1.85 1.64 15.51
N LEU A 95 -2.91 0.86 15.42
CA LEU A 95 -3.89 0.78 16.49
C LEU A 95 -3.43 -0.22 17.56
N ASP A 96 -2.17 -0.61 17.45
CA ASP A 96 -1.58 -1.55 18.38
C ASP A 96 -0.48 -0.84 19.20
N PRO A 97 -0.85 -0.32 20.37
CA PRO A 97 0.09 0.40 21.23
C PRO A 97 0.95 -0.54 22.06
N MET A 1 9.42 -18.44 5.57
CA MET A 1 10.40 -17.48 5.04
C MET A 1 10.83 -17.88 3.64
N GLY A 2 11.63 -17.02 3.01
CA GLY A 2 12.16 -17.35 1.69
C GLY A 2 11.29 -16.84 0.56
N HIS A 3 11.37 -15.54 0.30
CA HIS A 3 10.62 -14.95 -0.79
C HIS A 3 11.37 -13.76 -1.36
N HIS A 4 12.11 -14.00 -2.44
CA HIS A 4 12.90 -12.95 -3.08
C HIS A 4 12.03 -12.01 -3.90
N HIS A 5 12.59 -10.86 -4.20
CA HIS A 5 12.00 -9.89 -5.09
C HIS A 5 13.13 -9.29 -5.92
N HIS A 6 13.76 -10.13 -6.72
CA HIS A 6 14.98 -9.74 -7.42
C HIS A 6 14.81 -9.83 -8.93
N HIS A 7 14.63 -8.68 -9.56
CA HIS A 7 14.58 -8.61 -11.01
C HIS A 7 15.34 -7.37 -11.48
N HIS A 8 15.34 -7.14 -12.78
CA HIS A 8 15.98 -5.96 -13.34
C HIS A 8 15.16 -5.39 -14.49
N SER A 9 14.12 -4.66 -14.14
CA SER A 9 13.27 -4.01 -15.12
C SER A 9 13.65 -2.54 -15.21
N HIS A 10 14.45 -2.20 -16.22
CA HIS A 10 14.94 -0.84 -16.39
C HIS A 10 13.78 0.09 -16.74
N GLY A 11 13.37 0.89 -15.78
CA GLY A 11 12.27 1.80 -15.99
C GLY A 11 11.55 2.13 -14.71
N ASP A 12 11.51 1.17 -13.79
CA ASP A 12 10.82 1.35 -12.51
C ASP A 12 9.35 1.68 -12.78
N ASP A 13 8.78 0.97 -13.74
CA ASP A 13 7.40 1.19 -14.16
C ASP A 13 6.44 0.60 -13.14
N SER A 14 6.15 1.38 -12.10
CA SER A 14 5.28 0.94 -11.03
C SER A 14 4.66 2.15 -10.34
N VAL A 15 3.63 1.90 -9.55
CA VAL A 15 3.01 2.96 -8.77
C VAL A 15 3.65 3.03 -7.39
N HIS A 16 4.11 4.22 -7.02
CA HIS A 16 4.86 4.38 -5.78
C HIS A 16 3.93 4.72 -4.62
N LEU A 17 3.41 3.68 -3.98
CA LEU A 17 2.53 3.87 -2.84
C LEU A 17 3.35 3.97 -1.55
N HIS A 18 3.41 5.16 -0.98
CA HIS A 18 4.25 5.40 0.18
C HIS A 18 3.56 4.92 1.45
N ILE A 19 4.25 4.06 2.19
CA ILE A 19 3.71 3.53 3.43
C ILE A 19 4.01 4.48 4.58
N THR A 20 2.97 4.94 5.25
CA THR A 20 3.13 5.85 6.37
C THR A 20 2.75 5.14 7.67
N HIS A 21 3.74 4.78 8.45
CA HIS A 21 3.53 4.05 9.70
C HIS A 21 3.15 5.03 10.81
N ALA A 22 2.32 4.59 11.76
CA ALA A 22 1.84 5.46 12.82
C ALA A 22 2.94 5.76 13.83
N ASN A 23 3.41 4.73 14.53
CA ASN A 23 4.47 4.90 15.53
C ASN A 23 5.76 5.38 14.88
N LEU A 24 6.15 4.71 13.81
CA LEU A 24 7.32 5.12 13.03
C LEU A 24 6.90 6.13 11.98
N LYS A 25 6.98 7.40 12.35
CA LYS A 25 6.47 8.49 11.52
C LYS A 25 7.25 8.61 10.21
N SER A 26 8.56 8.42 10.26
CA SER A 26 9.37 8.52 9.06
C SER A 26 9.65 7.13 8.49
N PHE A 27 8.68 6.60 7.78
CA PHE A 27 8.83 5.31 7.14
C PHE A 27 9.19 5.53 5.68
N SER A 28 10.48 5.51 5.39
CA SER A 28 10.97 5.78 4.05
C SER A 28 10.96 4.51 3.20
N ALA A 29 9.78 4.16 2.70
CA ALA A 29 9.63 2.99 1.86
C ALA A 29 8.34 3.08 1.04
N ASP A 30 8.49 3.22 -0.27
CA ASP A 30 7.34 3.19 -1.15
C ASP A 30 7.13 1.79 -1.69
N ALA A 31 5.90 1.32 -1.60
CA ALA A 31 5.56 0.01 -2.12
C ALA A 31 5.18 0.14 -3.59
N ARG A 32 6.19 0.05 -4.45
CA ARG A 32 5.98 0.21 -5.87
C ARG A 32 5.65 -1.13 -6.52
N PHE A 33 4.43 -1.24 -7.02
CA PHE A 33 3.99 -2.45 -7.71
C PHE A 33 3.49 -2.09 -9.10
N SER A 34 3.42 -3.09 -9.96
CA SER A 34 2.94 -2.90 -11.32
C SER A 34 1.56 -2.25 -11.33
N PRO A 35 1.34 -1.26 -12.19
CA PRO A 35 0.06 -0.55 -12.29
C PRO A 35 -1.09 -1.48 -12.70
N GLN A 36 -0.74 -2.68 -13.14
CA GLN A 36 -1.72 -3.67 -13.55
C GLN A 36 -2.16 -4.53 -12.36
N MET A 37 -1.55 -4.28 -11.20
CA MET A 37 -1.87 -5.04 -10.01
C MET A 37 -3.09 -4.45 -9.30
N SER A 38 -3.94 -5.32 -8.79
CA SER A 38 -5.09 -4.91 -8.01
C SER A 38 -4.81 -5.12 -6.52
N VAL A 39 -5.60 -4.46 -5.66
CA VAL A 39 -5.39 -4.56 -4.22
C VAL A 39 -5.74 -5.96 -3.71
N GLU A 40 -6.41 -6.73 -4.55
CA GLU A 40 -6.75 -8.10 -4.25
C GLU A 40 -5.49 -8.92 -3.97
N ALA A 41 -4.41 -8.58 -4.66
CA ALA A 41 -3.19 -9.37 -4.62
C ALA A 41 -2.36 -9.15 -3.34
N VAL A 42 -2.92 -8.42 -2.39
CA VAL A 42 -2.24 -8.20 -1.12
C VAL A 42 -3.10 -8.70 0.05
N LYS A 43 -4.37 -8.98 -0.23
CA LYS A 43 -5.32 -9.36 0.82
C LYS A 43 -4.90 -10.67 1.49
N GLU A 44 -4.79 -11.72 0.69
CA GLU A 44 -4.46 -13.05 1.18
C GLU A 44 -2.99 -13.10 1.59
N LYS A 45 -2.19 -12.26 0.96
CA LYS A 45 -0.75 -12.23 1.19
C LYS A 45 -0.44 -11.77 2.61
N LEU A 46 -1.14 -10.73 3.07
CA LEU A 46 -0.97 -10.25 4.43
C LEU A 46 -1.65 -11.19 5.43
N TRP A 47 -2.75 -11.79 4.99
CA TRP A 47 -3.49 -12.73 5.82
C TRP A 47 -2.62 -13.91 6.26
N LYS A 48 -1.89 -14.48 5.32
CA LYS A 48 -1.06 -15.65 5.60
C LYS A 48 0.27 -15.25 6.21
N LYS A 49 0.47 -13.95 6.40
CA LYS A 49 1.68 -13.45 7.01
C LYS A 49 1.56 -13.39 8.54
N CYS A 50 0.60 -12.60 9.02
CA CYS A 50 0.46 -12.39 10.45
C CYS A 50 -0.83 -13.01 11.00
N GLY A 51 -1.54 -13.75 10.14
CA GLY A 51 -2.78 -14.37 10.56
C GLY A 51 -3.81 -13.35 11.01
N THR A 52 -4.00 -12.33 10.20
CA THR A 52 -4.88 -11.23 10.57
C THR A 52 -5.80 -10.89 9.39
N SER A 53 -6.91 -10.24 9.70
CA SER A 53 -7.87 -9.84 8.69
C SER A 53 -7.62 -8.39 8.28
N VAL A 54 -7.91 -8.07 7.03
CA VAL A 54 -7.68 -6.72 6.51
C VAL A 54 -8.56 -5.69 7.21
N ASN A 55 -9.59 -6.16 7.89
CA ASN A 55 -10.49 -5.27 8.63
C ASN A 55 -9.87 -4.94 9.99
N SER A 56 -8.91 -5.76 10.42
CA SER A 56 -8.23 -5.57 11.69
C SER A 56 -6.99 -4.70 11.50
N MET A 57 -6.79 -4.26 10.27
CA MET A 57 -5.65 -3.42 9.93
C MET A 57 -6.14 -2.10 9.32
N ALA A 58 -6.22 -1.06 10.15
CA ALA A 58 -6.75 0.22 9.72
C ALA A 58 -5.77 0.94 8.80
N LEU A 59 -6.14 1.05 7.52
CA LEU A 59 -5.31 1.70 6.53
C LEU A 59 -5.97 2.98 6.03
N GLU A 60 -5.41 4.11 6.44
CA GLU A 60 -5.93 5.40 6.00
C GLU A 60 -5.19 5.85 4.74
N LEU A 61 -5.78 5.57 3.59
CA LEU A 61 -5.20 5.95 2.32
C LEU A 61 -5.47 7.41 2.00
N TYR A 62 -4.47 8.25 2.24
CA TYR A 62 -4.58 9.66 1.91
C TYR A 62 -4.07 9.90 0.49
N ASP A 63 -4.47 11.01 -0.09
CA ASP A 63 -3.92 11.46 -1.37
C ASP A 63 -2.43 11.70 -1.23
N ASP A 64 -2.08 12.41 -0.17
CA ASP A 64 -0.71 12.74 0.21
C ASP A 64 -0.76 13.91 1.17
N SER A 65 -1.73 14.78 0.93
CA SER A 65 -1.96 15.95 1.76
C SER A 65 -2.64 15.55 3.06
N GLY A 66 -3.62 14.65 2.96
CA GLY A 66 -4.32 14.20 4.14
C GLY A 66 -5.77 13.84 3.87
N SER A 67 -6.22 14.03 2.64
CA SER A 67 -7.58 13.66 2.27
C SER A 67 -7.62 12.21 1.83
N LYS A 68 -8.47 11.41 2.45
CA LYS A 68 -8.58 10.01 2.06
C LYS A 68 -9.20 9.89 0.67
N VAL A 69 -8.49 9.23 -0.22
CA VAL A 69 -8.93 9.08 -1.60
C VAL A 69 -9.34 7.64 -1.88
N ALA A 70 -9.54 6.89 -0.80
CA ALA A 70 -9.93 5.49 -0.92
C ALA A 70 -11.43 5.36 -1.20
N VAL A 71 -11.81 5.60 -2.45
CA VAL A 71 -13.19 5.39 -2.88
C VAL A 71 -13.49 3.88 -2.90
N LEU A 72 -12.44 3.10 -3.17
CA LEU A 72 -12.50 1.64 -3.16
C LEU A 72 -13.62 1.12 -4.06
N SER A 73 -13.40 1.22 -5.36
CA SER A 73 -14.29 0.61 -6.34
C SER A 73 -13.45 -0.12 -7.38
N ASP A 74 -12.14 -0.08 -7.16
CA ASP A 74 -11.16 -0.60 -8.12
C ASP A 74 -10.40 -1.75 -7.50
N ASP A 75 -11.01 -2.37 -6.50
CA ASP A 75 -10.37 -3.44 -5.73
C ASP A 75 -9.86 -4.57 -6.62
N SER A 76 -10.66 -4.95 -7.60
CA SER A 76 -10.32 -6.04 -8.48
C SER A 76 -9.92 -5.52 -9.87
N ARG A 77 -9.41 -4.29 -9.90
CA ARG A 77 -9.02 -3.67 -11.16
C ARG A 77 -7.61 -3.09 -11.03
N PRO A 78 -6.89 -2.96 -12.17
CA PRO A 78 -5.56 -2.36 -12.19
C PRO A 78 -5.60 -0.87 -11.87
N LEU A 79 -4.76 -0.45 -10.94
CA LEU A 79 -4.71 0.94 -10.51
C LEU A 79 -4.27 1.86 -11.65
N GLY A 80 -3.42 1.34 -12.53
CA GLY A 80 -2.89 2.13 -13.63
C GLY A 80 -3.96 2.49 -14.64
N PHE A 81 -5.07 1.77 -14.62
CA PHE A 81 -6.17 2.05 -15.54
C PHE A 81 -6.95 3.28 -15.09
N PHE A 82 -6.91 3.55 -13.80
CA PHE A 82 -7.63 4.67 -13.23
C PHE A 82 -6.94 5.99 -13.55
N SER A 83 -5.63 5.92 -13.76
CA SER A 83 -4.79 7.11 -13.95
C SER A 83 -4.79 7.96 -12.68
N PRO A 84 -4.14 7.47 -11.62
CA PRO A 84 -4.11 8.12 -10.32
C PRO A 84 -2.85 8.96 -10.08
N PHE A 85 -2.70 9.44 -8.86
CA PHE A 85 -1.53 10.20 -8.46
C PHE A 85 -0.45 9.26 -7.94
N ASP A 86 0.77 9.43 -8.44
CA ASP A 86 1.87 8.58 -8.03
C ASP A 86 2.51 9.09 -6.75
N GLY A 87 2.01 8.57 -5.62
CA GLY A 87 2.57 8.93 -4.34
C GLY A 87 1.52 9.08 -3.26
N PHE A 88 0.66 8.08 -3.13
CA PHE A 88 -0.38 8.09 -2.12
C PHE A 88 0.20 7.75 -0.75
N ARG A 89 -0.59 7.98 0.30
CA ARG A 89 -0.15 7.74 1.66
C ARG A 89 -0.91 6.57 2.28
N LEU A 90 -0.21 5.47 2.50
CA LEU A 90 -0.80 4.33 3.20
C LEU A 90 -0.56 4.46 4.69
N HIS A 91 -1.44 5.15 5.39
CA HIS A 91 -1.27 5.37 6.83
C HIS A 91 -1.74 4.15 7.61
N ILE A 92 -0.78 3.39 8.10
CA ILE A 92 -1.07 2.19 8.87
C ILE A 92 -1.22 2.54 10.34
N ILE A 93 -2.44 2.41 10.85
CA ILE A 93 -2.70 2.63 12.27
C ILE A 93 -2.09 1.50 13.08
N ASP A 94 -1.26 1.84 14.06
CA ASP A 94 -0.65 0.84 14.91
C ASP A 94 -1.58 0.38 16.01
N LEU A 95 -2.32 -0.68 15.73
CA LEU A 95 -3.21 -1.27 16.71
C LEU A 95 -3.06 -2.79 16.72
N ASP A 96 -2.00 -3.27 16.07
CA ASP A 96 -1.75 -4.70 15.96
C ASP A 96 -1.05 -5.22 17.21
N PRO A 97 -1.72 -6.11 17.96
CA PRO A 97 -1.18 -6.68 19.20
C PRO A 97 -0.08 -7.69 18.95
N MET A 1 7.39 -17.41 4.10
CA MET A 1 7.21 -17.46 2.64
C MET A 1 7.15 -16.04 2.08
N GLY A 2 7.16 -15.94 0.76
CA GLY A 2 7.11 -14.64 0.12
C GLY A 2 7.80 -14.65 -1.24
N HIS A 3 7.08 -15.05 -2.27
CA HIS A 3 7.63 -15.06 -3.61
C HIS A 3 7.54 -13.65 -4.21
N HIS A 4 8.70 -13.08 -4.52
CA HIS A 4 8.78 -11.71 -5.03
C HIS A 4 9.33 -11.72 -6.45
N HIS A 5 8.46 -11.62 -7.44
CA HIS A 5 8.92 -11.60 -8.81
C HIS A 5 9.26 -10.18 -9.25
N HIS A 6 10.55 -9.86 -9.25
CA HIS A 6 11.02 -8.58 -9.77
C HIS A 6 12.49 -8.68 -10.14
N HIS A 7 12.86 -9.80 -10.75
CA HIS A 7 14.18 -9.97 -11.33
C HIS A 7 14.04 -10.30 -12.81
N HIS A 8 13.01 -9.70 -13.40
CA HIS A 8 12.64 -9.97 -14.78
C HIS A 8 11.74 -8.84 -15.28
N SER A 9 12.35 -7.77 -15.79
CA SER A 9 11.61 -6.61 -16.26
C SER A 9 12.57 -5.58 -16.84
N HIS A 10 12.06 -4.73 -17.73
CA HIS A 10 12.83 -3.61 -18.25
C HIS A 10 12.26 -2.31 -17.71
N GLY A 11 11.38 -2.42 -16.73
CA GLY A 11 10.73 -1.25 -16.17
C GLY A 11 9.42 -0.98 -16.84
N ASP A 12 8.36 -0.93 -16.05
CA ASP A 12 7.01 -0.69 -16.56
C ASP A 12 6.33 0.33 -15.67
N ASP A 13 5.03 0.52 -15.85
CA ASP A 13 4.28 1.43 -14.99
C ASP A 13 4.29 0.92 -13.57
N SER A 14 4.47 1.80 -12.62
CA SER A 14 4.54 1.40 -11.22
C SER A 14 3.81 2.40 -10.34
N VAL A 15 3.10 1.90 -9.35
CA VAL A 15 2.48 2.75 -8.36
C VAL A 15 3.42 2.91 -7.17
N HIS A 16 3.90 4.12 -6.97
CA HIS A 16 4.86 4.40 -5.92
C HIS A 16 4.14 4.65 -4.60
N LEU A 17 3.93 3.57 -3.85
CA LEU A 17 3.21 3.63 -2.59
C LEU A 17 4.12 4.14 -1.48
N HIS A 18 3.68 5.17 -0.78
CA HIS A 18 4.43 5.69 0.35
C HIS A 18 3.86 5.16 1.66
N ILE A 19 4.51 4.16 2.22
CA ILE A 19 4.10 3.59 3.48
C ILE A 19 4.48 4.53 4.63
N THR A 20 3.48 4.95 5.38
CA THR A 20 3.69 5.83 6.52
C THR A 20 3.17 5.14 7.79
N HIS A 21 4.08 4.69 8.62
CA HIS A 21 3.71 3.93 9.81
C HIS A 21 3.47 4.88 10.99
N ALA A 22 2.44 4.62 11.78
CA ALA A 22 2.06 5.49 12.89
C ALA A 22 3.04 5.40 14.07
N ASN A 23 3.01 4.27 14.78
CA ASN A 23 3.85 4.09 15.97
C ASN A 23 5.32 4.31 15.63
N LEU A 24 5.78 3.67 14.56
CA LEU A 24 7.12 3.92 14.04
C LEU A 24 7.07 5.04 13.01
N LYS A 25 7.30 6.27 13.48
CA LYS A 25 7.18 7.46 12.65
C LYS A 25 8.30 7.53 11.63
N SER A 26 9.47 7.05 12.01
CA SER A 26 10.63 7.08 11.12
C SER A 26 10.70 5.84 10.23
N PHE A 27 9.58 5.16 10.09
CA PHE A 27 9.51 3.99 9.23
C PHE A 27 9.22 4.43 7.79
N SER A 28 10.26 4.48 6.99
CA SER A 28 10.13 4.91 5.60
C SER A 28 10.18 3.72 4.66
N ALA A 29 9.14 3.57 3.86
CA ALA A 29 9.07 2.49 2.88
C ALA A 29 8.25 2.90 1.66
N ASP A 30 8.93 3.25 0.59
CA ASP A 30 8.26 3.55 -0.66
C ASP A 30 8.38 2.36 -1.61
N ALA A 31 7.27 1.66 -1.77
CA ALA A 31 7.26 0.44 -2.57
C ALA A 31 6.60 0.69 -3.91
N ARG A 32 7.20 0.15 -4.96
CA ARG A 32 6.64 0.28 -6.29
C ARG A 32 6.02 -1.03 -6.74
N PHE A 33 4.71 -1.01 -6.95
CA PHE A 33 3.99 -2.18 -7.40
C PHE A 33 3.37 -1.94 -8.76
N SER A 34 2.84 -2.99 -9.36
CA SER A 34 2.16 -2.89 -10.64
C SER A 34 0.79 -2.24 -10.48
N PRO A 35 0.43 -1.33 -11.40
CA PRO A 35 -0.88 -0.65 -11.36
C PRO A 35 -2.03 -1.62 -11.61
N GLN A 36 -3.24 -1.19 -11.25
CA GLN A 36 -4.44 -2.01 -11.37
C GLN A 36 -4.38 -3.19 -10.40
N MET A 37 -3.61 -3.00 -9.33
CA MET A 37 -3.51 -3.99 -8.27
C MET A 37 -4.74 -3.94 -7.38
N SER A 38 -5.23 -5.11 -6.99
CA SER A 38 -6.42 -5.19 -6.14
C SER A 38 -6.04 -5.05 -4.67
N VAL A 39 -6.90 -4.37 -3.91
CA VAL A 39 -6.64 -4.09 -2.51
C VAL A 39 -6.78 -5.36 -1.67
N GLU A 40 -7.53 -6.33 -2.16
CA GLU A 40 -7.73 -7.58 -1.43
C GLU A 40 -6.41 -8.32 -1.24
N ALA A 41 -5.41 -7.96 -2.03
CA ALA A 41 -4.09 -8.57 -1.93
C ALA A 41 -3.45 -8.26 -0.57
N VAL A 42 -3.65 -7.05 -0.09
CA VAL A 42 -3.08 -6.64 1.20
C VAL A 42 -3.94 -7.19 2.35
N LYS A 43 -5.17 -7.56 2.02
CA LYS A 43 -6.09 -8.16 3.00
C LYS A 43 -5.56 -9.51 3.47
N GLU A 44 -4.80 -10.17 2.61
CA GLU A 44 -4.16 -11.44 2.96
C GLU A 44 -2.74 -11.19 3.44
N LYS A 45 -2.10 -10.19 2.86
CA LYS A 45 -0.69 -9.91 3.14
C LYS A 45 -0.47 -9.58 4.62
N LEU A 46 -1.40 -8.83 5.19
CA LEU A 46 -1.31 -8.44 6.60
C LEU A 46 -2.12 -9.39 7.47
N TRP A 47 -2.73 -10.38 6.84
CA TRP A 47 -3.63 -11.31 7.53
C TRP A 47 -2.82 -12.37 8.27
N LYS A 48 -1.50 -12.24 8.22
CA LYS A 48 -0.62 -13.15 8.94
C LYS A 48 -0.10 -12.52 10.22
N LYS A 49 -0.49 -11.27 10.47
CA LYS A 49 -0.10 -10.58 11.69
C LYS A 49 -1.24 -10.63 12.70
N CYS A 50 -2.44 -10.31 12.24
CA CYS A 50 -3.61 -10.26 13.11
C CYS A 50 -4.81 -10.92 12.44
N GLY A 51 -5.34 -11.96 13.07
CA GLY A 51 -6.51 -12.64 12.55
C GLY A 51 -7.80 -11.93 12.93
N THR A 52 -7.67 -10.76 13.54
CA THR A 52 -8.81 -9.98 13.95
C THR A 52 -9.25 -9.05 12.80
N SER A 53 -8.73 -9.33 11.60
CA SER A 53 -8.97 -8.52 10.40
C SER A 53 -8.22 -7.20 10.51
N VAL A 54 -7.73 -6.70 9.38
CA VAL A 54 -7.00 -5.44 9.37
C VAL A 54 -7.93 -4.26 9.58
N ASN A 55 -8.20 -3.97 10.85
CA ASN A 55 -9.08 -2.86 11.23
C ASN A 55 -8.37 -1.96 12.23
N SER A 56 -7.74 -2.58 13.22
CA SER A 56 -6.97 -1.86 14.22
C SER A 56 -5.59 -1.49 13.66
N MET A 57 -5.36 -1.86 12.41
CA MET A 57 -4.13 -1.54 11.70
C MET A 57 -4.48 -1.19 10.26
N ALA A 58 -5.58 -0.47 10.10
CA ALA A 58 -6.11 -0.14 8.79
C ALA A 58 -5.26 0.90 8.07
N LEU A 59 -5.50 1.04 6.77
CA LEU A 59 -4.70 1.93 5.94
C LEU A 59 -5.48 3.21 5.62
N GLU A 60 -5.03 4.33 6.17
CA GLU A 60 -5.58 5.63 5.82
C GLU A 60 -4.93 6.10 4.52
N LEU A 61 -5.59 5.84 3.40
CA LEU A 61 -5.07 6.22 2.10
C LEU A 61 -5.41 7.67 1.79
N TYR A 62 -4.39 8.51 1.82
CA TYR A 62 -4.56 9.92 1.54
C TYR A 62 -4.03 10.26 0.16
N ASP A 63 -4.86 10.07 -0.85
CA ASP A 63 -4.47 10.38 -2.21
C ASP A 63 -4.71 11.84 -2.51
N ASP A 64 -4.11 12.31 -3.60
CA ASP A 64 -4.20 13.71 -4.00
C ASP A 64 -3.58 14.62 -2.94
N SER A 65 -2.72 14.01 -2.11
CA SER A 65 -1.93 14.71 -1.10
C SER A 65 -2.73 15.06 0.16
N GLY A 66 -3.97 15.52 0.00
CA GLY A 66 -4.72 16.00 1.15
C GLY A 66 -6.14 15.46 1.26
N SER A 67 -6.46 14.44 0.49
CA SER A 67 -7.80 13.87 0.53
C SER A 67 -7.75 12.39 0.94
N LYS A 68 -8.68 11.99 1.79
CA LYS A 68 -8.76 10.59 2.19
C LYS A 68 -9.73 9.86 1.29
N VAL A 69 -9.30 8.73 0.75
CA VAL A 69 -10.09 8.00 -0.22
C VAL A 69 -10.36 6.57 0.24
N ALA A 70 -10.16 6.32 1.53
CA ALA A 70 -10.37 4.99 2.09
C ALA A 70 -11.86 4.73 2.34
N VAL A 71 -12.63 4.79 1.27
CA VAL A 71 -14.07 4.54 1.35
C VAL A 71 -14.38 3.09 0.95
N LEU A 72 -13.38 2.44 0.34
CA LEU A 72 -13.50 1.05 -0.09
C LEU A 72 -14.65 0.85 -1.08
N SER A 73 -14.45 1.34 -2.28
CA SER A 73 -15.38 1.13 -3.38
C SER A 73 -14.58 0.73 -4.61
N ASP A 74 -13.36 0.32 -4.35
CA ASP A 74 -12.34 0.19 -5.37
C ASP A 74 -11.39 -0.95 -5.03
N ASP A 75 -11.88 -1.89 -4.23
CA ASP A 75 -11.07 -3.00 -3.72
C ASP A 75 -10.53 -3.85 -4.87
N SER A 76 -11.31 -3.99 -5.93
CA SER A 76 -10.90 -4.80 -7.07
C SER A 76 -10.98 -3.99 -8.35
N ARG A 77 -10.94 -2.67 -8.20
CA ARG A 77 -11.06 -1.75 -9.33
C ARG A 77 -9.70 -1.47 -9.94
N PRO A 78 -9.59 -1.52 -11.27
CA PRO A 78 -8.35 -1.22 -11.98
C PRO A 78 -7.94 0.24 -11.82
N LEU A 79 -6.82 0.45 -11.14
CA LEU A 79 -6.33 1.80 -10.87
C LEU A 79 -6.02 2.57 -12.16
N GLY A 80 -5.92 1.85 -13.27
CA GLY A 80 -5.68 2.48 -14.54
C GLY A 80 -6.89 3.27 -15.03
N PHE A 81 -8.08 2.75 -14.72
CA PHE A 81 -9.32 3.40 -15.13
C PHE A 81 -9.55 4.68 -14.32
N PHE A 82 -8.97 4.72 -13.14
CA PHE A 82 -9.06 5.88 -12.26
C PHE A 82 -7.89 6.83 -12.53
N SER A 83 -7.01 6.42 -13.44
CA SER A 83 -5.78 7.16 -13.75
C SER A 83 -4.80 7.06 -12.56
N PRO A 84 -3.69 6.34 -12.75
CA PRO A 84 -2.73 6.08 -11.66
C PRO A 84 -2.15 7.35 -11.05
N PHE A 85 -2.01 7.34 -9.73
CA PHE A 85 -1.37 8.44 -9.02
C PHE A 85 0.06 8.04 -8.68
N ASP A 86 0.98 8.98 -8.75
CA ASP A 86 2.40 8.67 -8.61
C ASP A 86 2.88 8.74 -7.16
N GLY A 87 1.94 8.86 -6.22
CA GLY A 87 2.33 8.94 -4.82
C GLY A 87 1.19 8.68 -3.86
N PHE A 88 0.72 7.43 -3.83
CA PHE A 88 -0.31 7.05 -2.87
C PHE A 88 0.24 7.13 -1.45
N ARG A 89 -0.53 7.72 -0.54
CA ARG A 89 -0.09 7.87 0.83
C ARG A 89 -0.81 6.88 1.75
N LEU A 90 -0.12 5.81 2.10
CA LEU A 90 -0.68 4.78 2.96
C LEU A 90 -0.31 5.05 4.42
N HIS A 91 -1.20 5.70 5.14
CA HIS A 91 -0.97 5.96 6.55
C HIS A 91 -1.52 4.82 7.39
N ILE A 92 -0.63 3.94 7.81
CA ILE A 92 -1.02 2.78 8.59
C ILE A 92 -1.40 3.18 10.01
N ILE A 93 -2.66 2.98 10.36
CA ILE A 93 -3.13 3.24 11.70
C ILE A 93 -2.60 2.17 12.64
N ASP A 94 -1.44 2.44 13.22
CA ASP A 94 -0.77 1.47 14.07
C ASP A 94 -1.13 1.74 15.52
N LEU A 95 -2.27 1.22 15.93
CA LEU A 95 -2.73 1.36 17.30
C LEU A 95 -2.86 -0.02 17.96
N ASP A 96 -2.75 -1.07 17.14
CA ASP A 96 -2.92 -2.43 17.62
C ASP A 96 -1.71 -2.84 18.47
N PRO A 97 -1.95 -3.19 19.74
CA PRO A 97 -0.88 -3.56 20.68
C PRO A 97 -0.18 -4.86 20.28
N MET A 1 21.26 -6.68 7.10
CA MET A 1 22.02 -7.63 7.93
C MET A 1 22.28 -8.95 7.18
N GLY A 2 21.48 -9.24 6.17
CA GLY A 2 21.66 -10.45 5.39
C GLY A 2 20.36 -11.07 4.95
N HIS A 3 19.35 -10.96 5.81
CA HIS A 3 18.03 -11.48 5.49
C HIS A 3 17.36 -10.56 4.46
N HIS A 4 17.37 -10.99 3.21
CA HIS A 4 16.93 -10.13 2.10
C HIS A 4 15.41 -9.94 2.10
N HIS A 5 14.99 -8.72 1.83
CA HIS A 5 13.58 -8.41 1.66
C HIS A 5 13.38 -7.75 0.29
N HIS A 6 12.20 -7.94 -0.29
CA HIS A 6 11.85 -7.37 -1.61
C HIS A 6 12.66 -8.04 -2.72
N HIS A 7 12.52 -7.51 -3.94
CA HIS A 7 13.30 -7.95 -5.10
C HIS A 7 13.02 -7.00 -6.26
N HIS A 8 13.92 -6.93 -7.22
CA HIS A 8 13.80 -5.97 -8.32
C HIS A 8 13.90 -6.65 -9.68
N SER A 9 14.17 -5.85 -10.71
CA SER A 9 14.32 -6.29 -12.10
C SER A 9 12.98 -6.45 -12.79
N HIS A 10 12.80 -5.69 -13.88
CA HIS A 10 11.63 -5.79 -14.77
C HIS A 10 10.38 -5.20 -14.14
N GLY A 11 10.56 -4.36 -13.13
CA GLY A 11 9.45 -3.64 -12.55
C GLY A 11 9.18 -2.35 -13.29
N ASP A 12 8.62 -2.46 -14.48
CA ASP A 12 8.38 -1.31 -15.35
C ASP A 12 6.97 -0.77 -15.15
N ASP A 13 6.83 0.55 -15.29
CA ASP A 13 5.54 1.23 -15.12
C ASP A 13 5.06 1.07 -13.68
N SER A 14 6.03 1.00 -12.77
CA SER A 14 5.75 0.76 -11.36
C SER A 14 5.12 1.98 -10.70
N VAL A 15 4.01 1.75 -10.02
CA VAL A 15 3.33 2.81 -9.29
C VAL A 15 4.09 3.14 -8.01
N HIS A 16 4.25 4.42 -7.74
CA HIS A 16 5.02 4.88 -6.60
C HIS A 16 4.11 5.11 -5.39
N LEU A 17 4.18 4.21 -4.43
CA LEU A 17 3.34 4.28 -3.24
C LEU A 17 4.16 4.70 -2.03
N HIS A 18 3.48 5.24 -1.02
CA HIS A 18 4.13 5.63 0.22
C HIS A 18 3.44 4.96 1.40
N ILE A 19 4.02 3.89 1.91
CA ILE A 19 3.44 3.21 3.05
C ILE A 19 3.89 3.89 4.34
N THR A 20 3.03 4.74 4.86
CA THR A 20 3.34 5.54 6.04
C THR A 20 3.01 4.80 7.33
N HIS A 21 4.02 4.61 8.16
CA HIS A 21 3.83 3.96 9.46
C HIS A 21 3.54 5.03 10.51
N ALA A 22 2.52 4.81 11.34
CA ALA A 22 2.10 5.82 12.31
C ALA A 22 2.94 5.74 13.58
N ASN A 23 3.26 4.54 14.00
CA ASN A 23 4.10 4.32 15.19
C ASN A 23 5.41 5.07 15.04
N LEU A 24 6.05 4.89 13.89
CA LEU A 24 7.23 5.64 13.53
C LEU A 24 6.98 6.40 12.25
N LYS A 25 6.60 7.66 12.36
CA LYS A 25 6.24 8.48 11.20
C LYS A 25 7.47 8.74 10.33
N SER A 26 8.65 8.60 10.91
CA SER A 26 9.89 8.75 10.19
C SER A 26 10.17 7.49 9.35
N PHE A 27 9.32 6.49 9.51
CA PHE A 27 9.45 5.26 8.75
C PHE A 27 8.40 5.21 7.64
N SER A 28 8.77 5.70 6.48
CA SER A 28 7.89 5.65 5.31
C SER A 28 8.46 4.63 4.33
N ALA A 29 7.78 3.51 4.18
CA ALA A 29 8.23 2.48 3.28
C ALA A 29 7.92 2.86 1.83
N ASP A 30 8.94 3.34 1.14
CA ASP A 30 8.79 3.75 -0.25
C ASP A 30 8.61 2.52 -1.12
N ALA A 31 7.43 2.36 -1.67
CA ALA A 31 7.09 1.15 -2.40
C ALA A 31 6.79 1.43 -3.86
N ARG A 32 6.97 0.42 -4.68
CA ARG A 32 6.68 0.51 -6.10
C ARG A 32 6.24 -0.85 -6.62
N PHE A 33 5.03 -0.90 -7.15
CA PHE A 33 4.45 -2.15 -7.61
C PHE A 33 3.82 -1.99 -8.99
N SER A 34 3.09 -3.00 -9.43
CA SER A 34 2.45 -2.98 -10.73
C SER A 34 1.01 -2.51 -10.61
N PRO A 35 0.48 -1.85 -11.66
CA PRO A 35 -0.92 -1.38 -11.67
C PRO A 35 -1.93 -2.52 -11.61
N GLN A 36 -1.45 -3.73 -11.87
CA GLN A 36 -2.30 -4.92 -11.82
C GLN A 36 -2.55 -5.34 -10.36
N MET A 37 -1.75 -4.80 -9.45
CA MET A 37 -1.86 -5.13 -8.05
C MET A 37 -3.17 -4.63 -7.46
N SER A 38 -3.92 -5.53 -6.85
CA SER A 38 -5.16 -5.19 -6.19
C SER A 38 -4.97 -5.24 -4.67
N VAL A 39 -5.94 -4.72 -3.94
CA VAL A 39 -5.91 -4.77 -2.49
C VAL A 39 -6.12 -6.21 -2.02
N GLU A 40 -6.91 -6.95 -2.79
CA GLU A 40 -7.13 -8.37 -2.53
C GLU A 40 -5.78 -9.11 -2.52
N ALA A 41 -4.95 -8.78 -3.51
CA ALA A 41 -3.66 -9.43 -3.66
C ALA A 41 -2.77 -9.23 -2.44
N VAL A 42 -2.69 -8.00 -1.94
CA VAL A 42 -1.80 -7.71 -0.82
C VAL A 42 -2.32 -8.31 0.49
N LYS A 43 -3.63 -8.27 0.71
CA LYS A 43 -4.23 -8.85 1.92
C LYS A 43 -3.92 -10.34 1.99
N GLU A 44 -4.09 -11.01 0.86
CA GLU A 44 -3.86 -12.44 0.77
C GLU A 44 -2.38 -12.77 0.85
N LYS A 45 -1.55 -11.90 0.26
CA LYS A 45 -0.11 -12.12 0.21
C LYS A 45 0.51 -12.03 1.60
N LEU A 46 -0.06 -11.18 2.45
CA LEU A 46 0.40 -11.04 3.82
C LEU A 46 -0.13 -12.19 4.67
N TRP A 47 -1.27 -12.73 4.27
CA TRP A 47 -1.87 -13.87 4.95
C TRP A 47 -1.03 -15.13 4.70
N LYS A 48 -0.66 -15.33 3.43
CA LYS A 48 0.14 -16.48 3.04
C LYS A 48 1.61 -16.28 3.43
N LYS A 49 1.93 -15.07 3.89
CA LYS A 49 3.28 -14.76 4.35
C LYS A 49 3.52 -15.34 5.73
N CYS A 50 2.66 -14.98 6.68
CA CYS A 50 2.81 -15.43 8.05
C CYS A 50 1.46 -15.50 8.74
N GLY A 51 0.77 -14.37 8.81
CA GLY A 51 -0.54 -14.36 9.42
C GLY A 51 -1.14 -12.97 9.47
N THR A 52 -0.80 -12.14 8.50
CA THR A 52 -1.33 -10.79 8.47
C THR A 52 -2.61 -10.76 7.63
N SER A 53 -3.71 -11.08 8.28
CA SER A 53 -5.00 -11.13 7.63
C SER A 53 -5.57 -9.72 7.42
N VAL A 54 -4.91 -8.74 8.05
CA VAL A 54 -5.37 -7.36 8.06
C VAL A 54 -6.69 -7.28 8.81
N ASN A 55 -6.60 -7.25 10.13
CA ASN A 55 -7.78 -7.28 10.98
C ASN A 55 -8.03 -5.93 11.63
N SER A 56 -7.22 -5.60 12.64
CA SER A 56 -7.38 -4.37 13.37
C SER A 56 -6.40 -3.32 12.84
N MET A 57 -5.71 -3.67 11.76
CA MET A 57 -4.77 -2.77 11.14
C MET A 57 -5.50 -1.82 10.18
N ALA A 58 -5.85 -0.64 10.70
CA ALA A 58 -6.56 0.35 9.92
C ALA A 58 -5.64 1.02 8.91
N LEU A 59 -6.06 1.04 7.65
CA LEU A 59 -5.26 1.64 6.60
C LEU A 59 -5.97 2.85 6.02
N GLU A 60 -5.49 4.04 6.38
CA GLU A 60 -6.03 5.27 5.83
C GLU A 60 -5.48 5.52 4.43
N LEU A 61 -6.36 5.75 3.48
CA LEU A 61 -5.94 6.02 2.12
C LEU A 61 -5.76 7.51 1.89
N TYR A 62 -4.52 7.96 1.91
CA TYR A 62 -4.20 9.36 1.65
C TYR A 62 -3.73 9.54 0.22
N ASP A 63 -4.18 10.60 -0.42
CA ASP A 63 -3.74 10.92 -1.77
C ASP A 63 -2.48 11.80 -1.69
N ASP A 64 -1.53 11.33 -0.88
CA ASP A 64 -0.29 12.03 -0.60
C ASP A 64 -0.54 13.29 0.23
N SER A 65 -0.99 13.07 1.47
CA SER A 65 -1.17 14.13 2.47
C SER A 65 -2.09 15.26 2.00
N GLY A 66 -2.94 14.99 1.03
CA GLY A 66 -3.88 15.98 0.57
C GLY A 66 -5.20 15.89 1.31
N SER A 67 -5.88 14.78 1.11
CA SER A 67 -7.15 14.52 1.75
C SER A 67 -7.24 13.05 2.13
N LYS A 68 -8.30 12.67 2.83
CA LYS A 68 -8.52 11.27 3.15
C LYS A 68 -9.48 10.67 2.14
N VAL A 69 -8.93 10.13 1.07
CA VAL A 69 -9.74 9.54 0.00
C VAL A 69 -10.07 8.09 0.34
N ALA A 70 -10.42 7.86 1.60
CA ALA A 70 -10.68 6.52 2.11
C ALA A 70 -12.07 6.03 1.70
N VAL A 71 -12.16 5.57 0.46
CA VAL A 71 -13.35 4.89 -0.03
C VAL A 71 -12.94 3.80 -1.02
N LEU A 72 -12.99 2.56 -0.56
CA LEU A 72 -12.52 1.44 -1.35
C LEU A 72 -13.65 0.45 -1.62
N SER A 73 -14.25 0.58 -2.79
CA SER A 73 -15.32 -0.32 -3.20
C SER A 73 -14.77 -1.54 -3.93
N ASP A 74 -13.92 -1.30 -4.91
CA ASP A 74 -13.32 -2.37 -5.68
C ASP A 74 -11.88 -2.62 -5.22
N ASP A 75 -11.69 -3.63 -4.40
CA ASP A 75 -10.37 -3.95 -3.89
C ASP A 75 -9.87 -5.26 -4.50
N SER A 76 -10.79 -6.03 -5.06
CA SER A 76 -10.43 -7.26 -5.76
C SER A 76 -10.00 -6.92 -7.19
N ARG A 77 -10.38 -5.74 -7.63
CA ARG A 77 -10.07 -5.27 -8.98
C ARG A 77 -8.73 -4.54 -8.97
N PRO A 78 -7.93 -4.68 -10.03
CA PRO A 78 -6.68 -3.95 -10.18
C PRO A 78 -6.92 -2.44 -10.25
N LEU A 79 -6.42 -1.71 -9.27
CA LEU A 79 -6.63 -0.27 -9.18
C LEU A 79 -6.07 0.45 -10.41
N GLY A 80 -4.96 -0.07 -10.93
CA GLY A 80 -4.31 0.57 -12.06
C GLY A 80 -5.12 0.49 -13.34
N PHE A 81 -6.10 -0.40 -13.37
CA PHE A 81 -6.97 -0.54 -14.53
C PHE A 81 -7.89 0.66 -14.65
N PHE A 82 -8.25 1.23 -13.51
CA PHE A 82 -9.09 2.40 -13.47
C PHE A 82 -8.24 3.66 -13.47
N SER A 83 -7.29 3.72 -12.56
CA SER A 83 -6.38 4.85 -12.46
C SER A 83 -5.09 4.41 -11.78
N PRO A 84 -3.94 4.71 -12.39
CA PRO A 84 -2.63 4.42 -11.78
C PRO A 84 -2.51 5.07 -10.40
N PHE A 85 -2.45 4.23 -9.37
CA PHE A 85 -2.39 4.72 -8.01
C PHE A 85 -1.00 5.28 -7.69
N ASP A 86 -0.85 6.57 -7.94
CA ASP A 86 0.41 7.27 -7.77
C ASP A 86 0.37 8.18 -6.56
N GLY A 87 1.37 8.06 -5.69
CA GLY A 87 1.51 8.97 -4.58
C GLY A 87 0.63 8.61 -3.39
N PHE A 88 -0.23 7.61 -3.57
CA PHE A 88 -1.13 7.20 -2.51
C PHE A 88 -0.35 6.71 -1.29
N ARG A 89 -0.76 7.19 -0.13
CA ARG A 89 -0.10 6.85 1.11
C ARG A 89 -0.99 5.94 1.94
N LEU A 90 -0.50 4.74 2.20
CA LEU A 90 -1.20 3.82 3.09
C LEU A 90 -0.81 4.12 4.53
N HIS A 91 -1.69 4.79 5.24
CA HIS A 91 -1.40 5.17 6.61
C HIS A 91 -1.83 4.07 7.57
N ILE A 92 -0.84 3.32 8.04
CA ILE A 92 -1.08 2.23 8.97
C ILE A 92 -1.32 2.77 10.37
N ILE A 93 -2.55 2.64 10.86
CA ILE A 93 -2.88 3.07 12.21
C ILE A 93 -2.32 2.08 13.22
N ASP A 94 -1.26 2.48 13.90
CA ASP A 94 -0.61 1.60 14.86
C ASP A 94 -1.28 1.68 16.21
N LEU A 95 -2.28 0.85 16.39
CA LEU A 95 -2.92 0.68 17.69
C LEU A 95 -2.33 -0.53 18.38
N ASP A 96 -1.33 -1.11 17.73
CA ASP A 96 -0.64 -2.30 18.23
C ASP A 96 0.68 -1.90 18.86
N PRO A 97 0.85 -2.21 20.16
CA PRO A 97 2.07 -1.88 20.89
C PRO A 97 3.26 -2.71 20.41
N MET A 1 17.04 -13.38 7.14
CA MET A 1 17.86 -12.81 6.05
C MET A 1 17.44 -13.44 4.72
N GLY A 2 16.32 -13.00 4.19
CA GLY A 2 15.78 -13.60 2.99
C GLY A 2 15.54 -12.61 1.88
N HIS A 3 16.48 -11.70 1.68
CA HIS A 3 16.40 -10.76 0.57
C HIS A 3 16.62 -11.50 -0.75
N HIS A 4 15.59 -11.54 -1.58
CA HIS A 4 15.68 -12.23 -2.87
C HIS A 4 15.16 -11.31 -3.97
N HIS A 5 15.75 -11.41 -5.15
CA HIS A 5 15.38 -10.54 -6.26
C HIS A 5 15.14 -11.34 -7.54
N HIS A 6 13.95 -11.19 -8.10
CA HIS A 6 13.62 -11.82 -9.37
C HIS A 6 13.46 -10.77 -10.45
N HIS A 7 13.92 -11.09 -11.64
CA HIS A 7 13.80 -10.17 -12.76
C HIS A 7 12.51 -10.44 -13.53
N HIS A 8 11.44 -9.80 -13.11
CA HIS A 8 10.19 -9.86 -13.84
C HIS A 8 10.24 -8.82 -14.95
N SER A 9 10.56 -9.27 -16.15
CA SER A 9 10.87 -8.40 -17.27
C SER A 9 9.71 -7.47 -17.62
N HIS A 10 9.92 -6.19 -17.33
CA HIS A 10 8.99 -5.12 -17.69
C HIS A 10 9.67 -3.79 -17.46
N GLY A 11 9.13 -2.73 -18.06
CA GLY A 11 9.70 -1.42 -17.90
C GLY A 11 9.33 -0.80 -16.57
N ASP A 12 9.65 0.48 -16.41
CA ASP A 12 9.33 1.18 -15.18
C ASP A 12 7.86 1.58 -15.17
N ASP A 13 7.02 0.64 -14.78
CA ASP A 13 5.60 0.88 -14.66
C ASP A 13 5.13 0.40 -13.29
N SER A 14 5.11 1.31 -12.34
CA SER A 14 4.71 0.99 -10.96
C SER A 14 4.31 2.26 -10.23
N VAL A 15 3.32 2.15 -9.35
CA VAL A 15 2.84 3.28 -8.57
C VAL A 15 3.59 3.37 -7.24
N HIS A 16 4.00 4.59 -6.88
CA HIS A 16 4.81 4.79 -5.69
C HIS A 16 3.97 4.75 -4.42
N LEU A 17 3.72 3.55 -3.93
CA LEU A 17 3.01 3.37 -2.69
C LEU A 17 3.95 3.55 -1.51
N HIS A 18 3.81 4.67 -0.81
CA HIS A 18 4.68 4.95 0.32
C HIS A 18 4.07 4.44 1.61
N ILE A 19 4.73 3.44 2.18
CA ILE A 19 4.27 2.85 3.43
C ILE A 19 4.57 3.79 4.59
N THR A 20 3.54 4.31 5.21
CA THR A 20 3.70 5.23 6.31
C THR A 20 3.06 4.66 7.58
N HIS A 21 3.90 4.35 8.56
CA HIS A 21 3.41 3.87 9.86
C HIS A 21 3.03 5.05 10.75
N ALA A 22 2.25 4.77 11.79
CA ALA A 22 1.86 5.80 12.72
C ALA A 22 2.79 5.78 13.94
N ASN A 23 3.19 4.57 14.33
CA ASN A 23 4.07 4.40 15.48
C ASN A 23 5.48 4.88 15.13
N LEU A 24 5.98 4.39 14.00
CA LEU A 24 7.31 4.75 13.53
C LEU A 24 7.26 6.11 12.83
N LYS A 25 7.79 7.14 13.48
CA LYS A 25 7.74 8.50 12.96
C LYS A 25 8.64 8.64 11.72
N SER A 26 9.74 7.92 11.69
CA SER A 26 10.64 7.98 10.56
C SER A 26 10.64 6.65 9.81
N PHE A 27 9.73 6.51 8.87
CA PHE A 27 9.61 5.29 8.10
C PHE A 27 9.47 5.61 6.61
N SER A 28 10.61 5.76 5.95
CA SER A 28 10.64 6.05 4.53
C SER A 28 10.72 4.75 3.74
N ALA A 29 9.59 4.28 3.24
CA ALA A 29 9.54 3.03 2.51
C ALA A 29 8.74 3.16 1.23
N ASP A 30 9.44 3.18 0.11
CA ASP A 30 8.79 3.19 -1.20
C ASP A 30 8.54 1.77 -1.64
N ALA A 31 7.27 1.41 -1.79
CA ALA A 31 6.90 0.10 -2.28
C ALA A 31 6.08 0.25 -3.54
N ARG A 32 6.76 0.50 -4.64
CA ARG A 32 6.09 0.70 -5.91
C ARG A 32 5.73 -0.63 -6.56
N PHE A 33 4.45 -0.92 -6.56
CA PHE A 33 3.93 -2.13 -7.19
C PHE A 33 3.41 -1.82 -8.58
N SER A 34 3.39 -2.83 -9.42
CA SER A 34 2.91 -2.68 -10.78
C SER A 34 1.42 -2.29 -10.77
N PRO A 35 1.05 -1.26 -11.55
CA PRO A 35 -0.32 -0.74 -11.58
C PRO A 35 -1.25 -1.65 -12.37
N GLN A 36 -1.41 -2.86 -11.89
CA GLN A 36 -2.37 -3.79 -12.46
C GLN A 36 -2.69 -4.88 -11.45
N MET A 37 -2.38 -4.58 -10.19
CA MET A 37 -2.54 -5.54 -9.10
C MET A 37 -3.81 -5.22 -8.33
N SER A 38 -4.47 -6.25 -7.81
CA SER A 38 -5.69 -6.06 -7.03
C SER A 38 -5.35 -5.82 -5.56
N VAL A 39 -6.17 -5.02 -4.90
CA VAL A 39 -5.94 -4.64 -3.50
C VAL A 39 -6.01 -5.85 -2.59
N GLU A 40 -6.91 -6.77 -2.90
CA GLU A 40 -7.10 -7.99 -2.11
C GLU A 40 -5.80 -8.81 -2.04
N ALA A 41 -4.97 -8.69 -3.07
CA ALA A 41 -3.75 -9.48 -3.15
C ALA A 41 -2.76 -9.10 -2.05
N VAL A 42 -2.58 -7.81 -1.82
CA VAL A 42 -1.67 -7.35 -0.77
C VAL A 42 -2.28 -7.64 0.60
N LYS A 43 -3.61 -7.59 0.67
CA LYS A 43 -4.32 -7.92 1.91
C LYS A 43 -4.11 -9.38 2.29
N GLU A 44 -3.98 -10.23 1.27
CA GLU A 44 -3.84 -11.66 1.48
C GLU A 44 -2.62 -11.98 2.35
N LYS A 45 -1.51 -11.33 2.08
CA LYS A 45 -0.28 -11.58 2.82
C LYS A 45 -0.37 -10.95 4.22
N LEU A 46 -1.08 -9.85 4.32
CA LEU A 46 -1.28 -9.19 5.62
C LEU A 46 -2.22 -10.02 6.49
N TRP A 47 -3.20 -10.65 5.84
CA TRP A 47 -4.14 -11.53 6.50
C TRP A 47 -3.43 -12.80 6.97
N LYS A 48 -2.67 -13.42 6.08
CA LYS A 48 -1.96 -14.65 6.41
C LYS A 48 -0.71 -14.36 7.24
N LYS A 49 -0.50 -13.10 7.57
CA LYS A 49 0.61 -12.71 8.42
C LYS A 49 0.35 -13.12 9.87
N CYS A 50 -0.75 -12.64 10.43
CA CYS A 50 -1.10 -12.94 11.80
C CYS A 50 -2.30 -13.90 11.89
N GLY A 51 -2.91 -14.16 10.73
CA GLY A 51 -4.09 -15.00 10.69
C GLY A 51 -5.32 -14.24 11.12
N THR A 52 -5.29 -12.93 10.91
CA THR A 52 -6.37 -12.06 11.31
C THR A 52 -6.76 -11.16 10.16
N SER A 53 -8.06 -10.93 9.98
CA SER A 53 -8.55 -10.04 8.95
C SER A 53 -8.07 -8.61 9.21
N VAL A 54 -7.64 -7.92 8.16
CA VAL A 54 -7.14 -6.56 8.30
C VAL A 54 -8.30 -5.60 8.56
N ASN A 55 -8.65 -5.44 9.83
CA ASN A 55 -9.72 -4.55 10.21
C ASN A 55 -9.26 -3.59 11.30
N SER A 56 -8.67 -4.14 12.36
CA SER A 56 -8.17 -3.32 13.47
C SER A 56 -7.13 -2.31 12.98
N MET A 57 -6.16 -2.81 12.22
CA MET A 57 -5.14 -1.94 11.64
C MET A 57 -5.72 -1.23 10.42
N ALA A 58 -6.11 0.02 10.61
CA ALA A 58 -6.73 0.79 9.54
C ALA A 58 -5.70 1.27 8.53
N LEU A 59 -5.84 0.80 7.30
CA LEU A 59 -4.99 1.24 6.22
C LEU A 59 -5.66 2.38 5.47
N GLU A 60 -5.35 3.60 5.87
CA GLU A 60 -5.99 4.77 5.28
C GLU A 60 -5.31 5.16 3.98
N LEU A 61 -6.11 5.40 2.95
CA LEU A 61 -5.59 5.84 1.68
C LEU A 61 -5.67 7.36 1.60
N TYR A 62 -4.52 8.01 1.62
CA TYR A 62 -4.48 9.46 1.56
C TYR A 62 -4.06 9.94 0.19
N ASP A 63 -4.86 10.83 -0.38
CA ASP A 63 -4.48 11.54 -1.59
C ASP A 63 -3.63 12.74 -1.20
N ASP A 64 -2.33 12.59 -1.41
CA ASP A 64 -1.31 13.58 -1.02
C ASP A 64 -1.13 13.59 0.49
N SER A 65 -2.20 13.98 1.19
CA SER A 65 -2.21 14.06 2.66
C SER A 65 -3.57 14.52 3.18
N GLY A 66 -4.11 15.57 2.56
CA GLY A 66 -5.31 16.20 3.07
C GLY A 66 -6.60 15.48 2.69
N SER A 67 -6.54 14.64 1.67
CA SER A 67 -7.72 13.95 1.21
C SER A 67 -7.71 12.49 1.62
N LYS A 68 -8.55 12.14 2.60
CA LYS A 68 -8.69 10.76 3.01
C LYS A 68 -9.63 10.05 2.04
N VAL A 69 -9.05 9.50 0.98
CA VAL A 69 -9.84 8.90 -0.09
C VAL A 69 -10.19 7.44 0.22
N ALA A 70 -11.41 7.23 0.70
CA ALA A 70 -11.89 5.91 1.03
C ALA A 70 -12.72 5.33 -0.10
N VAL A 71 -12.09 4.52 -0.92
CA VAL A 71 -12.76 3.86 -2.04
C VAL A 71 -12.27 2.42 -2.16
N LEU A 72 -13.20 1.49 -2.01
CA LEU A 72 -12.83 0.07 -2.03
C LEU A 72 -13.63 -0.69 -3.09
N SER A 73 -14.29 0.04 -3.98
CA SER A 73 -15.07 -0.58 -5.04
C SER A 73 -14.17 -1.25 -6.08
N ASP A 74 -12.90 -0.89 -6.07
CA ASP A 74 -11.95 -1.44 -7.03
C ASP A 74 -10.98 -2.40 -6.37
N ASP A 75 -11.37 -2.93 -5.22
CA ASP A 75 -10.54 -3.89 -4.49
C ASP A 75 -10.37 -5.16 -5.31
N SER A 76 -11.46 -5.62 -5.90
CA SER A 76 -11.47 -6.84 -6.71
C SER A 76 -11.06 -6.55 -8.14
N ARG A 77 -10.41 -5.41 -8.35
CA ARG A 77 -10.09 -4.94 -9.69
C ARG A 77 -8.59 -4.81 -9.89
N PRO A 78 -8.11 -4.98 -11.13
CA PRO A 78 -6.74 -4.65 -11.48
C PRO A 78 -6.51 -3.14 -11.43
N LEU A 79 -5.48 -2.71 -10.73
CA LEU A 79 -5.21 -1.29 -10.52
C LEU A 79 -5.07 -0.54 -11.85
N GLY A 80 -4.67 -1.25 -12.90
CA GLY A 80 -4.52 -0.64 -14.21
C GLY A 80 -5.85 -0.25 -14.82
N PHE A 81 -6.89 -0.99 -14.48
CA PHE A 81 -8.23 -0.72 -14.98
C PHE A 81 -8.79 0.53 -14.30
N PHE A 82 -8.43 0.71 -13.04
CA PHE A 82 -8.85 1.88 -12.27
C PHE A 82 -8.11 3.13 -12.73
N SER A 83 -6.83 2.95 -13.12
CA SER A 83 -5.96 4.06 -13.50
C SER A 83 -5.71 4.96 -12.29
N PRO A 84 -4.61 4.71 -11.58
CA PRO A 84 -4.25 5.44 -10.37
C PRO A 84 -3.39 6.67 -10.65
N PHE A 85 -2.76 7.19 -9.62
CA PHE A 85 -1.86 8.33 -9.74
C PHE A 85 -0.41 7.84 -9.68
N ASP A 86 0.53 8.78 -9.63
CA ASP A 86 1.95 8.43 -9.48
C ASP A 86 2.16 7.55 -8.25
N GLY A 87 1.49 7.90 -7.17
CA GLY A 87 1.59 7.14 -5.95
C GLY A 87 0.50 7.49 -4.97
N PHE A 88 0.47 6.78 -3.85
CA PHE A 88 -0.53 7.00 -2.82
C PHE A 88 0.12 7.02 -1.44
N ARG A 89 -0.53 7.68 -0.50
CA ARG A 89 -0.05 7.75 0.86
C ARG A 89 -0.80 6.76 1.73
N LEU A 90 -0.14 5.68 2.09
CA LEU A 90 -0.74 4.66 2.92
C LEU A 90 -0.50 4.96 4.39
N HIS A 91 -1.49 5.56 5.03
CA HIS A 91 -1.39 5.92 6.44
C HIS A 91 -1.86 4.75 7.29
N ILE A 92 -0.90 3.97 7.76
CA ILE A 92 -1.19 2.77 8.54
C ILE A 92 -1.44 3.14 9.99
N ILE A 93 -2.67 2.93 10.45
CA ILE A 93 -3.00 3.13 11.84
C ILE A 93 -2.45 1.96 12.66
N ASP A 94 -1.36 2.22 13.36
CA ASP A 94 -0.72 1.19 14.17
C ASP A 94 -1.60 0.76 15.33
N LEU A 95 -2.06 -0.48 15.28
CA LEU A 95 -2.81 -1.07 16.37
C LEU A 95 -1.82 -1.63 17.39
N ASP A 96 -0.56 -1.30 17.20
CA ASP A 96 0.49 -1.64 18.13
C ASP A 96 0.90 -0.39 18.89
N PRO A 97 0.27 -0.14 20.05
CA PRO A 97 0.46 1.09 20.82
C PRO A 97 1.73 1.06 21.65
N MET A 1 29.86 -19.45 -9.17
CA MET A 1 29.77 -20.25 -10.42
C MET A 1 28.31 -20.46 -10.80
N GLY A 2 28.04 -20.46 -12.10
CA GLY A 2 26.68 -20.61 -12.57
C GLY A 2 26.01 -19.27 -12.74
N HIS A 3 24.69 -19.27 -12.81
CA HIS A 3 23.94 -18.04 -12.97
C HIS A 3 22.70 -18.05 -12.09
N HIS A 4 22.56 -17.02 -11.27
CA HIS A 4 21.38 -16.88 -10.42
C HIS A 4 20.17 -16.51 -11.25
N HIS A 5 19.23 -17.42 -11.38
CA HIS A 5 18.01 -17.15 -12.12
C HIS A 5 17.17 -16.14 -11.37
N HIS A 6 16.82 -15.06 -12.05
CA HIS A 6 15.98 -14.03 -11.46
C HIS A 6 15.33 -13.22 -12.58
N HIS A 7 14.67 -12.13 -12.23
CA HIS A 7 13.97 -11.32 -13.22
C HIS A 7 14.93 -10.39 -13.94
N HIS A 8 15.03 -10.57 -15.24
CA HIS A 8 15.87 -9.72 -16.08
C HIS A 8 15.22 -8.36 -16.24
N SER A 9 13.92 -8.37 -16.45
CA SER A 9 13.18 -7.14 -16.67
C SER A 9 11.67 -7.37 -16.52
N HIS A 10 11.02 -6.51 -15.76
CA HIS A 10 9.57 -6.53 -15.64
C HIS A 10 9.05 -5.13 -15.35
N GLY A 11 9.08 -4.73 -14.07
CA GLY A 11 8.65 -3.39 -13.68
C GLY A 11 7.32 -3.00 -14.29
N ASP A 12 6.26 -3.66 -13.85
CA ASP A 12 4.92 -3.44 -14.41
C ASP A 12 4.36 -2.10 -13.93
N ASP A 13 4.83 -1.01 -14.55
CA ASP A 13 4.43 0.35 -14.16
C ASP A 13 4.51 0.54 -12.65
N SER A 14 5.72 0.76 -12.16
CA SER A 14 5.96 0.83 -10.74
C SER A 14 5.29 2.06 -10.12
N VAL A 15 4.12 1.85 -9.52
CA VAL A 15 3.47 2.89 -8.75
C VAL A 15 4.18 3.07 -7.42
N HIS A 16 4.38 4.30 -7.00
CA HIS A 16 5.11 4.57 -5.78
C HIS A 16 4.16 4.82 -4.62
N LEU A 17 3.93 3.77 -3.84
CA LEU A 17 3.08 3.87 -2.67
C LEU A 17 3.94 4.12 -1.44
N HIS A 18 3.80 5.29 -0.87
CA HIS A 18 4.61 5.66 0.28
C HIS A 18 3.96 5.17 1.56
N ILE A 19 4.67 4.29 2.25
CA ILE A 19 4.18 3.66 3.46
C ILE A 19 4.64 4.42 4.69
N THR A 20 3.71 4.76 5.56
CA THR A 20 4.03 5.44 6.80
C THR A 20 3.37 4.73 7.98
N HIS A 21 4.17 4.33 8.96
CA HIS A 21 3.66 3.62 10.13
C HIS A 21 3.45 4.59 11.28
N ALA A 22 2.34 4.41 11.99
CA ALA A 22 2.01 5.27 13.13
C ALA A 22 3.01 5.10 14.27
N ASN A 23 3.69 3.96 14.29
CA ASN A 23 4.67 3.66 15.34
C ASN A 23 5.98 4.39 15.10
N LEU A 24 6.27 4.70 13.83
CA LEU A 24 7.56 5.28 13.46
C LEU A 24 7.36 6.47 12.53
N LYS A 25 7.57 7.67 13.06
CA LYS A 25 7.40 8.89 12.26
C LYS A 25 8.55 9.07 11.28
N SER A 26 9.62 8.29 11.47
CA SER A 26 10.74 8.30 10.55
C SER A 26 10.51 7.30 9.43
N PHE A 27 9.44 6.51 9.55
CA PHE A 27 9.19 5.44 8.61
C PHE A 27 8.44 5.97 7.39
N SER A 28 9.20 6.32 6.36
CA SER A 28 8.65 6.68 5.07
C SER A 28 9.24 5.78 4.00
N ALA A 29 8.60 4.65 3.77
CA ALA A 29 9.11 3.65 2.86
C ALA A 29 8.42 3.74 1.50
N ASP A 30 9.17 3.45 0.46
CA ASP A 30 8.62 3.46 -0.90
C ASP A 30 8.36 2.04 -1.36
N ALA A 31 7.10 1.74 -1.63
CA ALA A 31 6.71 0.43 -2.11
C ALA A 31 6.17 0.51 -3.52
N ARG A 32 6.64 -0.37 -4.40
CA ARG A 32 6.20 -0.36 -5.78
C ARG A 32 5.40 -1.62 -6.10
N PHE A 33 4.43 -1.47 -7.00
CA PHE A 33 3.62 -2.59 -7.46
C PHE A 33 2.96 -2.21 -8.79
N SER A 34 2.16 -3.12 -9.34
CA SER A 34 1.48 -2.88 -10.61
C SER A 34 0.16 -2.15 -10.37
N PRO A 35 -0.19 -1.18 -11.24
CA PRO A 35 -1.39 -0.33 -11.09
C PRO A 35 -2.68 -1.13 -11.28
N GLN A 36 -2.58 -2.30 -11.88
CA GLN A 36 -3.75 -3.13 -12.16
C GLN A 36 -4.16 -3.94 -10.94
N MET A 37 -3.67 -3.51 -9.78
CA MET A 37 -4.00 -4.16 -8.51
C MET A 37 -5.42 -3.80 -8.08
N SER A 38 -6.10 -4.75 -7.48
CA SER A 38 -7.43 -4.52 -6.94
C SER A 38 -7.44 -4.76 -5.43
N VAL A 39 -8.29 -4.04 -4.72
CA VAL A 39 -8.38 -4.17 -3.27
C VAL A 39 -8.90 -5.55 -2.89
N GLU A 40 -9.76 -6.12 -3.74
CA GLU A 40 -10.23 -7.48 -3.55
C GLU A 40 -9.04 -8.43 -3.41
N ALA A 41 -8.06 -8.26 -4.30
CA ALA A 41 -6.91 -9.14 -4.36
C ALA A 41 -6.12 -9.14 -3.06
N VAL A 42 -5.92 -7.96 -2.48
CA VAL A 42 -5.14 -7.85 -1.25
C VAL A 42 -5.92 -8.42 -0.06
N LYS A 43 -7.24 -8.30 -0.10
CA LYS A 43 -8.08 -8.86 0.96
C LYS A 43 -8.09 -10.38 0.88
N GLU A 44 -8.16 -10.91 -0.34
CA GLU A 44 -8.04 -12.36 -0.55
C GLU A 44 -6.69 -12.84 -0.05
N LYS A 45 -5.66 -12.05 -0.34
CA LYS A 45 -4.30 -12.36 0.05
C LYS A 45 -4.16 -12.41 1.57
N LEU A 46 -4.64 -11.36 2.24
CA LEU A 46 -4.59 -11.30 3.70
C LEU A 46 -5.43 -12.40 4.33
N TRP A 47 -6.60 -12.65 3.76
CA TRP A 47 -7.51 -13.69 4.24
C TRP A 47 -6.82 -15.06 4.27
N LYS A 48 -6.12 -15.38 3.19
CA LYS A 48 -5.43 -16.66 3.09
C LYS A 48 -4.12 -16.63 3.89
N LYS A 49 -3.51 -15.45 3.98
CA LYS A 49 -2.24 -15.31 4.69
C LYS A 49 -2.45 -15.33 6.20
N CYS A 50 -3.00 -14.27 6.75
CA CYS A 50 -3.13 -14.12 8.20
C CYS A 50 -4.31 -13.22 8.55
N GLY A 51 -4.27 -11.99 8.05
CA GLY A 51 -5.29 -11.01 8.39
C GLY A 51 -6.62 -11.26 7.72
N THR A 52 -7.40 -12.17 8.30
CA THR A 52 -8.74 -12.45 7.81
C THR A 52 -9.67 -11.28 8.14
N SER A 53 -9.52 -10.75 9.34
CA SER A 53 -10.29 -9.60 9.77
C SER A 53 -9.37 -8.46 10.21
N VAL A 54 -9.33 -7.42 9.39
CA VAL A 54 -8.49 -6.27 9.68
C VAL A 54 -9.16 -5.33 10.69
N ASN A 55 -8.79 -5.49 11.95
CA ASN A 55 -9.41 -4.72 13.03
C ASN A 55 -8.44 -3.69 13.58
N SER A 56 -7.29 -4.15 14.04
CA SER A 56 -6.34 -3.29 14.74
C SER A 56 -5.37 -2.62 13.75
N MET A 57 -5.62 -2.82 12.47
CA MET A 57 -4.79 -2.24 11.43
C MET A 57 -5.68 -1.62 10.35
N ALA A 58 -5.78 -0.29 10.38
CA ALA A 58 -6.61 0.42 9.42
C ALA A 58 -5.77 0.98 8.29
N LEU A 59 -6.22 0.75 7.07
CA LEU A 59 -5.51 1.23 5.90
C LEU A 59 -6.09 2.56 5.44
N GLU A 60 -5.48 3.65 5.86
CA GLU A 60 -5.92 4.99 5.49
C GLU A 60 -5.22 5.46 4.22
N LEU A 61 -5.98 5.62 3.15
CA LEU A 61 -5.44 6.04 1.87
C LEU A 61 -5.65 7.53 1.66
N TYR A 62 -4.56 8.28 1.67
CA TYR A 62 -4.61 9.73 1.43
C TYR A 62 -4.31 10.03 -0.03
N ASP A 63 -4.83 11.12 -0.54
CA ASP A 63 -4.49 11.57 -1.88
C ASP A 63 -3.41 12.64 -1.79
N ASP A 64 -2.98 13.17 -2.94
CA ASP A 64 -1.89 14.15 -2.97
C ASP A 64 -2.32 15.48 -2.34
N SER A 65 -3.61 15.76 -2.38
CA SER A 65 -4.14 17.00 -1.82
C SER A 65 -4.08 16.95 -0.29
N GLY A 66 -4.34 15.77 0.26
CA GLY A 66 -4.31 15.61 1.70
C GLY A 66 -5.65 15.18 2.27
N SER A 67 -6.44 14.54 1.43
CA SER A 67 -7.74 14.04 1.84
C SER A 67 -7.76 12.53 1.81
N LYS A 68 -8.57 11.93 2.67
CA LYS A 68 -8.72 10.48 2.67
C LYS A 68 -9.72 10.04 1.60
N VAL A 69 -9.23 9.25 0.66
CA VAL A 69 -10.04 8.80 -0.47
C VAL A 69 -10.33 7.31 -0.36
N ALA A 70 -10.00 6.74 0.79
CA ALA A 70 -10.19 5.32 1.03
C ALA A 70 -11.67 4.99 1.23
N VAL A 71 -12.29 4.43 0.21
CA VAL A 71 -13.68 4.01 0.30
C VAL A 71 -13.87 2.66 -0.40
N LEU A 72 -14.29 1.66 0.35
CA LEU A 72 -14.44 0.32 -0.17
C LEU A 72 -15.79 0.16 -0.87
N SER A 73 -15.88 0.71 -2.06
CA SER A 73 -17.07 0.57 -2.89
C SER A 73 -16.71 -0.14 -4.19
N ASP A 74 -15.60 0.30 -4.79
CA ASP A 74 -15.06 -0.37 -5.97
C ASP A 74 -13.71 -0.96 -5.64
N ASP A 75 -13.72 -2.14 -5.06
CA ASP A 75 -12.50 -2.80 -4.62
C ASP A 75 -12.02 -3.81 -5.66
N SER A 76 -12.91 -4.17 -6.56
CA SER A 76 -12.62 -5.20 -7.55
C SER A 76 -12.19 -4.58 -8.87
N ARG A 77 -11.76 -3.32 -8.83
CA ARG A 77 -11.35 -2.60 -10.02
C ARG A 77 -9.86 -2.29 -9.96
N PRO A 78 -9.19 -2.16 -11.12
CA PRO A 78 -7.82 -1.69 -11.17
C PRO A 78 -7.74 -0.18 -10.87
N LEU A 79 -7.35 0.15 -9.64
CA LEU A 79 -7.34 1.54 -9.20
C LEU A 79 -6.35 2.38 -10.00
N GLY A 80 -5.26 1.75 -10.44
CA GLY A 80 -4.25 2.46 -11.20
C GLY A 80 -4.64 2.70 -12.65
N PHE A 81 -5.90 2.44 -12.96
CA PHE A 81 -6.42 2.72 -14.29
C PHE A 81 -7.02 4.13 -14.32
N PHE A 82 -7.39 4.62 -13.13
CA PHE A 82 -7.92 5.97 -13.00
C PHE A 82 -6.79 6.97 -13.20
N SER A 83 -5.71 6.74 -12.48
CA SER A 83 -4.49 7.51 -12.64
C SER A 83 -3.31 6.66 -12.18
N PRO A 84 -2.10 6.90 -12.72
CA PRO A 84 -0.90 6.18 -12.31
C PRO A 84 -0.71 6.23 -10.79
N PHE A 85 -0.52 7.44 -10.28
CA PHE A 85 -0.44 7.67 -8.84
C PHE A 85 -0.34 9.16 -8.54
N ASP A 86 -1.47 9.77 -8.19
CA ASP A 86 -1.51 11.16 -7.78
C ASP A 86 -0.61 11.38 -6.58
N GLY A 87 -0.93 10.68 -5.50
CA GLY A 87 -0.17 10.80 -4.27
C GLY A 87 -0.74 9.90 -3.21
N PHE A 88 -0.87 8.62 -3.55
CA PHE A 88 -1.47 7.64 -2.66
C PHE A 88 -0.58 7.39 -1.46
N ARG A 89 -0.93 8.00 -0.35
CA ARG A 89 -0.17 7.86 0.88
C ARG A 89 -0.85 6.89 1.81
N LEU A 90 -0.18 5.78 2.08
CA LEU A 90 -0.74 4.75 2.94
C LEU A 90 -0.32 4.96 4.38
N HIS A 91 -1.18 5.62 5.13
CA HIS A 91 -0.94 5.84 6.55
C HIS A 91 -1.44 4.64 7.33
N ILE A 92 -0.55 3.68 7.55
CA ILE A 92 -0.92 2.43 8.18
C ILE A 92 -1.21 2.63 9.65
N ILE A 93 -2.50 2.59 9.99
CA ILE A 93 -2.91 2.72 11.38
C ILE A 93 -2.75 1.39 12.08
N ASP A 94 -1.50 1.07 12.40
CA ASP A 94 -1.18 -0.13 13.14
C ASP A 94 -1.22 0.18 14.62
N LEU A 95 -2.35 -0.12 15.23
CA LEU A 95 -2.61 0.27 16.61
C LEU A 95 -2.35 -0.89 17.56
N ASP A 96 -2.38 -2.11 17.03
CA ASP A 96 -2.31 -3.31 17.86
C ASP A 96 -0.97 -3.41 18.57
N PRO A 97 -0.97 -3.29 19.90
CA PRO A 97 0.23 -3.40 20.71
C PRO A 97 0.59 -4.86 20.96
N MET A 1 30.76 2.43 3.35
CA MET A 1 29.40 2.78 2.92
C MET A 1 29.44 3.40 1.52
N GLY A 2 28.32 3.38 0.83
CA GLY A 2 28.25 3.97 -0.50
C GLY A 2 27.28 3.25 -1.40
N HIS A 3 26.06 3.08 -0.92
CA HIS A 3 25.02 2.39 -1.69
C HIS A 3 24.22 3.38 -2.53
N HIS A 4 24.31 3.25 -3.85
CA HIS A 4 23.42 3.98 -4.74
C HIS A 4 22.32 3.05 -5.24
N HIS A 5 21.16 3.16 -4.62
CA HIS A 5 20.05 2.27 -4.89
C HIS A 5 18.98 2.97 -5.72
N HIS A 6 19.37 4.10 -6.30
CA HIS A 6 18.45 4.89 -7.11
C HIS A 6 18.38 4.34 -8.53
N HIS A 7 17.17 4.06 -8.99
CA HIS A 7 16.96 3.56 -10.35
C HIS A 7 15.69 4.19 -10.92
N HIS A 8 15.72 4.52 -12.21
CA HIS A 8 14.55 5.07 -12.87
C HIS A 8 13.75 3.97 -13.53
N SER A 9 14.35 3.36 -14.55
CA SER A 9 13.71 2.31 -15.34
C SER A 9 12.55 2.87 -16.17
N HIS A 10 12.57 2.63 -17.47
CA HIS A 10 11.49 3.06 -18.33
C HIS A 10 10.31 2.11 -18.21
N GLY A 11 9.65 2.16 -17.07
CA GLY A 11 8.50 1.32 -16.84
C GLY A 11 7.21 2.11 -16.90
N ASP A 12 6.19 1.50 -17.47
CA ASP A 12 4.91 2.17 -17.64
C ASP A 12 4.03 1.90 -16.43
N ASP A 13 4.07 0.66 -15.96
CA ASP A 13 3.27 0.26 -14.80
C ASP A 13 4.12 0.34 -13.52
N SER A 14 3.86 1.35 -12.72
CA SER A 14 4.57 1.53 -11.45
C SER A 14 3.88 2.57 -10.58
N VAL A 15 3.45 2.15 -9.40
CA VAL A 15 2.84 3.06 -8.44
C VAL A 15 3.66 3.12 -7.16
N HIS A 16 3.72 4.29 -6.55
CA HIS A 16 4.44 4.48 -5.30
C HIS A 16 3.52 4.22 -4.13
N LEU A 17 3.50 2.99 -3.65
CA LEU A 17 2.73 2.67 -2.46
C LEU A 17 3.50 3.14 -1.23
N HIS A 18 3.22 4.35 -0.78
CA HIS A 18 3.93 4.95 0.34
C HIS A 18 3.50 4.33 1.66
N ILE A 19 4.08 3.18 1.99
CA ILE A 19 3.81 2.53 3.26
C ILE A 19 4.26 3.43 4.40
N THR A 20 3.30 3.96 5.14
CA THR A 20 3.58 4.91 6.20
C THR A 20 3.04 4.38 7.54
N HIS A 21 3.79 4.62 8.60
CA HIS A 21 3.40 4.15 9.92
C HIS A 21 2.63 5.22 10.67
N ALA A 22 1.99 4.82 11.76
CA ALA A 22 1.27 5.76 12.62
C ALA A 22 2.23 6.45 13.58
N ASN A 23 3.10 5.66 14.19
CA ASN A 23 4.09 6.19 15.12
C ASN A 23 5.18 6.96 14.37
N LEU A 24 5.82 6.27 13.44
CA LEU A 24 6.87 6.89 12.61
C LEU A 24 6.24 7.80 11.56
N LYS A 25 6.29 9.10 11.82
CA LYS A 25 5.75 10.10 10.89
C LYS A 25 6.52 10.07 9.57
N SER A 26 7.83 10.19 9.65
CA SER A 26 8.67 10.15 8.46
C SER A 26 9.08 8.70 8.19
N PHE A 27 8.24 8.00 7.44
CA PHE A 27 8.51 6.61 7.11
C PHE A 27 8.42 6.42 5.60
N SER A 28 9.56 6.54 4.93
CA SER A 28 9.63 6.35 3.50
C SER A 28 9.82 4.87 3.17
N ALA A 29 8.72 4.19 2.92
CA ALA A 29 8.76 2.79 2.56
C ALA A 29 8.03 2.57 1.25
N ASP A 30 7.98 3.63 0.43
CA ASP A 30 7.30 3.57 -0.85
C ASP A 30 8.10 2.74 -1.84
N ALA A 31 7.50 1.66 -2.30
CA ALA A 31 8.12 0.81 -3.28
C ALA A 31 7.34 0.83 -4.59
N ARG A 32 8.05 0.72 -5.70
CA ARG A 32 7.41 0.75 -7.00
C ARG A 32 6.78 -0.61 -7.32
N PHE A 33 5.47 -0.69 -7.11
CA PHE A 33 4.73 -1.91 -7.39
C PHE A 33 3.87 -1.73 -8.63
N SER A 34 3.56 -2.83 -9.29
CA SER A 34 2.58 -2.82 -10.35
C SER A 34 1.19 -2.85 -9.73
N PRO A 35 0.21 -2.15 -10.35
CA PRO A 35 -1.15 -2.01 -9.80
C PRO A 35 -1.96 -3.30 -9.89
N GLN A 36 -1.29 -4.44 -9.84
CA GLN A 36 -1.96 -5.73 -9.97
C GLN A 36 -1.87 -6.53 -8.68
N MET A 37 -1.61 -5.83 -7.58
CA MET A 37 -1.57 -6.44 -6.26
C MET A 37 -2.61 -5.78 -5.35
N SER A 38 -3.68 -6.49 -5.08
CA SER A 38 -4.78 -5.96 -4.29
C SER A 38 -4.46 -6.00 -2.79
N VAL A 39 -5.16 -5.17 -2.02
CA VAL A 39 -4.96 -5.10 -0.57
C VAL A 39 -5.36 -6.41 0.09
N GLU A 40 -6.29 -7.13 -0.53
CA GLU A 40 -6.72 -8.43 -0.06
C GLU A 40 -5.51 -9.38 0.11
N ALA A 41 -4.50 -9.19 -0.73
CA ALA A 41 -3.32 -10.03 -0.71
C ALA A 41 -2.35 -9.61 0.38
N VAL A 42 -2.17 -8.31 0.56
CA VAL A 42 -1.19 -7.80 1.53
C VAL A 42 -1.65 -8.10 2.95
N LYS A 43 -2.97 -8.08 3.19
CA LYS A 43 -3.51 -8.45 4.50
C LYS A 43 -3.16 -9.89 4.82
N GLU A 44 -3.32 -10.76 3.84
CA GLU A 44 -3.02 -12.17 3.98
C GLU A 44 -1.53 -12.37 4.22
N LYS A 45 -0.73 -11.59 3.50
CA LYS A 45 0.73 -11.70 3.55
C LYS A 45 1.26 -11.27 4.92
N LEU A 46 0.60 -10.31 5.54
CA LEU A 46 0.96 -9.88 6.89
C LEU A 46 0.39 -10.84 7.93
N TRP A 47 -0.79 -11.36 7.64
CA TRP A 47 -1.48 -12.31 8.51
C TRP A 47 -0.68 -13.60 8.64
N LYS A 48 0.00 -13.97 7.55
CA LYS A 48 0.84 -15.16 7.55
C LYS A 48 2.29 -14.82 7.87
N LYS A 49 2.54 -13.56 8.21
CA LYS A 49 3.87 -13.14 8.60
C LYS A 49 3.99 -13.03 10.11
N CYS A 50 3.15 -12.19 10.70
CA CYS A 50 3.22 -11.94 12.14
C CYS A 50 2.16 -12.76 12.88
N GLY A 51 1.23 -13.33 12.13
CA GLY A 51 0.13 -14.07 12.73
C GLY A 51 -0.78 -13.18 13.54
N THR A 52 -0.96 -11.96 13.05
CA THR A 52 -1.78 -10.97 13.73
C THR A 52 -3.09 -10.76 12.98
N SER A 53 -4.19 -10.75 13.71
CA SER A 53 -5.49 -10.48 13.12
C SER A 53 -5.56 -9.03 12.65
N VAL A 54 -5.86 -8.83 11.37
CA VAL A 54 -5.79 -7.50 10.76
C VAL A 54 -6.94 -6.60 11.21
N ASN A 55 -7.77 -7.08 12.12
CA ASN A 55 -8.87 -6.29 12.65
C ASN A 55 -8.34 -5.17 13.57
N SER A 56 -7.09 -5.29 13.98
CA SER A 56 -6.47 -4.31 14.84
C SER A 56 -5.67 -3.29 14.01
N MET A 57 -5.68 -3.47 12.70
CA MET A 57 -4.87 -2.65 11.81
C MET A 57 -5.62 -2.33 10.52
N ALA A 58 -6.00 -1.08 10.35
CA ALA A 58 -6.68 -0.64 9.15
C ALA A 58 -5.74 0.18 8.28
N LEU A 59 -5.92 0.12 6.97
CA LEU A 59 -5.08 0.88 6.07
C LEU A 59 -5.76 2.17 5.65
N GLU A 60 -5.22 3.27 6.16
CA GLU A 60 -5.73 4.58 5.86
C GLU A 60 -5.01 5.12 4.62
N LEU A 61 -5.65 6.00 3.87
CA LEU A 61 -5.11 6.40 2.59
C LEU A 61 -5.10 7.92 2.41
N TYR A 62 -3.90 8.50 2.53
CA TYR A 62 -3.70 9.90 2.21
C TYR A 62 -3.40 10.05 0.74
N ASP A 63 -3.84 11.13 0.13
CA ASP A 63 -3.50 11.41 -1.26
C ASP A 63 -2.66 12.68 -1.34
N ASP A 64 -1.84 12.78 -2.38
CA ASP A 64 -0.90 13.89 -2.50
C ASP A 64 -1.49 15.08 -3.27
N SER A 65 -2.81 15.18 -3.30
CA SER A 65 -3.45 16.33 -3.92
C SER A 65 -4.35 17.03 -2.90
N GLY A 66 -5.26 16.27 -2.32
CA GLY A 66 -6.19 16.83 -1.36
C GLY A 66 -5.78 16.54 0.07
N SER A 67 -6.19 15.39 0.58
CA SER A 67 -5.91 15.02 1.96
C SER A 67 -6.04 13.51 2.17
N LYS A 68 -7.29 13.03 2.24
CA LYS A 68 -7.58 11.66 2.64
C LYS A 68 -8.69 11.10 1.76
N VAL A 69 -8.33 10.28 0.79
CA VAL A 69 -9.31 9.66 -0.08
C VAL A 69 -9.11 8.15 -0.13
N ALA A 70 -9.95 7.44 0.61
CA ALA A 70 -9.87 6.00 0.67
C ALA A 70 -11.12 5.36 0.09
N VAL A 71 -10.98 4.74 -1.07
CA VAL A 71 -12.10 4.04 -1.70
C VAL A 71 -12.47 2.82 -0.87
N LEU A 72 -11.50 1.91 -0.71
CA LEU A 72 -11.63 0.76 0.18
C LEU A 72 -12.60 -0.28 -0.39
N SER A 73 -13.07 -0.03 -1.60
CA SER A 73 -13.86 -1.00 -2.32
C SER A 73 -12.99 -1.64 -3.38
N ASP A 74 -11.78 -1.09 -3.50
CA ASP A 74 -10.79 -1.54 -4.46
C ASP A 74 -9.86 -2.57 -3.84
N ASP A 75 -9.88 -2.64 -2.51
CA ASP A 75 -8.97 -3.50 -1.75
C ASP A 75 -9.18 -4.97 -2.11
N SER A 76 -10.42 -5.32 -2.40
CA SER A 76 -10.79 -6.69 -2.70
C SER A 76 -11.04 -6.87 -4.19
N ARG A 77 -10.68 -5.87 -4.97
CA ARG A 77 -10.85 -5.92 -6.41
C ARG A 77 -9.49 -5.81 -7.08
N PRO A 78 -9.36 -6.25 -8.34
CA PRO A 78 -8.14 -6.04 -9.12
C PRO A 78 -7.83 -4.56 -9.24
N LEU A 79 -6.76 -4.12 -8.57
CA LEU A 79 -6.43 -2.70 -8.46
C LEU A 79 -6.23 -2.06 -9.85
N GLY A 80 -5.83 -2.87 -10.81
CA GLY A 80 -5.61 -2.38 -12.17
C GLY A 80 -6.90 -2.12 -12.91
N PHE A 81 -8.02 -2.56 -12.33
CA PHE A 81 -9.33 -2.32 -12.91
C PHE A 81 -9.77 -0.89 -12.60
N PHE A 82 -9.53 -0.47 -11.36
CA PHE A 82 -9.82 0.89 -10.95
C PHE A 82 -8.74 1.84 -11.46
N SER A 83 -7.48 1.40 -11.37
CA SER A 83 -6.33 2.18 -11.82
C SER A 83 -6.12 3.41 -10.93
N PRO A 84 -5.31 3.26 -9.89
CA PRO A 84 -5.00 4.35 -8.96
C PRO A 84 -3.77 5.16 -9.38
N PHE A 85 -3.47 6.19 -8.62
CA PHE A 85 -2.30 7.01 -8.88
C PHE A 85 -1.14 6.55 -8.01
N ASP A 86 0.02 7.14 -8.19
CA ASP A 86 1.19 6.77 -7.41
C ASP A 86 1.35 7.69 -6.20
N GLY A 87 0.57 8.75 -6.16
CA GLY A 87 0.62 9.69 -5.06
C GLY A 87 -0.34 9.32 -3.95
N PHE A 88 -0.11 8.17 -3.33
CA PHE A 88 -0.94 7.70 -2.24
C PHE A 88 -0.09 7.16 -1.09
N ARG A 89 -0.52 7.44 0.13
CA ARG A 89 0.19 6.97 1.31
C ARG A 89 -0.62 5.90 2.04
N LEU A 90 -0.06 4.70 2.12
CA LEU A 90 -0.67 3.63 2.88
C LEU A 90 -0.40 3.83 4.35
N HIS A 91 -1.30 4.54 5.01
CA HIS A 91 -1.13 4.90 6.40
C HIS A 91 -1.63 3.77 7.31
N ILE A 92 -0.71 2.95 7.76
CA ILE A 92 -1.03 1.83 8.61
C ILE A 92 -1.55 2.31 9.96
N ILE A 93 -2.82 2.02 10.23
CA ILE A 93 -3.44 2.44 11.47
C ILE A 93 -3.43 1.30 12.48
N ASP A 94 -2.42 1.28 13.34
CA ASP A 94 -2.41 0.36 14.46
C ASP A 94 -2.96 1.07 15.68
N LEU A 95 -4.16 0.68 16.08
CA LEU A 95 -4.83 1.29 17.21
C LEU A 95 -4.11 0.94 18.50
N ASP A 96 -4.29 -0.29 18.94
CA ASP A 96 -3.62 -0.77 20.13
C ASP A 96 -2.91 -2.09 19.82
N PRO A 97 -1.60 -2.14 20.09
CA PRO A 97 -0.80 -3.34 19.88
C PRO A 97 -1.01 -4.37 20.97
#